data_8FQF
#
_entry.id   8FQF
#
_cell.length_a   1.00
_cell.length_b   1.00
_cell.length_c   1.00
_cell.angle_alpha   90.00
_cell.angle_beta   90.00
_cell.angle_gamma   90.00
#
_symmetry.space_group_name_H-M   'P 1'
#
loop_
_entity.id
_entity.type
_entity.pdbx_description
1 polymer 'Glutamate receptor 2'
2 polymer 'Voltage-dependent calcium channel gamma-2 subunit'
3 non-polymer 'CHLORIDE ION'
4 water water
#
loop_
_entity_poly.entity_id
_entity_poly.type
_entity_poly.pdbx_seq_one_letter_code
_entity_poly.pdbx_strand_id
1 'polypeptide(L)'
;MQKIMHISVLLSPVLWGLIFGVSSNSIQIGGLFPRGADQEYSAFRVGMVQFSTSEFRLTPHIDNLEVANSFAVTNAFCSQ
FSRGVYAIFGFYDKKSVNTITSFCGTLHVSFITPSFPTDGTHPFVIQMRPDLKGALLSLIEYYQWDKFAYLYDSDRGLST
LQAVLDSAAEKKWQVTAINVGNINNDKKDETYRSLFQDLELKKERRVILDCERDKVNDIVDQVITIGKHVKGYHYIIANL
GFTDGDLLKIQFGGANVSGFQIVDYDDSLVSKFIERWSTLEEKEYPGAHTATIKYTSALTYDAVQVMTEAFRNLRKQRIE
ISRRGNAGDCLANPAVPWGQGVEIERALKQVQVEGLSGNIKFDQNGKRINYTINIMELKTNGPRKIGYWSEVDKMVVTLT
ELPSGNDTSGLENKTVVVTTILESPYVMMKKNHEMLEGNERYEGYCVDLAAEIAKHCGFKYKLTIVGDGKYGARDADTKI
WNGMVGELVYGKADIAIAPLTITLVREEVIDFSKPFMSLGISIMIKKPQKSKPGVFSFLDPLAYEIWMCIVFAYIGVSVV
LFLVSRFSPYEWHTEEFEDGRETQSSESTNEFGIFNSLWFSLGAFMQQGCDISPRSLSGRIVGGVWWFFTLIIISSYTAN
LAAFLTVERMVSPIESAEDLSKQTEIAYGTLDSGSTKEFFRRSKIAVFDKMWTYMRSAEPSVFVRTTAEGVARVRKSKGK
YAYLLESTMNEYIEQRKPCDTMKVGGNLDSKGYGIATPKGSSLGTPVNLAVLKLSEQGVLDKLKNKWWYDKGECGAKDSG
SKEKTSALSLSNVAGVFYILVGGLGLAMLVALIEFCYKSRAEAKRMKVAKNPQNINPSSSQNSQNFATDYKDDDDKEGYN
VYGIESVKI
;
A,B,C,D
2 'polypeptide(L)'
;MGLFDRGVQMLLTTVGAFAAFSLMTIAVGTDYWLYSRGVCKTKSVSENETSEENEEVMTHSGLWRTCCLEGNFKGLCKQI
DHFPEDADYEADTAEYFLRAVRASSIFPILSVILLFMGGLCIAASEFYKTRHNIILSAGIFFVSAGLSNIIGIIVYISAN
AGDPSKSDSKKNSYSYGWSFYFGALSFIIAEMVGVLAVHMFIDRHKQLRATARATDYLQASAITRIPSYRYRYQRRSRSS
SRSTEPSHSRDASPVGVKGFNTLPSTEISMYTLSRDPLKAATTPTATYNSDRDNSFLQVHNCIQKDSKDSLHANTANRRT
TPVGGRGGTETSQAPA
;
E,G,F,H
#
loop_
_chem_comp.id
_chem_comp.type
_chem_comp.name
_chem_comp.formula
CL non-polymer 'CHLORIDE ION' 'Cl -1'
#
# COMPACT_ATOMS: atom_id res chain seq x y z
N LYS A 532 4.44 -30.28 -12.51
CA LYS A 532 5.55 -29.90 -11.64
C LYS A 532 5.92 -28.43 -11.82
N PRO A 533 5.56 -27.60 -10.84
CA PRO A 533 5.88 -26.17 -10.91
C PRO A 533 7.38 -25.94 -11.00
N GLY A 534 7.77 -24.95 -11.79
CA GLY A 534 9.16 -24.58 -11.93
C GLY A 534 9.60 -23.61 -10.84
N VAL A 535 10.80 -23.06 -11.03
CA VAL A 535 11.31 -22.11 -10.06
C VAL A 535 10.58 -20.77 -10.17
N PHE A 536 10.01 -20.46 -11.34
CA PHE A 536 9.25 -19.23 -11.55
C PHE A 536 7.75 -19.50 -11.59
N SER A 537 7.27 -20.42 -10.75
CA SER A 537 5.84 -20.72 -10.72
C SER A 537 5.00 -19.59 -10.11
N PHE A 538 5.64 -18.59 -9.49
CA PHE A 538 4.89 -17.46 -8.97
C PHE A 538 4.35 -16.56 -10.08
N LEU A 539 4.84 -16.71 -11.31
CA LEU A 539 4.29 -16.02 -12.47
C LEU A 539 3.12 -16.77 -13.09
N ASP A 540 2.80 -17.96 -12.60
CA ASP A 540 1.71 -18.75 -13.17
C ASP A 540 0.35 -18.05 -13.16
N PRO A 541 -0.08 -17.34 -12.11
CA PRO A 541 -1.45 -16.80 -12.11
C PRO A 541 -1.78 -15.88 -13.28
N LEU A 542 -0.79 -15.26 -13.91
CA LEU A 542 -1.01 -14.43 -15.08
C LEU A 542 -0.37 -15.10 -16.29
N ALA A 543 -1.01 -14.97 -17.45
CA ALA A 543 -0.45 -15.52 -18.67
C ALA A 543 0.76 -14.71 -19.11
N TYR A 544 1.57 -15.34 -19.98
CA TYR A 544 2.80 -14.73 -20.45
C TYR A 544 2.51 -13.46 -21.24
N GLU A 545 1.43 -13.46 -22.01
CA GLU A 545 1.02 -12.27 -22.76
C GLU A 545 0.69 -11.12 -21.82
N ILE A 546 0.09 -11.43 -20.66
CA ILE A 546 -0.22 -10.39 -19.68
C ILE A 546 1.06 -9.75 -19.15
N TRP A 547 2.08 -10.56 -18.84
CA TRP A 547 3.34 -10.01 -18.35
C TRP A 547 4.01 -9.15 -19.42
N MET A 548 4.04 -9.64 -20.67
CA MET A 548 4.65 -8.86 -21.74
C MET A 548 3.94 -7.53 -21.95
N CYS A 549 2.60 -7.56 -21.96
CA CYS A 549 1.84 -6.34 -22.13
C CYS A 549 1.95 -5.43 -20.92
N ILE A 550 2.18 -6.00 -19.73
CA ILE A 550 2.43 -5.19 -18.55
C ILE A 550 3.73 -4.41 -18.72
N VAL A 551 4.76 -5.08 -19.23
CA VAL A 551 6.03 -4.39 -19.48
C VAL A 551 5.84 -3.29 -20.52
N PHE A 552 5.14 -3.60 -21.60
CA PHE A 552 4.90 -2.60 -22.65
C PHE A 552 4.10 -1.41 -22.12
N ALA A 553 3.06 -1.68 -21.33
CA ALA A 553 2.23 -0.62 -20.77
C ALA A 553 3.03 0.23 -19.80
N TYR A 554 3.89 -0.40 -19.00
CA TYR A 554 4.73 0.35 -18.07
C TYR A 554 5.64 1.30 -18.83
N ILE A 555 6.26 0.81 -19.90
CA ILE A 555 7.14 1.66 -20.70
C ILE A 555 6.34 2.81 -21.31
N GLY A 556 5.18 2.50 -21.88
CA GLY A 556 4.37 3.53 -22.51
C GLY A 556 3.90 4.60 -21.54
N VAL A 557 3.46 4.17 -20.35
CA VAL A 557 2.98 5.10 -19.34
C VAL A 557 4.13 5.98 -18.85
N SER A 558 5.32 5.39 -18.63
CA SER A 558 6.46 6.20 -18.21
C SER A 558 6.83 7.24 -19.27
N VAL A 559 6.86 6.83 -20.54
CA VAL A 559 7.23 7.75 -21.60
C VAL A 559 6.21 8.87 -21.73
N VAL A 560 4.92 8.53 -21.68
CA VAL A 560 3.87 9.53 -21.81
C VAL A 560 3.90 10.49 -20.62
N LEU A 561 4.13 9.98 -19.42
CA LEU A 561 4.23 10.84 -18.25
C LEU A 561 5.39 11.82 -18.38
N PHE A 562 6.55 11.31 -18.80
CA PHE A 562 7.70 12.19 -19.00
C PHE A 562 7.40 13.25 -20.05
N LEU A 563 6.76 12.84 -21.16
CA LEU A 563 6.48 13.77 -22.24
C LEU A 563 5.54 14.88 -21.79
N VAL A 564 4.41 14.52 -21.18
CA VAL A 564 3.45 15.54 -20.75
C VAL A 564 3.98 16.36 -19.60
N SER A 565 4.99 15.86 -18.87
CA SER A 565 5.56 16.64 -17.78
C SER A 565 6.67 17.59 -18.22
N ARG A 566 7.41 17.26 -19.28
CA ARG A 566 8.63 17.98 -19.60
C ARG A 566 8.67 18.64 -20.98
N PHE A 567 7.77 18.29 -21.89
CA PHE A 567 7.90 18.78 -23.27
C PHE A 567 7.71 20.29 -23.36
N SER A 568 6.78 20.84 -22.60
CA SER A 568 6.41 22.24 -22.77
C SER A 568 7.50 23.15 -22.22
N PRO A 569 7.95 24.15 -22.98
CA PRO A 569 8.90 25.12 -22.41
C PRO A 569 8.34 25.92 -21.27
N TYR A 570 7.01 25.97 -21.13
CA TYR A 570 6.36 26.70 -20.05
C TYR A 570 6.42 25.97 -18.71
N GLU A 571 6.92 24.73 -18.69
CA GLU A 571 7.20 24.03 -17.44
C GLU A 571 8.64 24.22 -16.98
N TRP A 572 9.43 25.01 -17.70
CA TRP A 572 10.83 25.23 -17.39
C TRP A 572 11.03 26.66 -16.95
N HIS A 573 11.76 26.84 -15.84
CA HIS A 573 12.05 28.17 -15.30
C HIS A 573 13.55 28.41 -15.27
N THR A 574 13.93 29.66 -15.44
CA THR A 574 15.34 30.04 -15.44
C THR A 574 15.72 30.72 -14.13
N SER A 585 21.94 26.14 -17.54
CA SER A 585 20.80 25.29 -17.90
C SER A 585 19.61 25.58 -16.99
N SER A 586 18.43 25.72 -17.58
CA SER A 586 17.22 25.98 -16.83
C SER A 586 16.75 24.72 -16.11
N GLU A 587 15.82 24.92 -15.17
CA GLU A 587 15.28 23.84 -14.37
C GLU A 587 13.78 23.73 -14.58
N SER A 588 13.28 22.49 -14.50
CA SER A 588 11.87 22.24 -14.70
C SER A 588 11.09 22.50 -13.42
N THR A 589 9.81 22.84 -13.58
CA THR A 589 8.92 23.02 -12.44
C THR A 589 8.60 21.70 -11.75
N ASN A 590 8.89 20.56 -12.37
CA ASN A 590 8.66 19.25 -11.80
C ASN A 590 9.91 18.41 -11.93
N GLU A 591 9.90 17.26 -11.25
CA GLU A 591 11.03 16.33 -11.26
C GLU A 591 10.81 15.15 -12.19
N PHE A 592 9.83 15.23 -13.09
CA PHE A 592 9.43 14.06 -13.88
C PHE A 592 10.17 13.99 -15.21
N GLY A 593 11.49 13.81 -15.11
CA GLY A 593 12.26 13.37 -16.24
C GLY A 593 11.96 11.91 -16.54
N ILE A 594 12.58 11.40 -17.60
CA ILE A 594 12.27 10.04 -18.05
C ILE A 594 12.67 9.01 -16.98
N PHE A 595 13.85 9.17 -16.38
CA PHE A 595 14.28 8.24 -15.34
C PHE A 595 13.36 8.30 -14.12
N ASN A 596 13.03 9.50 -13.66
CA ASN A 596 12.13 9.65 -12.54
C ASN A 596 10.71 9.20 -12.89
N SER A 597 10.29 9.39 -14.15
CA SER A 597 8.99 8.88 -14.55
C SER A 597 8.94 7.36 -14.50
N LEU A 598 10.00 6.70 -14.97
CA LEU A 598 10.07 5.25 -14.88
C LEU A 598 10.06 4.80 -13.42
N TRP A 599 10.79 5.51 -12.56
CA TRP A 599 10.80 5.17 -11.14
C TRP A 599 9.43 5.33 -10.50
N PHE A 600 8.74 6.43 -10.83
CA PHE A 600 7.39 6.66 -10.30
C PHE A 600 6.43 5.57 -10.77
N SER A 601 6.50 5.21 -12.05
CA SER A 601 5.61 4.18 -12.57
C SER A 601 5.89 2.83 -11.91
N LEU A 602 7.17 2.48 -11.73
CA LEU A 602 7.50 1.23 -11.06
C LEU A 602 7.00 1.23 -9.63
N GLY A 603 7.21 2.33 -8.91
CA GLY A 603 6.74 2.41 -7.54
C GLY A 603 5.23 2.31 -7.42
N ALA A 604 4.52 2.96 -8.35
CA ALA A 604 3.06 2.87 -8.35
C ALA A 604 2.58 1.45 -8.63
N PHE A 605 3.20 0.77 -9.59
CA PHE A 605 2.82 -0.60 -9.89
C PHE A 605 3.20 -1.57 -8.77
N MET A 606 4.21 -1.24 -7.97
CA MET A 606 4.75 -2.17 -6.99
C MET A 606 4.13 -2.01 -5.61
N GLN A 607 3.09 -1.19 -5.48
CA GLN A 607 2.43 -0.93 -4.19
C GLN A 607 3.40 -0.33 -3.18
N GLN A 608 4.27 0.56 -3.64
CA GLN A 608 5.28 1.17 -2.79
C GLN A 608 5.24 2.69 -2.81
N GLY A 609 5.00 3.30 -3.96
CA GLY A 609 5.05 4.74 -4.07
C GLY A 609 6.48 5.25 -4.18
N CYS A 610 6.58 6.57 -4.31
N CYS A 610 6.59 6.56 -4.29
CA CYS A 610 7.87 7.24 -4.47
CA CYS A 610 7.91 7.20 -4.36
C CYS A 610 7.81 8.56 -3.72
C CYS A 610 7.80 8.58 -3.72
N ASP A 611 8.83 9.39 -3.92
CA ASP A 611 8.94 10.69 -3.28
C ASP A 611 8.37 11.82 -4.12
N ILE A 612 7.83 11.54 -5.30
CA ILE A 612 7.27 12.58 -6.17
C ILE A 612 5.89 12.14 -6.64
N SER A 613 5.11 13.12 -7.08
CA SER A 613 3.75 12.90 -7.53
C SER A 613 3.43 13.96 -8.58
N PRO A 614 2.80 13.58 -9.70
CA PRO A 614 2.47 14.57 -10.72
C PRO A 614 1.49 15.62 -10.19
N ARG A 615 1.66 16.85 -10.66
CA ARG A 615 0.84 17.97 -10.23
C ARG A 615 0.02 18.60 -11.34
N SER A 616 0.43 18.47 -12.60
CA SER A 616 -0.32 19.02 -13.72
C SER A 616 -1.52 18.12 -14.03
N LEU A 617 -2.41 18.64 -14.89
CA LEU A 617 -3.62 17.90 -15.24
C LEU A 617 -3.29 16.66 -16.07
N SER A 618 -2.47 16.80 -17.11
CA SER A 618 -2.13 15.66 -17.95
C SER A 618 -1.29 14.64 -17.19
N GLY A 619 -0.34 15.10 -16.39
CA GLY A 619 0.44 14.18 -15.57
C GLY A 619 -0.43 13.43 -14.58
N ARG A 620 -1.40 14.10 -13.98
CA ARG A 620 -2.28 13.42 -13.04
C ARG A 620 -3.25 12.49 -13.75
N ILE A 621 -3.64 12.80 -14.99
CA ILE A 621 -4.44 11.86 -15.77
C ILE A 621 -3.65 10.59 -16.02
N VAL A 622 -2.38 10.73 -16.44
CA VAL A 622 -1.52 9.57 -16.65
C VAL A 622 -1.38 8.78 -15.34
N GLY A 623 -1.10 9.48 -14.25
CA GLY A 623 -0.91 8.80 -12.98
C GLY A 623 -2.16 8.09 -12.49
N GLY A 624 -3.32 8.72 -12.63
CA GLY A 624 -4.56 8.10 -12.20
C GLY A 624 -4.94 6.89 -13.02
N VAL A 625 -4.76 6.98 -14.34
CA VAL A 625 -5.09 5.82 -15.18
C VAL A 625 -4.10 4.69 -14.91
N TRP A 626 -2.84 5.02 -14.64
CA TRP A 626 -1.87 3.98 -14.25
C TRP A 626 -2.22 3.39 -12.89
N TRP A 627 -2.73 4.21 -11.97
CA TRP A 627 -3.18 3.70 -10.68
C TRP A 627 -4.34 2.73 -10.85
N PHE A 628 -5.30 3.06 -11.71
CA PHE A 628 -6.42 2.17 -11.97
C PHE A 628 -5.94 0.85 -12.57
N PHE A 629 -5.04 0.93 -13.56
CA PHE A 629 -4.48 -0.27 -14.16
C PHE A 629 -3.76 -1.12 -13.12
N THR A 630 -2.95 -0.48 -12.27
CA THR A 630 -2.20 -1.19 -11.25
C THR A 630 -3.13 -1.88 -10.26
N LEU A 631 -4.16 -1.16 -9.80
CA LEU A 631 -5.11 -1.76 -8.86
C LEU A 631 -5.74 -3.00 -9.46
N ILE A 632 -6.26 -2.88 -10.69
CA ILE A 632 -6.93 -4.02 -11.31
C ILE A 632 -5.96 -5.19 -11.49
N ILE A 633 -4.78 -4.92 -12.05
CA ILE A 633 -3.85 -5.99 -12.40
C ILE A 633 -3.30 -6.66 -11.15
N ILE A 634 -2.88 -5.89 -10.15
CA ILE A 634 -2.31 -6.47 -8.95
C ILE A 634 -3.37 -7.23 -8.15
N SER A 635 -4.59 -6.68 -8.08
CA SER A 635 -5.66 -7.40 -7.39
C SER A 635 -5.97 -8.71 -8.09
N SER A 636 -6.00 -8.69 -9.43
N SER A 636 -5.99 -8.70 -9.43
CA SER A 636 -6.23 -9.92 -10.19
CA SER A 636 -6.24 -9.93 -10.17
C SER A 636 -5.13 -10.93 -9.94
C SER A 636 -5.13 -10.93 -9.95
N TYR A 637 -3.87 -10.48 -9.93
CA TYR A 637 -2.76 -11.37 -9.67
C TYR A 637 -2.86 -12.00 -8.29
N THR A 638 -3.20 -11.19 -7.27
CA THR A 638 -3.29 -11.73 -5.92
C THR A 638 -4.44 -12.72 -5.78
N ALA A 639 -5.60 -12.39 -6.36
CA ALA A 639 -6.73 -13.31 -6.30
C ALA A 639 -6.42 -14.62 -7.01
N ASN A 640 -5.83 -14.55 -8.21
CA ASN A 640 -5.50 -15.76 -8.94
C ASN A 640 -4.38 -16.54 -8.26
N LEU A 641 -3.48 -15.84 -7.56
CA LEU A 641 -2.42 -16.54 -6.83
C LEU A 641 -2.98 -17.27 -5.63
N ALA A 642 -3.94 -16.66 -4.92
CA ALA A 642 -4.62 -17.37 -3.85
C ALA A 642 -5.34 -18.60 -4.38
N ALA A 643 -6.00 -18.46 -5.53
CA ALA A 643 -6.65 -19.62 -6.15
C ALA A 643 -5.63 -20.70 -6.51
N PHE A 644 -4.49 -20.31 -7.07
CA PHE A 644 -3.45 -21.27 -7.44
C PHE A 644 -2.87 -21.97 -6.21
N LEU A 645 -2.70 -21.23 -5.12
CA LEU A 645 -2.10 -21.81 -3.91
C LEU A 645 -3.08 -22.69 -3.16
N THR A 646 -4.38 -22.44 -3.28
CA THR A 646 -5.39 -23.22 -2.59
C THR A 646 -5.86 -24.44 -3.38
N VAL A 647 -5.04 -24.94 -4.30
CA VAL A 647 -5.40 -26.13 -5.06
C VAL A 647 -5.23 -27.38 -4.21
N THR A 805 -4.23 -26.69 5.28
CA THR A 805 -3.37 -25.63 4.75
C THR A 805 -1.89 -25.98 4.97
N SER A 806 -1.19 -26.25 3.87
CA SER A 806 0.21 -26.62 3.90
C SER A 806 1.08 -25.39 3.66
N ALA A 807 2.17 -25.29 4.42
CA ALA A 807 3.06 -24.15 4.31
C ALA A 807 3.77 -24.13 2.96
N LEU A 808 3.99 -22.93 2.45
CA LEU A 808 4.77 -22.76 1.23
C LEU A 808 6.21 -23.22 1.46
N SER A 809 6.75 -23.98 0.51
CA SER A 809 8.13 -24.42 0.60
C SER A 809 9.04 -23.43 -0.12
N LEU A 810 10.32 -23.45 0.26
CA LEU A 810 11.29 -22.56 -0.36
C LEU A 810 11.51 -22.86 -1.84
N SER A 811 11.23 -24.09 -2.28
CA SER A 811 11.36 -24.44 -3.69
C SER A 811 10.38 -23.69 -4.56
N ASN A 812 9.29 -23.19 -3.99
CA ASN A 812 8.30 -22.44 -4.75
C ASN A 812 8.63 -20.95 -4.89
N VAL A 813 9.65 -20.46 -4.18
CA VAL A 813 10.00 -19.03 -4.21
C VAL A 813 11.49 -18.87 -4.46
N ALA A 814 12.17 -19.99 -4.71
CA ALA A 814 13.58 -19.94 -5.05
C ALA A 814 13.83 -19.07 -6.28
N GLY A 815 12.89 -19.06 -7.22
CA GLY A 815 13.06 -18.22 -8.40
C GLY A 815 13.09 -16.75 -8.08
N VAL A 816 12.19 -16.29 -7.20
CA VAL A 816 12.20 -14.88 -6.82
C VAL A 816 13.44 -14.56 -6.01
N PHE A 817 13.93 -15.51 -5.20
CA PHE A 817 15.20 -15.28 -4.50
C PHE A 817 16.36 -15.13 -5.48
N TYR A 818 16.39 -15.98 -6.53
CA TYR A 818 17.43 -15.88 -7.54
C TYR A 818 17.35 -14.54 -8.26
N ILE A 819 16.14 -14.09 -8.59
CA ILE A 819 15.97 -12.79 -9.24
C ILE A 819 16.47 -11.67 -8.33
N LEU A 820 16.18 -11.76 -7.04
CA LEU A 820 16.62 -10.74 -6.10
C LEU A 820 18.15 -10.66 -6.05
N VAL A 821 18.81 -11.82 -5.93
CA VAL A 821 20.26 -11.81 -5.82
C VAL A 821 20.90 -11.34 -7.13
N GLY A 822 20.32 -11.74 -8.27
CA GLY A 822 20.81 -11.26 -9.55
C GLY A 822 20.68 -9.75 -9.69
N GLY A 823 19.55 -9.21 -9.24
CA GLY A 823 19.39 -7.77 -9.25
C GLY A 823 20.38 -7.05 -8.36
N LEU A 824 20.65 -7.61 -7.18
CA LEU A 824 21.65 -7.01 -6.30
C LEU A 824 23.04 -7.02 -6.94
N GLY A 825 23.40 -8.14 -7.58
CA GLY A 825 24.67 -8.18 -8.28
C GLY A 825 24.75 -7.20 -9.44
N LEU A 826 23.66 -7.07 -10.20
CA LEU A 826 23.62 -6.11 -11.29
C LEU A 826 23.77 -4.69 -10.79
N ALA A 827 23.10 -4.36 -9.68
CA ALA A 827 23.22 -3.02 -9.11
C ALA A 827 24.64 -2.75 -8.64
N MET A 828 25.27 -3.73 -8.00
CA MET A 828 26.66 -3.56 -7.56
C MET A 828 27.58 -3.35 -8.76
N LEU A 829 27.35 -4.12 -9.84
CA LEU A 829 28.15 -3.94 -11.05
C LEU A 829 27.96 -2.55 -11.64
N VAL A 830 26.72 -2.07 -11.69
CA VAL A 830 26.45 -0.75 -12.25
C VAL A 830 27.13 0.33 -11.42
N ALA A 831 27.05 0.23 -10.09
CA ALA A 831 27.70 1.20 -9.23
C ALA A 831 29.22 1.17 -9.42
N LEU A 832 29.80 -0.02 -9.55
CA LEU A 832 31.24 -0.13 -9.75
C LEU A 832 31.67 0.48 -11.08
N ILE A 833 30.92 0.22 -12.16
CA ILE A 833 31.26 0.83 -13.45
C ILE A 833 31.16 2.34 -13.38
N GLU A 834 30.10 2.87 -12.75
CA GLU A 834 29.97 4.31 -12.63
C GLU A 834 31.14 4.91 -11.83
N PHE A 835 31.51 4.25 -10.74
CA PHE A 835 32.64 4.73 -9.93
C PHE A 835 33.94 4.70 -10.73
N CYS A 836 34.17 3.63 -11.49
CA CYS A 836 35.38 3.53 -12.28
C CYS A 836 35.43 4.61 -13.37
N TYR A 837 34.28 4.86 -14.03
CA TYR A 837 34.24 5.90 -15.05
C TYR A 837 34.52 7.27 -14.44
N LYS A 838 33.92 7.56 -13.28
CA LYS A 838 34.17 8.85 -12.64
C LYS A 838 35.63 8.97 -12.18
N SER A 839 36.20 7.88 -11.70
CA SER A 839 37.61 7.90 -11.29
C SER A 839 38.53 8.14 -12.48
N ARG A 840 38.24 7.51 -13.61
CA ARG A 840 39.04 7.75 -14.81
C ARG A 840 38.89 9.18 -15.29
N ALA A 841 37.67 9.73 -15.23
CA ALA A 841 37.46 11.12 -15.61
C ALA A 841 38.24 12.06 -14.70
N GLU A 842 38.23 11.80 -13.39
CA GLU A 842 39.02 12.61 -12.47
C GLU A 842 40.50 12.50 -12.76
N ALA A 843 41.00 11.29 -13.05
CA ALA A 843 42.40 11.10 -13.32
C ALA A 843 42.83 11.85 -14.58
N LYS A 844 42.03 11.77 -15.65
CA LYS A 844 42.38 12.49 -16.87
C LYS A 844 42.20 13.99 -16.71
N ARG A 845 41.33 14.42 -15.79
CA ARG A 845 41.21 15.85 -15.50
C ARG A 845 42.43 16.36 -14.74
N MET A 846 42.98 15.54 -13.85
CA MET A 846 44.13 15.96 -13.06
C MET A 846 45.39 16.15 -13.89
N LYS A 847 45.45 15.55 -15.09
CA LYS A 847 46.62 15.67 -15.95
C LYS A 847 46.55 16.96 -16.78
N PRO B 528 -25.54 -21.11 -28.47
CA PRO B 528 -25.66 -21.20 -27.01
C PRO B 528 -24.31 -21.38 -26.33
N GLN B 529 -23.25 -20.92 -26.97
CA GLN B 529 -21.91 -21.02 -26.39
C GLN B 529 -21.80 -20.15 -25.15
N LYS B 530 -20.93 -20.56 -24.23
CA LYS B 530 -20.73 -19.79 -23.02
C LYS B 530 -20.15 -18.42 -23.36
N SER B 531 -20.75 -17.38 -22.78
CA SER B 531 -20.37 -16.01 -23.09
C SER B 531 -19.23 -15.59 -22.18
N LYS B 532 -18.13 -15.15 -22.78
CA LYS B 532 -16.99 -14.68 -22.01
C LYS B 532 -17.32 -13.36 -21.33
N PRO B 533 -16.61 -13.04 -20.24
CA PRO B 533 -16.81 -11.73 -19.61
C PRO B 533 -16.44 -10.59 -20.56
N GLY B 534 -17.14 -9.48 -20.42
CA GLY B 534 -16.93 -8.34 -21.29
C GLY B 534 -15.63 -7.63 -21.03
N VAL B 535 -15.40 -6.57 -21.80
CA VAL B 535 -14.19 -5.77 -21.64
C VAL B 535 -14.18 -5.07 -20.28
N PHE B 536 -15.36 -4.66 -19.80
CA PHE B 536 -15.51 -3.99 -18.53
C PHE B 536 -15.90 -4.95 -17.41
N SER B 537 -15.44 -6.20 -17.51
CA SER B 537 -15.74 -7.19 -16.48
C SER B 537 -15.03 -6.93 -15.16
N PHE B 538 -14.08 -5.98 -15.12
CA PHE B 538 -13.46 -5.63 -13.85
C PHE B 538 -14.43 -4.92 -12.92
N LEU B 539 -15.55 -4.40 -13.45
CA LEU B 539 -16.59 -3.82 -12.62
C LEU B 539 -17.56 -4.86 -12.06
N ASP B 540 -17.46 -6.11 -12.53
CA ASP B 540 -18.40 -7.15 -12.10
C ASP B 540 -18.47 -7.39 -10.59
N PRO B 541 -17.37 -7.40 -9.83
CA PRO B 541 -17.48 -7.75 -8.40
C PRO B 541 -18.41 -6.83 -7.61
N LEU B 542 -18.63 -5.61 -8.05
CA LEU B 542 -19.52 -4.68 -7.36
C LEU B 542 -20.73 -4.37 -8.23
N ALA B 543 -21.87 -4.15 -7.59
CA ALA B 543 -23.07 -3.75 -8.30
C ALA B 543 -22.91 -2.33 -8.83
N TYR B 544 -23.72 -2.01 -9.84
CA TYR B 544 -23.68 -0.69 -10.46
C TYR B 544 -24.02 0.41 -9.46
N GLU B 545 -24.94 0.13 -8.54
CA GLU B 545 -25.28 1.10 -7.51
C GLU B 545 -24.10 1.38 -6.60
N ILE B 546 -23.31 0.35 -6.29
CA ILE B 546 -22.10 0.56 -5.49
C ILE B 546 -21.13 1.47 -6.22
N TRP B 547 -20.95 1.28 -7.53
CA TRP B 547 -20.05 2.12 -8.29
C TRP B 547 -20.52 3.58 -8.30
N MET B 548 -21.83 3.78 -8.51
CA MET B 548 -22.37 5.13 -8.49
C MET B 548 -22.16 5.79 -7.12
N CYS B 549 -22.43 5.04 -6.05
CA CYS B 549 -22.26 5.60 -4.72
C CYS B 549 -20.78 5.81 -4.39
N ILE B 550 -19.88 5.00 -4.96
CA ILE B 550 -18.45 5.24 -4.79
C ILE B 550 -18.05 6.55 -5.44
N VAL B 551 -18.54 6.81 -6.65
CA VAL B 551 -18.24 8.06 -7.32
C VAL B 551 -18.77 9.24 -6.52
N PHE B 552 -20.01 9.13 -6.05
CA PHE B 552 -20.60 10.21 -5.26
C PHE B 552 -19.85 10.43 -3.95
N ALA B 553 -19.46 9.34 -3.28
CA ALA B 553 -18.71 9.45 -2.03
C ALA B 553 -17.34 10.08 -2.27
N TYR B 554 -16.69 9.71 -3.38
CA TYR B 554 -15.40 10.31 -3.72
C TYR B 554 -15.55 11.82 -3.92
N ILE B 555 -16.57 12.23 -4.67
CA ILE B 555 -16.80 13.66 -4.91
C ILE B 555 -17.07 14.38 -3.60
N GLY B 556 -17.95 13.80 -2.77
CA GLY B 556 -18.30 14.43 -1.51
C GLY B 556 -17.13 14.55 -0.56
N VAL B 557 -16.32 13.50 -0.46
CA VAL B 557 -15.15 13.53 0.41
C VAL B 557 -14.14 14.57 -0.09
N SER B 558 -13.91 14.64 -1.40
CA SER B 558 -13.00 15.65 -1.93
C SER B 558 -13.50 17.06 -1.62
N VAL B 559 -14.80 17.29 -1.81
CA VAL B 559 -15.37 18.61 -1.58
C VAL B 559 -15.27 18.99 -0.10
N VAL B 560 -15.58 18.05 0.79
CA VAL B 560 -15.54 18.34 2.22
C VAL B 560 -14.10 18.57 2.68
N LEU B 561 -13.16 17.78 2.15
CA LEU B 561 -11.76 17.98 2.51
C LEU B 561 -11.28 19.36 2.08
N PHE B 562 -11.60 19.76 0.84
CA PHE B 562 -11.23 21.10 0.38
C PHE B 562 -11.88 22.16 1.25
N LEU B 563 -13.15 21.98 1.59
CA LEU B 563 -13.88 22.97 2.40
C LEU B 563 -13.23 23.15 3.75
N VAL B 564 -13.01 22.05 4.48
CA VAL B 564 -12.46 22.16 5.82
C VAL B 564 -11.00 22.57 5.80
N SER B 565 -10.31 22.40 4.66
CA SER B 565 -8.91 22.81 4.59
C SER B 565 -8.73 24.27 4.20
N ARG B 566 -9.67 24.85 3.43
CA ARG B 566 -9.42 26.14 2.80
C ARG B 566 -10.40 27.25 3.18
N PHE B 567 -11.54 26.94 3.78
CA PHE B 567 -12.57 27.96 3.99
C PHE B 567 -12.13 29.02 4.99
N SER B 568 -11.46 28.61 6.06
CA SER B 568 -11.19 29.53 7.15
C SER B 568 -10.11 30.53 6.75
N PRO B 569 -10.34 31.83 6.90
CA PRO B 569 -9.27 32.81 6.62
C PRO B 569 -8.06 32.65 7.52
N TYR B 570 -8.21 31.98 8.67
CA TYR B 570 -7.10 31.75 9.58
C TYR B 570 -6.13 30.68 9.08
N GLU B 571 -6.47 29.96 8.01
CA GLU B 571 -5.54 29.06 7.35
C GLU B 571 -4.79 29.74 6.20
N TRP B 572 -4.99 31.04 6.02
CA TRP B 572 -4.37 31.79 4.93
C TRP B 572 -3.38 32.81 5.50
N HIS B 573 -2.27 33.00 4.78
CA HIS B 573 -1.23 33.92 5.21
C HIS B 573 -1.73 35.36 5.19
N SER B 585 -0.41 36.01 -4.67
CA SER B 585 0.20 36.73 -3.56
C SER B 585 0.07 35.93 -2.27
N SER B 586 -1.03 36.18 -1.55
CA SER B 586 -1.28 35.44 -0.31
C SER B 586 -1.61 33.98 -0.64
N GLU B 587 -1.08 33.07 0.18
CA GLU B 587 -1.25 31.64 -0.04
C GLU B 587 -1.75 30.97 1.24
N SER B 588 -2.28 29.76 1.06
CA SER B 588 -2.85 29.01 2.17
C SER B 588 -1.75 28.28 2.95
N THR B 589 -2.03 28.01 4.22
CA THR B 589 -1.10 27.24 5.04
C THR B 589 -0.98 25.80 4.54
N ASN B 590 -1.99 25.29 3.88
CA ASN B 590 -1.99 23.94 3.34
C ASN B 590 -2.14 23.98 1.82
N GLU B 591 -1.99 22.82 1.19
CA GLU B 591 -2.04 22.68 -0.25
C GLU B 591 -3.32 22.04 -0.75
N PHE B 592 -4.38 22.04 0.06
CA PHE B 592 -5.57 21.26 -0.25
C PHE B 592 -6.64 22.14 -0.90
N GLY B 593 -6.33 22.58 -2.11
CA GLY B 593 -7.34 23.11 -3.00
C GLY B 593 -8.23 21.99 -3.51
N ILE B 594 -9.24 22.37 -4.29
CA ILE B 594 -10.20 21.40 -4.76
C ILE B 594 -9.55 20.36 -5.67
N PHE B 595 -8.68 20.81 -6.59
CA PHE B 595 -7.96 19.89 -7.46
C PHE B 595 -7.05 18.96 -6.65
N ASN B 596 -6.32 19.53 -5.70
CA ASN B 596 -5.44 18.73 -4.86
C ASN B 596 -6.23 17.79 -3.95
N SER B 597 -7.38 18.25 -3.46
CA SER B 597 -8.23 17.37 -2.65
C SER B 597 -8.74 16.20 -3.47
N LEU B 598 -9.18 16.45 -4.70
CA LEU B 598 -9.59 15.36 -5.58
C LEU B 598 -8.44 14.39 -5.84
N TRP B 599 -7.24 14.92 -6.06
CA TRP B 599 -6.08 14.08 -6.30
C TRP B 599 -5.75 13.22 -5.08
N PHE B 600 -5.79 13.83 -3.89
CA PHE B 600 -5.51 13.08 -2.65
C PHE B 600 -6.57 12.00 -2.43
N SER B 601 -7.84 12.32 -2.66
CA SER B 601 -8.90 11.33 -2.48
C SER B 601 -8.76 10.18 -3.46
N LEU B 602 -8.44 10.48 -4.72
CA LEU B 602 -8.23 9.44 -5.71
C LEU B 602 -7.04 8.56 -5.32
N GLY B 603 -5.95 9.17 -4.86
CA GLY B 603 -4.81 8.39 -4.41
C GLY B 603 -5.12 7.50 -3.23
N ALA B 604 -5.87 8.03 -2.26
CA ALA B 604 -6.26 7.23 -1.12
C ALA B 604 -7.12 6.04 -1.54
N PHE B 605 -8.06 6.27 -2.45
CA PHE B 605 -8.92 5.18 -2.90
C PHE B 605 -8.15 4.15 -3.72
N MET B 606 -7.11 4.57 -4.43
CA MET B 606 -6.33 3.68 -5.27
C MET B 606 -5.21 2.97 -4.51
N GLN B 607 -5.14 3.15 -3.20
CA GLN B 607 -4.10 2.54 -2.37
C GLN B 607 -2.70 2.99 -2.82
N GLN B 608 -2.58 4.26 -3.15
CA GLN B 608 -1.33 4.80 -3.68
C GLN B 608 -0.73 5.88 -2.79
N GLY B 609 -1.50 6.91 -2.45
CA GLY B 609 -0.96 8.05 -1.75
C GLY B 609 -0.39 9.09 -2.70
N CYS B 610 -0.13 10.28 -2.16
N CYS B 610 -0.12 10.27 -2.15
CA CYS B 610 0.40 11.38 -2.94
CA CYS B 610 0.36 11.40 -2.93
C CYS B 610 1.43 12.12 -2.10
C CYS B 610 1.43 12.12 -2.11
N ASP B 611 1.79 13.32 -2.54
CA ASP B 611 2.82 14.11 -1.88
C ASP B 611 2.29 15.01 -0.76
N ILE B 612 0.98 14.98 -0.50
CA ILE B 612 0.40 15.82 0.55
C ILE B 612 -0.50 14.96 1.44
N SER B 613 -0.73 15.46 2.65
CA SER B 613 -1.56 14.81 3.65
C SER B 613 -2.17 15.89 4.52
N PRO B 614 -3.44 15.74 4.90
CA PRO B 614 -4.07 16.77 5.75
C PRO B 614 -3.39 16.86 7.11
N ARG B 615 -3.30 18.09 7.62
CA ARG B 615 -2.67 18.36 8.91
C ARG B 615 -3.64 18.77 9.99
N SER B 616 -4.77 19.38 9.63
CA SER B 616 -5.72 19.87 10.62
C SER B 616 -6.57 18.71 11.15
N LEU B 617 -7.32 19.00 12.22
CA LEU B 617 -8.17 17.98 12.83
C LEU B 617 -9.31 17.57 11.90
N SER B 618 -10.01 18.55 11.32
CA SER B 618 -11.13 18.22 10.44
C SER B 618 -10.66 17.54 9.17
N GLY B 619 -9.55 18.02 8.58
CA GLY B 619 -9.00 17.37 7.41
C GLY B 619 -8.56 15.95 7.68
N ARG B 620 -7.96 15.71 8.83
CA ARG B 620 -7.55 14.36 9.19
C ARG B 620 -8.74 13.47 9.51
N ILE B 621 -9.83 14.04 10.04
CA ILE B 621 -11.05 13.25 10.22
C ILE B 621 -11.59 12.81 8.86
N VAL B 622 -11.64 13.75 7.90
CA VAL B 622 -12.07 13.41 6.54
C VAL B 622 -11.18 12.32 5.97
N GLY B 623 -9.86 12.49 6.09
CA GLY B 623 -8.94 11.54 5.51
C GLY B 623 -9.03 10.17 6.16
N GLY B 624 -9.16 10.12 7.48
CA GLY B 624 -9.25 8.84 8.16
C GLY B 624 -10.53 8.09 7.86
N VAL B 625 -11.66 8.81 7.80
CA VAL B 625 -12.91 8.14 7.46
C VAL B 625 -12.89 7.67 6.01
N TRP B 626 -12.30 8.45 5.11
CA TRP B 626 -12.14 8.00 3.73
C TRP B 626 -11.20 6.82 3.63
N TRP B 627 -10.15 6.79 4.47
CA TRP B 627 -9.23 5.65 4.50
C TRP B 627 -9.94 4.39 4.95
N PHE B 628 -10.78 4.48 5.98
CA PHE B 628 -11.56 3.32 6.43
C PHE B 628 -12.50 2.85 5.34
N PHE B 629 -13.21 3.78 4.70
CA PHE B 629 -14.09 3.45 3.58
C PHE B 629 -13.32 2.75 2.47
N THR B 630 -12.14 3.27 2.13
CA THR B 630 -11.33 2.68 1.08
C THR B 630 -10.88 1.28 1.44
N LEU B 631 -10.44 1.08 2.68
CA LEU B 631 -10.03 -0.25 3.12
C LEU B 631 -11.17 -1.25 2.93
N ILE B 632 -12.35 -0.92 3.46
CA ILE B 632 -13.48 -1.84 3.37
C ILE B 632 -13.84 -2.12 1.91
N ILE B 633 -14.00 -1.06 1.12
CA ILE B 633 -14.50 -1.21 -0.24
C ILE B 633 -13.48 -1.93 -1.11
N ILE B 634 -12.19 -1.59 -1.00
CA ILE B 634 -11.17 -2.21 -1.83
C ILE B 634 -10.99 -3.68 -1.44
N SER B 635 -11.01 -4.00 -0.15
CA SER B 635 -10.93 -5.39 0.25
C SER B 635 -12.10 -6.19 -0.33
N SER B 636 -13.31 -5.64 -0.21
CA SER B 636 -14.49 -6.34 -0.73
C SER B 636 -14.40 -6.51 -2.24
N TYR B 637 -13.89 -5.50 -2.94
CA TYR B 637 -13.82 -5.57 -4.40
C TYR B 637 -12.77 -6.56 -4.87
N THR B 638 -11.59 -6.56 -4.23
CA THR B 638 -10.48 -7.38 -4.68
C THR B 638 -10.50 -8.79 -4.08
N ALA B 639 -11.47 -9.11 -3.23
CA ALA B 639 -11.56 -10.46 -2.70
C ALA B 639 -11.59 -11.51 -3.82
N ASN B 640 -12.46 -11.33 -4.81
CA ASN B 640 -12.73 -12.37 -5.82
C ASN B 640 -12.65 -11.80 -7.23
N LEU B 641 -11.72 -10.87 -7.46
CA LEU B 641 -11.65 -10.18 -8.75
C LEU B 641 -11.30 -11.13 -9.88
N ALA B 642 -10.30 -12.00 -9.68
CA ALA B 642 -9.88 -12.90 -10.74
C ALA B 642 -10.99 -13.88 -11.10
N ALA B 643 -11.71 -14.38 -10.09
CA ALA B 643 -12.85 -15.25 -10.37
C ALA B 643 -13.94 -14.49 -11.13
N PHE B 644 -14.14 -13.21 -10.82
CA PHE B 644 -15.12 -12.43 -11.54
C PHE B 644 -14.69 -12.16 -12.98
N LEU B 645 -13.38 -12.15 -13.25
CA LEU B 645 -12.89 -11.83 -14.57
C LEU B 645 -12.95 -13.00 -15.55
N THR B 646 -13.31 -14.20 -15.11
CA THR B 646 -13.31 -15.37 -15.97
C THR B 646 -14.64 -16.13 -15.92
N VAL B 647 -15.72 -15.43 -15.62
CA VAL B 647 -17.03 -16.08 -15.51
C VAL B 647 -17.59 -16.30 -16.91
N GLU B 648 -17.66 -17.56 -17.32
CA GLU B 648 -18.34 -17.94 -18.55
C GLU B 648 -19.82 -18.16 -18.24
N ARG B 649 -20.70 -17.42 -18.90
CA ARG B 649 -22.11 -17.43 -18.61
C ARG B 649 -22.90 -18.05 -19.75
N MET B 650 -24.10 -18.54 -19.41
CA MET B 650 -25.00 -19.16 -20.37
C MET B 650 -26.03 -18.13 -20.80
N VAL B 651 -25.93 -17.66 -22.05
CA VAL B 651 -26.87 -16.68 -22.57
C VAL B 651 -27.62 -17.26 -23.76
N THR B 805 -8.58 -24.17 -11.57
CA THR B 805 -7.83 -22.91 -11.52
C THR B 805 -6.91 -22.79 -12.74
N SER B 806 -7.02 -21.68 -13.45
CA SER B 806 -6.23 -21.43 -14.64
C SER B 806 -5.69 -20.01 -14.61
N ALA B 807 -4.62 -19.78 -15.37
CA ALA B 807 -4.04 -18.46 -15.47
C ALA B 807 -4.99 -17.49 -16.14
N LEU B 808 -4.98 -16.24 -15.69
CA LEU B 808 -5.74 -15.20 -16.37
C LEU B 808 -5.14 -14.94 -17.74
N SER B 809 -6.01 -14.78 -18.73
CA SER B 809 -5.58 -14.50 -20.10
C SER B 809 -5.64 -13.01 -20.37
N LEU B 810 -4.95 -12.60 -21.43
CA LEU B 810 -4.92 -11.18 -21.79
C LEU B 810 -6.30 -10.66 -22.12
N SER B 811 -7.09 -11.46 -22.84
CA SER B 811 -8.47 -11.08 -23.15
C SER B 811 -9.24 -10.69 -21.89
N ASN B 812 -9.10 -11.51 -20.83
CA ASN B 812 -9.81 -11.25 -19.58
C ASN B 812 -9.47 -9.90 -18.99
N VAL B 813 -8.33 -9.31 -19.34
CA VAL B 813 -7.95 -8.00 -18.84
C VAL B 813 -7.75 -7.00 -19.97
N ALA B 814 -8.19 -7.34 -21.19
CA ALA B 814 -7.97 -6.44 -22.32
C ALA B 814 -8.61 -5.08 -22.09
N GLY B 815 -9.80 -5.05 -21.51
CA GLY B 815 -10.45 -3.78 -21.23
C GLY B 815 -9.67 -2.90 -20.28
N VAL B 816 -8.87 -3.51 -19.40
CA VAL B 816 -8.00 -2.73 -18.53
C VAL B 816 -6.95 -2.01 -19.35
N PHE B 817 -6.40 -2.66 -20.37
CA PHE B 817 -5.34 -2.05 -21.16
C PHE B 817 -5.89 -0.91 -22.03
N TYR B 818 -7.01 -1.16 -22.71
CA TYR B 818 -7.59 -0.14 -23.59
C TYR B 818 -7.78 1.17 -22.85
N ILE B 819 -8.46 1.11 -21.70
CA ILE B 819 -8.70 2.31 -20.90
C ILE B 819 -7.38 3.00 -20.62
N LEU B 820 -6.38 2.23 -20.18
CA LEU B 820 -5.07 2.80 -19.88
C LEU B 820 -4.56 3.57 -21.08
N VAL B 821 -4.54 2.93 -22.25
CA VAL B 821 -4.04 3.60 -23.44
C VAL B 821 -4.90 4.81 -23.75
N GLY B 822 -6.22 4.64 -23.65
CA GLY B 822 -7.11 5.78 -23.85
C GLY B 822 -6.72 6.94 -22.96
N GLY B 823 -6.51 6.66 -21.67
CA GLY B 823 -6.11 7.71 -20.77
C GLY B 823 -4.84 8.39 -21.23
N LEU B 824 -3.83 7.59 -21.61
CA LEU B 824 -2.59 8.15 -22.11
C LEU B 824 -2.88 9.09 -23.26
N GLY B 825 -3.64 8.62 -24.25
CA GLY B 825 -3.96 9.47 -25.38
C GLY B 825 -4.65 10.74 -24.92
N LEU B 826 -5.66 10.58 -24.05
CA LEU B 826 -6.36 11.75 -23.54
C LEU B 826 -5.38 12.73 -22.92
N ALA B 827 -4.50 12.23 -22.05
CA ALA B 827 -3.56 13.11 -21.38
C ALA B 827 -2.70 13.82 -22.41
N MET B 828 -2.20 13.08 -23.41
CA MET B 828 -1.40 13.70 -24.45
C MET B 828 -2.17 14.86 -25.07
N LEU B 829 -3.41 14.58 -25.50
CA LEU B 829 -4.23 15.62 -26.10
C LEU B 829 -4.29 16.83 -25.18
N VAL B 830 -4.61 16.60 -23.90
CA VAL B 830 -4.75 17.71 -22.97
C VAL B 830 -3.46 18.52 -22.94
N ALA B 831 -2.32 17.82 -22.75
CA ALA B 831 -1.05 18.52 -22.71
C ALA B 831 -0.86 19.35 -23.96
N LEU B 832 -1.06 18.73 -25.13
CA LEU B 832 -0.87 19.43 -26.38
C LEU B 832 -1.74 20.68 -26.42
N ILE B 833 -3.01 20.53 -26.06
CA ILE B 833 -3.92 21.67 -26.10
C ILE B 833 -3.36 22.81 -25.27
N GLU B 834 -2.95 22.49 -24.03
CA GLU B 834 -2.40 23.53 -23.17
C GLU B 834 -1.25 24.23 -23.86
N PHE B 835 -0.29 23.46 -24.38
CA PHE B 835 0.83 24.04 -25.10
C PHE B 835 0.34 24.98 -26.18
N CYS B 836 -0.56 24.49 -27.04
CA CYS B 836 -1.07 25.31 -28.12
C CYS B 836 -1.65 26.60 -27.57
N TYR B 837 -2.50 26.48 -26.54
CA TYR B 837 -3.10 27.67 -25.95
C TYR B 837 -2.02 28.64 -25.52
N LYS B 838 -1.04 28.15 -24.76
CA LYS B 838 0.01 29.03 -24.27
C LYS B 838 0.76 29.66 -25.44
N SER B 839 1.03 28.87 -26.48
CA SER B 839 1.69 29.42 -27.66
C SER B 839 0.91 30.60 -28.20
N ARG B 840 -0.41 30.43 -28.36
CA ARG B 840 -1.25 31.54 -28.81
C ARG B 840 -1.10 32.74 -27.88
N ALA B 841 -1.18 32.49 -26.57
CA ALA B 841 -1.02 33.57 -25.61
C ALA B 841 0.34 34.23 -25.79
N GLU B 842 1.39 33.44 -26.03
CA GLU B 842 2.70 34.04 -26.24
C GLU B 842 2.69 34.97 -27.44
N ALA B 843 2.00 34.56 -28.52
CA ALA B 843 1.86 35.45 -29.66
C ALA B 843 1.15 36.73 -29.25
N LYS B 844 0.09 36.61 -28.43
CA LYS B 844 -0.59 37.80 -27.94
C LYS B 844 0.34 38.64 -27.08
N ARG B 845 1.31 38.02 -26.40
CA ARG B 845 2.30 38.77 -25.67
C ARG B 845 3.36 39.36 -26.58
N MET B 846 3.62 38.73 -27.72
CA MET B 846 4.66 39.20 -28.63
C MET B 846 4.21 40.42 -29.43
N LYS B 847 2.92 40.62 -29.61
CA LYS B 847 2.41 41.74 -30.38
C LYS B 847 2.38 43.02 -29.55
N LYS C 532 -29.03 -13.33 8.42
CA LYS C 532 -29.25 -12.03 7.78
C LYS C 532 -28.19 -11.02 8.22
N PRO C 533 -27.21 -10.77 7.36
CA PRO C 533 -26.16 -9.80 7.69
C PRO C 533 -26.75 -8.41 7.90
N GLY C 534 -26.19 -7.69 8.87
CA GLY C 534 -26.60 -6.34 9.16
C GLY C 534 -25.91 -5.33 8.25
N VAL C 535 -26.09 -4.05 8.59
CA VAL C 535 -25.46 -3.00 7.80
C VAL C 535 -23.95 -2.95 8.05
N PHE C 536 -23.48 -3.42 9.20
CA PHE C 536 -22.05 -3.46 9.51
C PHE C 536 -21.50 -4.88 9.40
N SER C 537 -21.95 -5.65 8.42
CA SER C 537 -21.46 -7.01 8.23
C SER C 537 -20.03 -7.07 7.73
N PHE C 538 -19.47 -5.93 7.30
CA PHE C 538 -18.07 -5.92 6.87
C PHE C 538 -17.11 -6.08 8.05
N LEU C 539 -17.59 -5.90 9.28
CA LEU C 539 -16.80 -6.18 10.48
C LEU C 539 -16.88 -7.63 10.91
N ASP C 540 -17.69 -8.45 10.24
CA ASP C 540 -17.83 -9.86 10.61
C ASP C 540 -16.53 -10.66 10.59
N PRO C 541 -15.62 -10.51 9.62
CA PRO C 541 -14.45 -11.41 9.58
C PRO C 541 -13.59 -11.38 10.84
N LEU C 542 -13.62 -10.30 11.61
CA LEU C 542 -12.89 -10.23 12.87
C LEU C 542 -13.89 -10.19 14.03
N ALA C 543 -13.52 -10.83 15.13
CA ALA C 543 -14.37 -10.80 16.31
C ALA C 543 -14.35 -9.41 16.95
N TYR C 544 -15.37 -9.16 17.77
CA TYR C 544 -15.53 -7.86 18.41
C TYR C 544 -14.36 -7.56 19.36
N GLU C 545 -13.86 -8.60 20.04
CA GLU C 545 -12.70 -8.43 20.91
C GLU C 545 -11.48 -8.01 20.10
N ILE C 546 -11.34 -8.52 18.88
CA ILE C 546 -10.22 -8.12 18.03
C ILE C 546 -10.30 -6.64 17.68
N TRP C 547 -11.49 -6.14 17.34
CA TRP C 547 -11.64 -4.72 17.04
C TRP C 547 -11.34 -3.86 18.26
N MET C 548 -11.87 -4.25 19.43
CA MET C 548 -11.61 -3.49 20.64
C MET C 548 -10.12 -3.44 20.96
N CYS C 549 -9.45 -4.60 20.87
CA CYS C 549 -8.02 -4.64 21.15
C CYS C 549 -7.22 -3.93 20.08
N ILE C 550 -7.73 -3.86 18.85
CA ILE C 550 -7.09 -3.07 17.80
C ILE C 550 -7.11 -1.60 18.18
N VAL C 551 -8.25 -1.12 18.67
CA VAL C 551 -8.34 0.27 19.10
C VAL C 551 -7.39 0.53 20.26
N PHE C 552 -7.37 -0.38 21.23
CA PHE C 552 -6.48 -0.21 22.39
C PHE C 552 -5.01 -0.22 21.97
N ALA C 553 -4.64 -1.14 21.08
CA ALA C 553 -3.27 -1.23 20.60
C ALA C 553 -2.88 0.01 19.80
N TYR C 554 -3.81 0.53 19.00
CA TYR C 554 -3.54 1.76 18.25
C TYR C 554 -3.27 2.92 19.19
N ILE C 555 -4.08 3.05 20.24
CA ILE C 555 -3.87 4.12 21.21
C ILE C 555 -2.53 3.95 21.90
N GLY C 556 -2.23 2.72 22.34
CA GLY C 556 -0.97 2.48 23.04
C GLY C 556 0.25 2.74 22.18
N VAL C 557 0.20 2.30 20.93
CA VAL C 557 1.32 2.53 20.01
C VAL C 557 1.51 4.01 19.74
N SER C 558 0.41 4.74 19.52
CA SER C 558 0.53 6.19 19.31
C SER C 558 1.14 6.88 20.52
N VAL C 559 0.67 6.53 21.72
CA VAL C 559 1.19 7.17 22.93
C VAL C 559 2.66 6.84 23.12
N VAL C 560 3.05 5.59 22.92
CA VAL C 560 4.43 5.19 23.10
C VAL C 560 5.33 5.86 22.07
N LEU C 561 4.86 5.96 20.83
CA LEU C 561 5.63 6.65 19.79
C LEU C 561 5.85 8.11 20.15
N PHE C 562 4.79 8.80 20.59
CA PHE C 562 4.93 10.19 21.01
C PHE C 562 5.91 10.30 22.17
N LEU C 563 5.80 9.40 23.15
CA LEU C 563 6.66 9.46 24.32
C LEU C 563 8.12 9.29 23.96
N VAL C 564 8.44 8.23 23.19
CA VAL C 564 9.84 8.01 22.84
C VAL C 564 10.35 9.05 21.86
N SER C 565 9.46 9.77 21.17
CA SER C 565 9.91 10.80 20.24
C SER C 565 10.12 12.16 20.89
N ARG C 566 9.37 12.49 21.94
CA ARG C 566 9.33 13.87 22.43
C ARG C 566 9.76 14.06 23.88
N PHE C 567 9.84 13.00 24.69
CA PHE C 567 10.09 13.18 26.11
C PHE C 567 11.48 13.76 26.38
N SER C 568 12.48 13.34 25.63
CA SER C 568 13.85 13.71 25.94
C SER C 568 14.10 15.18 25.61
N PRO C 569 14.63 15.97 26.54
CA PRO C 569 15.01 17.35 26.19
C PRO C 569 16.12 17.41 25.15
N TYR C 570 16.84 16.32 24.95
CA TYR C 570 17.91 16.25 23.97
C TYR C 570 17.37 16.15 22.54
N GLU C 571 16.08 15.93 22.38
CA GLU C 571 15.42 15.95 21.08
C GLU C 571 14.85 17.33 20.74
N TRP C 572 15.05 18.32 21.59
CA TRP C 572 14.52 19.66 21.39
C TRP C 572 15.67 20.63 21.16
N HIS C 573 15.52 21.49 20.15
CA HIS C 573 16.53 22.48 19.80
C HIS C 573 15.96 23.88 19.93
N THR C 574 16.82 24.82 20.30
CA THR C 574 16.41 26.21 20.46
C THR C 574 16.88 27.06 19.29
N SER C 585 9.48 29.59 22.50
CA SER C 585 9.34 28.14 22.66
C SER C 585 10.28 27.41 21.71
N SER C 586 10.95 26.38 22.22
CA SER C 586 11.87 25.59 21.41
C SER C 586 11.10 24.64 20.50
N GLU C 587 11.81 24.08 19.53
CA GLU C 587 11.25 23.17 18.54
C GLU C 587 11.91 21.81 18.63
N SER C 588 11.13 20.77 18.37
CA SER C 588 11.64 19.41 18.42
C SER C 588 12.37 19.05 17.13
N THR C 589 13.31 18.11 17.24
CA THR C 589 14.01 17.60 16.06
C THR C 589 13.11 16.75 15.17
N ASN C 590 11.95 16.35 15.66
CA ASN C 590 10.99 15.56 14.90
C ASN C 590 9.61 16.19 15.02
N GLU C 591 8.69 15.73 14.18
CA GLU C 591 7.32 16.21 14.19
C GLU C 591 6.35 15.25 14.86
N PHE C 592 6.85 14.38 15.73
CA PHE C 592 6.02 13.32 16.32
C PHE C 592 5.46 13.73 17.67
N GLY C 593 4.62 14.75 17.65
CA GLY C 593 3.74 15.04 18.76
C GLY C 593 2.65 13.99 18.85
N ILE C 594 1.81 14.11 19.87
CA ILE C 594 0.79 13.10 20.11
C ILE C 594 -0.22 13.06 18.95
N PHE C 595 -0.64 14.23 18.46
CA PHE C 595 -1.58 14.27 17.35
C PHE C 595 -0.97 13.67 16.09
N ASN C 596 0.27 14.07 15.77
CA ASN C 596 0.94 13.52 14.60
C ASN C 596 1.27 12.05 14.78
N SER C 597 1.56 11.61 16.02
CA SER C 597 1.77 10.19 16.26
C SER C 597 0.51 9.39 15.99
N LEU C 598 -0.64 9.89 16.45
CA LEU C 598 -1.90 9.22 16.16
C LEU C 598 -2.17 9.18 14.66
N TRP C 599 -1.88 10.28 13.96
CA TRP C 599 -2.07 10.31 12.51
C TRP C 599 -1.16 9.31 11.81
N PHE C 600 0.11 9.24 12.22
CA PHE C 600 1.04 8.28 11.63
C PHE C 600 0.58 6.85 11.87
N SER C 601 0.14 6.55 13.10
CA SER C 601 -0.32 5.19 13.40
C SER C 601 -1.56 4.84 12.59
N LEU C 602 -2.50 5.77 12.46
CA LEU C 602 -3.69 5.51 11.65
C LEU C 602 -3.32 5.28 10.20
N GLY C 603 -2.43 6.12 9.65
CA GLY C 603 -2.02 5.94 8.27
C GLY C 603 -1.31 4.62 8.04
N ALA C 604 -0.46 4.22 8.98
CA ALA C 604 0.22 2.93 8.87
C ALA C 604 -0.77 1.77 8.91
N PHE C 605 -1.75 1.83 9.81
CA PHE C 605 -2.73 0.76 9.90
C PHE C 605 -3.66 0.74 8.69
N MET C 606 -3.86 1.88 8.03
CA MET C 606 -4.85 2.01 6.98
C MET C 606 -4.28 1.74 5.59
N GLN C 607 -3.04 1.29 5.50
CA GLN C 607 -2.37 1.03 4.21
C GLN C 607 -2.28 2.29 3.36
N GLN C 608 -2.03 3.43 4.00
CA GLN C 608 -1.96 4.71 3.31
C GLN C 608 -0.66 5.45 3.51
N GLY C 609 -0.09 5.40 4.72
CA GLY C 609 1.11 6.15 5.00
C GLY C 609 0.79 7.62 5.31
N CYS C 610 1.85 8.35 5.64
N CYS C 610 1.85 8.35 5.64
N CYS C 610 1.84 8.35 5.64
CA CYS C 610 1.74 9.76 6.00
CA CYS C 610 1.74 9.76 6.00
CA CYS C 610 1.69 9.79 5.89
C CYS C 610 2.96 10.48 5.43
C CYS C 610 2.96 10.48 5.43
C CYS C 610 2.97 10.49 5.43
N ASP C 611 3.10 11.75 5.81
CA ASP C 611 4.21 12.58 5.36
C ASP C 611 5.41 12.55 6.28
N ILE C 612 5.35 11.80 7.39
CA ILE C 612 6.45 11.74 8.33
C ILE C 612 6.76 10.29 8.65
N SER C 613 7.98 10.05 9.13
CA SER C 613 8.46 8.72 9.46
C SER C 613 9.44 8.85 10.62
N PRO C 614 9.36 7.98 11.61
CA PRO C 614 10.30 8.06 12.73
C PRO C 614 11.74 7.83 12.28
N ARG C 615 12.66 8.54 12.92
CA ARG C 615 14.08 8.47 12.59
C ARG C 615 14.96 7.94 13.71
N SER C 616 14.53 8.05 14.96
CA SER C 616 15.30 7.54 16.09
C SER C 616 15.15 6.03 16.18
N LEU C 617 15.98 5.42 17.03
CA LEU C 617 15.96 3.97 17.19
C LEU C 617 14.67 3.50 17.86
N SER C 618 14.29 4.14 18.98
CA SER C 618 13.08 3.72 19.68
C SER C 618 11.83 4.01 18.85
N GLY C 619 11.79 5.18 18.19
CA GLY C 619 10.66 5.49 17.32
C GLY C 619 10.54 4.50 16.19
N ARG C 620 11.67 4.10 15.60
CA ARG C 620 11.62 3.12 14.51
C ARG C 620 11.28 1.73 15.02
N ILE C 621 11.65 1.39 16.25
CA ILE C 621 11.21 0.13 16.83
C ILE C 621 9.69 0.11 16.97
N VAL C 622 9.13 1.21 17.50
CA VAL C 622 7.67 1.32 17.61
C VAL C 622 7.02 1.22 16.24
N GLY C 623 7.56 1.95 15.27
CA GLY C 623 6.98 1.95 13.93
C GLY C 623 7.07 0.59 13.26
N GLY C 624 8.20 -0.09 13.40
CA GLY C 624 8.34 -1.40 12.79
C GLY C 624 7.45 -2.46 13.41
N VAL C 625 7.33 -2.44 14.75
CA VAL C 625 6.45 -3.41 15.39
C VAL C 625 4.99 -3.12 15.04
N TRP C 626 4.64 -1.84 14.91
CA TRP C 626 3.29 -1.49 14.46
C TRP C 626 3.06 -1.91 13.02
N TRP C 627 4.10 -1.79 12.18
CA TRP C 627 4.00 -2.26 10.80
C TRP C 627 3.76 -3.77 10.75
N PHE C 628 4.48 -4.52 11.57
CA PHE C 628 4.28 -5.97 11.63
C PHE C 628 2.87 -6.32 12.08
N PHE C 629 2.39 -5.64 13.13
CA PHE C 629 1.03 -5.86 13.61
C PHE C 629 0.01 -5.53 12.53
N THR C 630 0.21 -4.41 11.83
CA THR C 630 -0.72 -4.00 10.78
C THR C 630 -0.74 -5.00 9.64
N LEU C 631 0.44 -5.45 9.20
CA LEU C 631 0.50 -6.43 8.13
C LEU C 631 -0.27 -7.69 8.51
N ILE C 632 0.01 -8.23 9.70
CA ILE C 632 -0.66 -9.46 10.11
C ILE C 632 -2.17 -9.26 10.20
N ILE C 633 -2.60 -8.19 10.87
CA ILE C 633 -4.02 -7.99 11.15
C ILE C 633 -4.80 -7.69 9.87
N ILE C 634 -4.27 -6.81 9.02
CA ILE C 634 -4.98 -6.45 7.80
C ILE C 634 -5.00 -7.63 6.83
N SER C 635 -3.89 -8.39 6.72
CA SER C 635 -3.89 -9.57 5.88
C SER C 635 -4.90 -10.59 6.38
N SER C 636 -4.98 -10.78 7.70
N SER C 636 -4.98 -10.78 7.70
CA SER C 636 -5.95 -11.70 8.27
CA SER C 636 -5.95 -11.71 8.25
C SER C 636 -7.37 -11.25 7.97
C SER C 636 -7.38 -11.25 7.98
N TYR C 637 -7.64 -9.96 8.11
CA TYR C 637 -8.97 -9.43 7.82
C TYR C 637 -9.33 -9.65 6.35
N THR C 638 -8.39 -9.38 5.44
CA THR C 638 -8.70 -9.55 4.02
C THR C 638 -8.91 -11.02 3.66
N ALA C 639 -8.08 -11.92 4.20
CA ALA C 639 -8.26 -13.34 3.93
C ALA C 639 -9.60 -13.84 4.48
N ASN C 640 -9.94 -13.46 5.72
CA ASN C 640 -11.20 -13.90 6.29
C ASN C 640 -12.39 -13.26 5.59
N LEU C 641 -12.24 -12.04 5.09
CA LEU C 641 -13.32 -11.41 4.34
C LEU C 641 -13.53 -12.11 3.00
N ALA C 642 -12.43 -12.51 2.34
CA ALA C 642 -12.56 -13.29 1.12
C ALA C 642 -13.24 -14.62 1.39
N ALA C 643 -12.92 -15.24 2.54
CA ALA C 643 -13.63 -16.46 2.93
C ALA C 643 -15.11 -16.19 3.17
N PHE C 644 -15.43 -15.09 3.85
CA PHE C 644 -16.82 -14.76 4.18
C PHE C 644 -17.64 -14.48 2.92
N LEU C 645 -17.05 -13.79 1.94
CA LEU C 645 -17.80 -13.37 0.76
C LEU C 645 -18.08 -14.52 -0.20
N THR C 646 -17.35 -15.63 -0.09
CA THR C 646 -17.53 -16.78 -0.96
C THR C 646 -18.32 -17.90 -0.28
N VAL C 647 -19.26 -17.55 0.59
CA VAL C 647 -20.10 -18.55 1.24
C VAL C 647 -21.13 -19.09 0.25
N THR C 805 -20.09 -16.48 -9.09
CA THR C 805 -19.69 -15.27 -8.37
C THR C 805 -20.73 -14.17 -8.53
N SER C 806 -21.42 -13.84 -7.44
CA SER C 806 -22.46 -12.83 -7.43
C SER C 806 -21.89 -11.50 -6.98
N ALA C 807 -22.31 -10.42 -7.64
CA ALA C 807 -21.82 -9.09 -7.31
C ALA C 807 -22.26 -8.66 -5.92
N LEU C 808 -21.40 -7.93 -5.24
CA LEU C 808 -21.76 -7.35 -3.95
C LEU C 808 -22.86 -6.32 -4.14
N SER C 809 -23.85 -6.37 -3.25
CA SER C 809 -24.94 -5.41 -3.30
C SER C 809 -24.64 -4.23 -2.38
N LEU C 810 -25.29 -3.10 -2.66
CA LEU C 810 -25.08 -1.91 -1.84
C LEU C 810 -25.54 -2.12 -0.41
N SER C 811 -26.56 -2.97 -0.20
CA SER C 811 -27.03 -3.24 1.16
C SER C 811 -25.96 -3.91 2.00
N ASN C 812 -25.06 -4.68 1.38
CA ASN C 812 -24.00 -5.34 2.13
C ASN C 812 -22.93 -4.36 2.62
N VAL C 813 -22.81 -3.19 2.01
CA VAL C 813 -21.78 -2.23 2.37
C VAL C 813 -22.36 -0.88 2.79
N ALA C 814 -23.68 -0.72 2.77
CA ALA C 814 -24.29 0.58 3.06
C ALA C 814 -23.81 1.14 4.38
N GLY C 815 -23.60 0.27 5.37
CA GLY C 815 -23.16 0.74 6.67
C GLY C 815 -21.89 1.55 6.60
N VAL C 816 -20.90 1.08 5.84
CA VAL C 816 -19.65 1.83 5.74
C VAL C 816 -19.92 3.20 5.14
N PHE C 817 -20.80 3.27 4.14
CA PHE C 817 -21.18 4.57 3.57
C PHE C 817 -21.71 5.49 4.66
N TYR C 818 -22.61 4.96 5.50
CA TYR C 818 -23.13 5.77 6.60
C TYR C 818 -21.98 6.34 7.42
N ILE C 819 -21.05 5.46 7.81
CA ILE C 819 -19.91 5.92 8.62
C ILE C 819 -19.20 7.04 7.90
N LEU C 820 -18.92 6.85 6.61
CA LEU C 820 -18.23 7.88 5.85
C LEU C 820 -18.95 9.20 5.97
N VAL C 821 -20.26 9.21 5.67
CA VAL C 821 -20.99 10.46 5.69
C VAL C 821 -20.96 11.05 7.09
N GLY C 822 -21.14 10.20 8.10
CA GLY C 822 -21.09 10.70 9.46
C GLY C 822 -19.76 11.36 9.74
N GLY C 823 -18.67 10.71 9.36
CA GLY C 823 -17.37 11.31 9.57
C GLY C 823 -17.28 12.65 8.89
N LEU C 824 -17.72 12.73 7.64
CA LEU C 824 -17.70 13.99 6.93
C LEU C 824 -18.44 15.05 7.73
N GLY C 825 -19.67 14.74 8.15
CA GLY C 825 -20.42 15.71 8.94
C GLY C 825 -19.65 16.13 10.17
N LEU C 826 -19.12 15.14 10.90
CA LEU C 826 -18.36 15.46 12.09
C LEU C 826 -17.24 16.42 11.76
N ALA C 827 -16.48 16.11 10.71
CA ALA C 827 -15.37 16.97 10.33
C ALA C 827 -15.85 18.39 10.11
N MET C 828 -16.92 18.55 9.33
CA MET C 828 -17.43 19.88 9.05
C MET C 828 -17.77 20.59 10.35
N LEU C 829 -18.49 19.89 11.24
CA LEU C 829 -18.83 20.48 12.53
C LEU C 829 -17.58 20.98 13.22
N VAL C 830 -16.57 20.11 13.33
CA VAL C 830 -15.34 20.50 14.01
C VAL C 830 -14.78 21.76 13.38
N ALA C 831 -14.67 21.77 12.05
CA ALA C 831 -14.11 22.93 11.38
C ALA C 831 -14.90 24.17 11.74
N LEU C 832 -16.22 24.10 11.63
CA LEU C 832 -17.04 25.26 11.93
C LEU C 832 -16.81 25.71 13.35
N ILE C 833 -16.78 24.76 14.29
CA ILE C 833 -16.55 25.12 15.69
C ILE C 833 -15.24 25.88 15.81
N GLU C 834 -14.18 25.32 15.22
CA GLU C 834 -12.88 25.97 15.30
C GLU C 834 -12.97 27.38 14.74
N PHE C 835 -13.61 27.52 13.56
CA PHE C 835 -13.76 28.83 12.95
C PHE C 835 -14.43 29.79 13.93
N CYS C 836 -15.53 29.35 14.54
CA CYS C 836 -16.23 30.21 15.49
C CYS C 836 -15.31 30.61 16.63
N TYR C 837 -14.55 29.65 17.16
CA TYR C 837 -13.68 29.95 18.29
C TYR C 837 -12.64 31.00 17.91
N LYS C 838 -12.22 31.02 16.64
CA LYS C 838 -11.32 32.09 16.22
C LYS C 838 -12.08 33.39 16.05
N SER C 839 -13.27 33.33 15.43
CA SER C 839 -14.01 34.55 15.12
C SER C 839 -14.34 35.32 16.39
N ARG C 840 -14.94 34.65 17.37
CA ARG C 840 -15.19 35.29 18.66
C ARG C 840 -13.90 35.81 19.27
N ALA C 841 -12.80 35.06 19.12
CA ALA C 841 -11.52 35.54 19.61
C ALA C 841 -11.16 36.86 18.94
N GLU C 842 -11.32 36.93 17.61
CA GLU C 842 -11.09 38.19 16.91
C GLU C 842 -11.97 39.29 17.48
N ALA C 843 -13.19 38.95 17.90
CA ALA C 843 -14.04 39.93 18.56
C ALA C 843 -13.35 40.52 19.78
N LYS C 844 -12.85 39.66 20.68
CA LYS C 844 -12.13 40.20 21.82
C LYS C 844 -10.73 40.69 21.44
N ARG C 845 -10.31 40.43 20.21
CA ARG C 845 -9.10 41.04 19.67
C ARG C 845 -9.40 42.34 18.93
N MET C 846 -10.66 42.76 18.88
CA MET C 846 -11.06 44.00 18.23
C MET C 846 -11.85 44.90 19.19
N LYS C 847 -11.50 44.87 20.47
CA LYS C 847 -12.18 45.70 21.46
C LYS C 847 -11.20 46.19 22.52
N PRO D 528 -6.53 -36.34 23.01
CA PRO D 528 -6.82 -36.37 21.57
C PRO D 528 -7.64 -35.16 21.12
N GLN D 529 -7.70 -34.13 21.96
CA GLN D 529 -8.40 -32.91 21.59
C GLN D 529 -7.67 -32.20 20.46
N LYS D 530 -8.43 -31.49 19.62
CA LYS D 530 -7.85 -30.77 18.51
C LYS D 530 -6.90 -29.69 19.02
N SER D 531 -5.69 -29.65 18.46
CA SER D 531 -4.68 -28.71 18.89
C SER D 531 -4.88 -27.39 18.15
N LYS D 532 -5.16 -26.33 18.90
CA LYS D 532 -5.34 -25.02 18.31
C LYS D 532 -4.00 -24.48 17.79
N PRO D 533 -4.04 -23.55 16.83
CA PRO D 533 -2.79 -22.97 16.33
C PRO D 533 -2.02 -22.27 17.44
N GLY D 534 -0.70 -22.33 17.33
CA GLY D 534 0.17 -21.80 18.37
C GLY D 534 0.11 -20.29 18.47
N VAL D 535 0.88 -19.77 19.43
CA VAL D 535 0.95 -18.33 19.64
C VAL D 535 1.60 -17.64 18.45
N PHE D 536 2.57 -18.28 17.81
CA PHE D 536 3.25 -17.75 16.63
C PHE D 536 2.72 -18.39 15.35
N SER D 537 1.42 -18.67 15.30
CA SER D 537 0.82 -19.30 14.13
C SER D 537 0.77 -18.37 12.91
N PHE D 538 1.08 -17.09 13.08
CA PHE D 538 1.14 -16.20 11.93
C PHE D 538 2.32 -16.53 11.02
N LEU D 539 3.31 -17.28 11.51
CA LEU D 539 4.41 -17.75 10.67
C LEU D 539 4.08 -19.04 9.93
N ASP D 540 2.93 -19.65 10.21
CA ASP D 540 2.58 -20.93 9.59
C ASP D 540 2.52 -20.90 8.06
N PRO D 541 1.99 -19.87 7.39
CA PRO D 541 1.87 -19.95 5.92
C PRO D 541 3.19 -20.16 5.19
N LEU D 542 4.32 -19.78 5.78
CA LEU D 542 5.62 -19.99 5.16
C LEU D 542 6.45 -20.97 5.96
N ALA D 543 7.27 -21.74 5.27
CA ALA D 543 8.19 -22.65 5.94
C ALA D 543 9.28 -21.87 6.66
N TYR D 544 9.89 -22.53 7.65
CA TYR D 544 10.93 -21.89 8.44
C TYR D 544 12.13 -21.49 7.58
N GLU D 545 12.44 -22.29 6.56
CA GLU D 545 13.52 -21.95 5.65
C GLU D 545 13.21 -20.68 4.88
N ILE D 546 11.95 -20.49 4.49
CA ILE D 546 11.56 -19.26 3.81
C ILE D 546 11.76 -18.06 4.73
N TRP D 547 11.41 -18.19 6.01
CA TRP D 547 11.60 -17.08 6.94
C TRP D 547 13.08 -16.75 7.12
N MET D 548 13.91 -17.79 7.26
CA MET D 548 15.35 -17.55 7.39
C MET D 548 15.91 -16.87 6.15
N CYS D 549 15.50 -17.34 4.96
CA CYS D 549 15.98 -16.72 3.72
C CYS D 549 15.42 -15.31 3.54
N ILE D 550 14.23 -15.03 4.07
CA ILE D 550 13.70 -13.68 4.03
C ILE D 550 14.55 -12.75 4.88
N VAL D 551 14.94 -13.21 6.07
CA VAL D 551 15.79 -12.40 6.94
C VAL D 551 17.14 -12.15 6.26
N PHE D 552 17.73 -13.20 5.68
CA PHE D 552 19.01 -13.04 5.00
C PHE D 552 18.90 -12.13 3.79
N ALA D 553 17.83 -12.25 3.01
CA ALA D 553 17.63 -11.40 1.86
C ALA D 553 17.43 -9.95 2.28
N TYR D 554 16.69 -9.72 3.38
CA TYR D 554 16.52 -8.37 3.89
C TYR D 554 17.85 -7.75 4.28
N ILE D 555 18.67 -8.51 5.01
CA ILE D 555 19.99 -8.01 5.41
C ILE D 555 20.84 -7.70 4.19
N GLY D 556 20.87 -8.63 3.22
CA GLY D 556 21.69 -8.44 2.04
C GLY D 556 21.25 -7.25 1.21
N VAL D 557 19.93 -7.08 1.04
CA VAL D 557 19.43 -5.96 0.27
C VAL D 557 19.75 -4.64 0.97
N SER D 558 19.59 -4.58 2.29
CA SER D 558 19.93 -3.37 3.02
C SER D 558 21.41 -3.04 2.87
N VAL D 559 22.28 -4.05 2.99
CA VAL D 559 23.72 -3.83 2.89
C VAL D 559 24.09 -3.36 1.49
N VAL D 560 23.53 -3.99 0.46
CA VAL D 560 23.86 -3.61 -0.91
C VAL D 560 23.35 -2.21 -1.22
N LEU D 561 22.14 -1.87 -0.74
CA LEU D 561 21.61 -0.54 -0.95
C LEU D 561 22.50 0.52 -0.31
N PHE D 562 22.91 0.29 0.95
CA PHE D 562 23.82 1.21 1.61
C PHE D 562 25.13 1.32 0.84
N LEU D 563 25.66 0.19 0.39
CA LEU D 563 26.94 0.19 -0.32
C LEU D 563 26.86 1.01 -1.60
N VAL D 564 25.87 0.74 -2.45
CA VAL D 564 25.77 1.44 -3.72
C VAL D 564 25.36 2.90 -3.53
N SER D 565 24.78 3.24 -2.38
CA SER D 565 24.40 4.62 -2.14
C SER D 565 25.51 5.47 -1.55
N ARG D 566 26.43 4.87 -0.78
CA ARG D 566 27.35 5.65 0.03
C ARG D 566 28.84 5.43 -0.26
N PHE D 567 29.21 4.39 -0.99
CA PHE D 567 30.63 4.06 -1.12
C PHE D 567 31.39 5.10 -1.95
N SER D 568 30.77 5.61 -3.01
CA SER D 568 31.50 6.46 -3.94
C SER D 568 31.75 7.83 -3.33
N PRO D 569 32.99 8.32 -3.35
CA PRO D 569 33.24 9.69 -2.87
C PRO D 569 32.53 10.76 -3.66
N TYR D 570 32.09 10.45 -4.88
CA TYR D 570 31.38 11.41 -5.72
C TYR D 570 29.93 11.60 -5.29
N GLU D 571 29.43 10.81 -4.35
CA GLU D 571 28.14 11.05 -3.73
C GLU D 571 28.25 11.87 -2.45
N TRP D 572 29.45 12.35 -2.12
CA TRP D 572 29.69 13.11 -0.90
C TRP D 572 30.08 14.54 -1.25
N HIS D 573 29.60 15.49 -0.44
CA HIS D 573 29.89 16.90 -0.65
C HIS D 573 31.37 17.20 -0.47
N SER D 585 30.48 17.33 9.43
CA SER D 585 30.87 18.37 8.49
C SER D 585 30.37 18.03 7.09
N SER D 586 31.19 17.30 6.33
CA SER D 586 30.80 16.88 4.99
C SER D 586 29.74 15.80 5.07
N GLU D 587 28.72 15.92 4.22
CA GLU D 587 27.58 15.01 4.22
C GLU D 587 27.39 14.41 2.84
N SER D 588 26.57 13.36 2.79
CA SER D 588 26.31 12.63 1.55
C SER D 588 25.17 13.29 0.77
N THR D 589 25.20 13.08 -0.55
CA THR D 589 24.12 13.59 -1.40
C THR D 589 22.80 12.90 -1.09
N ASN D 590 22.85 11.68 -0.58
CA ASN D 590 21.65 10.91 -0.24
C ASN D 590 21.65 10.61 1.26
N GLU D 591 20.54 10.06 1.73
CA GLU D 591 20.34 9.76 3.15
C GLU D 591 20.42 8.27 3.45
N PHE D 592 21.04 7.48 2.57
CA PHE D 592 20.98 6.02 2.67
C PHE D 592 22.22 5.48 3.36
N GLY D 593 22.34 5.81 4.64
CA GLY D 593 23.26 5.10 5.51
C GLY D 593 22.73 3.70 5.80
N ILE D 594 23.52 2.93 6.55
CA ILE D 594 23.15 1.54 6.80
C ILE D 594 21.86 1.46 7.62
N PHE D 595 21.73 2.31 8.64
CA PHE D 595 20.50 2.33 9.44
C PHE D 595 19.30 2.74 8.58
N ASN D 596 19.47 3.78 7.78
CA ASN D 596 18.38 4.23 6.91
C ASN D 596 18.08 3.21 5.82
N SER D 597 19.11 2.52 5.31
CA SER D 597 18.86 1.47 4.33
C SER D 597 18.07 0.32 4.93
N LEU D 598 18.41 -0.08 6.16
CA LEU D 598 17.64 -1.10 6.85
C LEU D 598 16.20 -0.65 7.06
N TRP D 599 16.00 0.61 7.45
CA TRP D 599 14.67 1.14 7.65
C TRP D 599 13.86 1.14 6.36
N PHE D 600 14.48 1.58 5.26
CA PHE D 600 13.80 1.60 3.96
C PHE D 600 13.44 0.18 3.51
N SER D 601 14.36 -0.77 3.70
CA SER D 601 14.09 -2.14 3.29
C SER D 601 12.96 -2.76 4.12
N LEU D 602 12.96 -2.50 5.44
CA LEU D 602 11.88 -2.98 6.28
C LEU D 602 10.54 -2.37 5.86
N GLY D 603 10.53 -1.06 5.58
CA GLY D 603 9.31 -0.43 5.12
C GLY D 603 8.81 -0.98 3.81
N ALA D 604 9.71 -1.22 2.86
CA ALA D 604 9.33 -1.79 1.58
C ALA D 604 8.74 -3.19 1.78
N PHE D 605 9.36 -4.00 2.64
CA PHE D 605 8.84 -5.34 2.87
C PHE D 605 7.50 -5.32 3.61
N MET D 606 7.27 -4.32 4.47
CA MET D 606 6.04 -4.23 5.24
C MET D 606 4.92 -3.53 4.48
N GLN D 607 5.13 -3.21 3.20
CA GLN D 607 4.12 -2.52 2.38
C GLN D 607 3.75 -1.17 2.98
N GLN D 608 4.75 -0.45 3.49
CA GLN D 608 4.50 0.81 4.18
C GLN D 608 5.18 1.99 3.50
N GLY D 609 6.47 1.90 3.23
CA GLY D 609 7.23 3.03 2.73
C GLY D 609 7.73 3.92 3.86
N CYS D 610 8.65 4.82 3.50
N CYS D 610 8.65 4.82 3.49
CA CYS D 610 9.26 5.73 4.46
CA CYS D 610 9.29 5.71 4.45
C CYS D 610 9.42 7.09 3.80
C CYS D 610 9.41 7.09 3.82
N ASP D 611 10.21 7.95 4.43
CA ASP D 611 10.40 9.32 3.96
C ASP D 611 11.52 9.47 2.95
N ILE D 612 12.20 8.38 2.58
CA ILE D 612 13.30 8.45 1.61
C ILE D 612 13.10 7.37 0.55
N SER D 613 13.74 7.59 -0.60
CA SER D 613 13.69 6.69 -1.73
C SER D 613 14.99 6.83 -2.50
N PRO D 614 15.56 5.73 -3.00
CA PRO D 614 16.82 5.83 -3.74
C PRO D 614 16.64 6.65 -5.02
N ARG D 615 17.68 7.42 -5.35
CA ARG D 615 17.66 8.27 -6.53
C ARG D 615 18.60 7.82 -7.63
N SER D 616 19.68 7.13 -7.29
CA SER D 616 20.66 6.69 -8.28
C SER D 616 20.15 5.45 -9.02
N LEU D 617 20.83 5.14 -10.12
CA LEU D 617 20.47 3.95 -10.91
C LEU D 617 20.72 2.67 -10.11
N SER D 618 21.88 2.57 -9.47
CA SER D 618 22.20 1.37 -8.72
C SER D 618 21.28 1.19 -7.52
N GLY D 619 20.98 2.29 -6.81
CA GLY D 619 20.07 2.19 -5.68
C GLY D 619 18.65 1.84 -6.11
N ARG D 620 18.22 2.39 -7.25
CA ARG D 620 16.87 2.08 -7.73
C ARG D 620 16.75 0.67 -8.26
N ILE D 621 17.84 0.09 -8.77
CA ILE D 621 17.81 -1.32 -9.15
C ILE D 621 17.60 -2.19 -7.91
N VAL D 622 18.33 -1.91 -6.84
CA VAL D 622 18.15 -2.62 -5.58
C VAL D 622 16.71 -2.45 -5.09
N GLY D 623 16.22 -1.22 -5.09
CA GLY D 623 14.88 -0.96 -4.61
C GLY D 623 13.81 -1.67 -5.42
N GLY D 624 13.94 -1.63 -6.75
CA GLY D 624 12.95 -2.28 -7.60
C GLY D 624 12.95 -3.79 -7.47
N VAL D 625 14.14 -4.39 -7.40
CA VAL D 625 14.19 -5.84 -7.26
C VAL D 625 13.68 -6.27 -5.88
N TRP D 626 13.97 -5.49 -4.84
CA TRP D 626 13.41 -5.77 -3.53
C TRP D 626 11.90 -5.56 -3.51
N TRP D 627 11.39 -4.59 -4.27
CA TRP D 627 9.96 -4.38 -4.39
C TRP D 627 9.28 -5.57 -5.05
N PHE D 628 9.88 -6.09 -6.13
CA PHE D 628 9.33 -7.28 -6.78
C PHE D 628 9.33 -8.48 -5.85
N PHE D 629 10.45 -8.68 -5.13
CA PHE D 629 10.53 -9.75 -4.15
C PHE D 629 9.45 -9.60 -3.08
N THR D 630 9.27 -8.38 -2.59
CA THR D 630 8.26 -8.13 -1.56
C THR D 630 6.86 -8.41 -2.09
N LEU D 631 6.56 -7.97 -3.30
CA LEU D 631 5.24 -8.25 -3.88
C LEU D 631 4.98 -9.74 -3.92
N ILE D 632 5.91 -10.51 -4.49
CA ILE D 632 5.72 -11.95 -4.61
C ILE D 632 5.55 -12.59 -3.23
N ILE D 633 6.47 -12.30 -2.31
CA ILE D 633 6.50 -12.98 -1.02
C ILE D 633 5.29 -12.60 -0.19
N ILE D 634 4.92 -11.32 -0.16
CA ILE D 634 3.80 -10.88 0.66
C ILE D 634 2.48 -11.41 0.10
N SER D 635 2.33 -11.42 -1.23
CA SER D 635 1.12 -12.00 -1.80
C SER D 635 1.01 -13.48 -1.44
N SER D 636 2.12 -14.23 -1.57
CA SER D 636 2.09 -15.64 -1.24
C SER D 636 1.78 -15.87 0.24
N TYR D 637 2.33 -15.02 1.11
CA TYR D 637 2.12 -15.18 2.55
C TYR D 637 0.70 -14.85 2.95
N THR D 638 0.14 -13.78 2.41
CA THR D 638 -1.18 -13.31 2.83
C THR D 638 -2.32 -13.95 2.04
N ALA D 639 -2.02 -14.81 1.07
CA ALA D 639 -3.08 -15.52 0.38
C ALA D 639 -4.04 -16.23 1.33
N ASN D 640 -3.51 -17.01 2.27
CA ASN D 640 -4.33 -17.89 3.10
C ASN D 640 -4.00 -17.73 4.58
N LEU D 641 -3.71 -16.50 5.00
CA LEU D 641 -3.26 -16.26 6.37
C LEU D 641 -4.33 -16.60 7.40
N ALA D 642 -5.57 -16.16 7.16
CA ALA D 642 -6.64 -16.40 8.13
C ALA D 642 -6.92 -17.89 8.26
N ALA D 643 -6.90 -18.62 7.14
CA ALA D 643 -7.07 -20.07 7.19
C ALA D 643 -5.92 -20.72 7.97
N PHE D 644 -4.70 -20.20 7.81
CA PHE D 644 -3.58 -20.74 8.57
C PHE D 644 -3.69 -20.42 10.06
N LEU D 645 -4.40 -19.35 10.42
CA LEU D 645 -4.49 -18.94 11.82
C LEU D 645 -5.52 -19.73 12.61
N THR D 646 -6.32 -20.58 11.98
CA THR D 646 -7.39 -21.29 12.67
C THR D 646 -7.34 -22.79 12.40
N VAL D 647 -6.16 -23.33 12.11
CA VAL D 647 -6.02 -24.76 11.81
C VAL D 647 -6.04 -25.54 13.12
N GLU D 648 -7.14 -26.24 13.38
CA GLU D 648 -7.20 -27.17 14.50
C GLU D 648 -6.62 -28.51 14.07
N ARG D 649 -5.57 -28.96 14.75
CA ARG D 649 -4.83 -30.15 14.37
C ARG D 649 -5.05 -31.26 15.39
N MET D 650 -5.07 -32.50 14.90
CA MET D 650 -5.20 -33.68 15.75
C MET D 650 -3.81 -34.22 16.05
N VAL D 651 -3.36 -34.04 17.29
CA VAL D 651 -2.05 -34.51 17.69
C VAL D 651 -2.17 -35.56 18.79
N THR D 805 -17.11 -21.01 7.44
CA THR D 805 -16.39 -19.77 7.67
C THR D 805 -16.81 -19.13 8.98
N SER D 806 -15.84 -18.78 9.82
CA SER D 806 -16.09 -18.16 11.10
C SER D 806 -15.15 -16.98 11.31
N ALA D 807 -15.58 -16.06 12.17
CA ALA D 807 -14.77 -14.89 12.49
C ALA D 807 -13.50 -15.31 13.21
N LEU D 808 -12.41 -14.60 12.93
CA LEU D 808 -11.17 -14.81 13.67
C LEU D 808 -11.37 -14.35 15.11
N SER D 809 -10.86 -15.15 16.05
CA SER D 809 -10.95 -14.83 17.47
C SER D 809 -9.67 -14.16 17.94
N LEU D 810 -9.76 -13.49 19.10
CA LEU D 810 -8.60 -12.79 19.63
C LEU D 810 -7.46 -13.76 19.93
N SER D 811 -7.79 -14.94 20.47
CA SER D 811 -6.77 -15.96 20.73
C SER D 811 -5.95 -16.24 19.48
N ASN D 812 -6.63 -16.40 18.34
CA ASN D 812 -5.95 -16.71 17.09
C ASN D 812 -4.94 -15.64 16.69
N VAL D 813 -5.06 -14.43 17.21
CA VAL D 813 -4.10 -13.37 16.92
C VAL D 813 -3.44 -12.84 18.19
N ALA D 814 -3.59 -13.55 19.31
CA ALA D 814 -3.03 -13.06 20.56
C ALA D 814 -1.53 -12.85 20.47
N GLY D 815 -0.83 -13.78 19.79
CA GLY D 815 0.60 -13.64 19.63
C GLY D 815 1.01 -12.39 18.88
N VAL D 816 0.15 -11.90 17.99
CA VAL D 816 0.43 -10.65 17.30
C VAL D 816 0.44 -9.49 18.30
N PHE D 817 -0.47 -9.52 19.26
CA PHE D 817 -0.56 -8.43 20.23
C PHE D 817 0.62 -8.43 21.19
N TYR D 818 0.94 -9.61 21.74
CA TYR D 818 2.04 -9.70 22.70
C TYR D 818 3.31 -9.11 22.13
N ILE D 819 3.70 -9.56 20.94
CA ILE D 819 4.90 -9.04 20.30
C ILE D 819 4.83 -7.53 20.21
N LEU D 820 3.68 -7.02 19.74
CA LEU D 820 3.52 -5.58 19.63
C LEU D 820 3.82 -4.91 20.96
N VAL D 821 3.16 -5.37 22.03
CA VAL D 821 3.39 -4.77 23.33
C VAL D 821 4.84 -4.93 23.73
N GLY D 822 5.40 -6.13 23.52
CA GLY D 822 6.80 -6.33 23.79
C GLY D 822 7.66 -5.29 23.11
N GLY D 823 7.41 -5.08 21.82
CA GLY D 823 8.16 -4.08 21.09
C GLY D 823 8.05 -2.71 21.73
N LEU D 824 6.81 -2.32 22.08
CA LEU D 824 6.61 -1.05 22.73
C LEU D 824 7.47 -0.96 23.98
N GLY D 825 7.39 -1.99 24.84
CA GLY D 825 8.20 -1.99 26.05
C GLY D 825 9.67 -1.86 25.71
N LEU D 826 10.12 -2.68 24.75
CA LEU D 826 11.52 -2.61 24.35
C LEU D 826 11.89 -1.19 23.94
N ALA D 827 11.07 -0.59 23.08
CA ALA D 827 11.38 0.75 22.62
C ALA D 827 11.46 1.71 23.79
N MET D 828 10.50 1.62 24.72
CA MET D 828 10.53 2.47 25.89
C MET D 828 11.87 2.32 26.60
N LEU D 829 12.24 1.07 26.90
CA LEU D 829 13.51 0.82 27.56
C LEU D 829 14.64 1.51 26.82
N VAL D 830 14.70 1.29 25.50
CA VAL D 830 15.79 1.87 24.72
C VAL D 830 15.81 3.37 24.89
N ALA D 831 14.65 4.01 24.70
CA ALA D 831 14.58 5.45 24.85
C ALA D 831 15.09 5.87 26.22
N LEU D 832 14.57 5.22 27.26
CA LEU D 832 14.98 5.58 28.61
C LEU D 832 16.50 5.46 28.76
N ILE D 833 17.06 4.35 28.27
CA ILE D 833 18.50 4.15 28.40
C ILE D 833 19.24 5.32 27.77
N GLU D 834 18.84 5.67 26.54
CA GLU D 834 19.51 6.79 25.86
C GLU D 834 19.46 8.02 26.73
N PHE D 835 18.26 8.37 27.22
CA PHE D 835 18.12 9.54 28.07
C PHE D 835 19.09 9.46 29.24
N CYS D 836 19.08 8.33 29.96
CA CYS D 836 19.97 8.18 31.10
C CYS D 836 21.41 8.40 30.67
N TYR D 837 21.83 7.74 29.59
CA TYR D 837 23.19 7.91 29.12
C TYR D 837 23.50 9.38 28.90
N LYS D 838 22.63 10.07 28.15
CA LYS D 838 22.89 11.47 27.87
C LYS D 838 22.96 12.27 29.15
N SER D 839 22.05 11.98 30.10
CA SER D 839 22.08 12.69 31.37
C SER D 839 23.46 12.55 32.01
N ARG D 840 23.97 11.32 32.06
CA ARG D 840 25.30 11.10 32.63
C ARG D 840 26.32 11.96 31.91
N ALA D 841 26.28 11.96 30.57
CA ALA D 841 27.23 12.75 29.81
C ALA D 841 27.11 14.22 30.18
N GLU D 842 25.89 14.72 30.34
CA GLU D 842 25.70 16.11 30.72
C GLU D 842 26.35 16.39 32.06
N ALA D 843 26.23 15.45 33.01
CA ALA D 843 26.92 15.60 34.28
C ALA D 843 28.42 15.71 34.07
N LYS D 844 28.97 14.86 33.20
CA LYS D 844 30.40 14.96 32.89
C LYS D 844 30.73 16.26 32.19
N ARG D 845 29.75 16.86 31.49
CA ARG D 845 29.96 18.16 30.90
C ARG D 845 29.72 19.29 31.88
N MET D 846 29.09 19.02 33.03
CA MET D 846 28.81 20.04 34.03
C MET D 846 29.90 20.15 35.07
N LYS D 847 30.90 19.27 35.06
CA LYS D 847 31.97 19.29 36.03
C LYS D 847 33.25 19.87 35.44
N ASP E 5 25.73 15.57 -27.41
CA ASP E 5 25.99 15.97 -28.78
C ASP E 5 24.69 16.03 -29.59
N ARG E 6 24.38 17.23 -30.10
CA ARG E 6 23.15 17.40 -30.88
C ARG E 6 23.18 16.55 -32.16
N GLY E 7 24.32 16.53 -32.84
CA GLY E 7 24.42 15.73 -34.05
C GLY E 7 24.29 14.24 -33.78
N VAL E 8 24.95 13.76 -32.72
CA VAL E 8 24.85 12.35 -32.36
C VAL E 8 23.42 12.00 -31.97
N GLN E 9 22.76 12.87 -31.19
CA GLN E 9 21.37 12.62 -30.80
C GLN E 9 20.46 12.58 -32.02
N MET E 10 20.66 13.50 -32.97
CA MET E 10 19.85 13.50 -34.19
C MET E 10 20.08 12.23 -35.01
N LEU E 11 21.35 11.81 -35.11
CA LEU E 11 21.66 10.59 -35.85
C LEU E 11 21.02 9.37 -35.20
N LEU E 12 21.08 9.29 -33.87
CA LEU E 12 20.45 8.18 -33.16
C LEU E 12 18.95 8.19 -33.34
N THR E 13 18.33 9.37 -33.27
CA THR E 13 16.89 9.48 -33.49
C THR E 13 16.52 9.01 -34.90
N THR E 14 17.27 9.43 -35.91
CA THR E 14 16.97 9.05 -37.28
C THR E 14 17.13 7.54 -37.47
N VAL E 15 18.24 6.98 -36.95
CA VAL E 15 18.49 5.55 -37.11
C VAL E 15 17.41 4.74 -36.41
N GLY E 16 17.03 5.14 -35.19
CA GLY E 16 15.98 4.43 -34.48
C GLY E 16 14.64 4.54 -35.17
N ALA E 17 14.32 5.72 -35.71
CA ALA E 17 13.08 5.88 -36.45
C ALA E 17 13.02 4.95 -37.65
N PHE E 18 14.11 4.90 -38.43
CA PHE E 18 14.15 4.01 -39.58
C PHE E 18 14.03 2.56 -39.16
N ALA E 19 14.75 2.17 -38.10
CA ALA E 19 14.72 0.79 -37.64
C ALA E 19 13.32 0.38 -37.17
N ALA E 20 12.67 1.25 -36.38
CA ALA E 20 11.32 0.93 -35.91
C ALA E 20 10.33 0.85 -37.06
N PHE E 21 10.42 1.78 -38.01
CA PHE E 21 9.54 1.74 -39.17
C PHE E 21 9.74 0.45 -39.96
N SER E 22 11.01 0.06 -40.17
CA SER E 22 11.29 -1.17 -40.91
C SER E 22 10.78 -2.40 -40.17
N LEU E 23 10.95 -2.43 -38.84
CA LEU E 23 10.51 -3.58 -38.07
C LEU E 23 8.99 -3.72 -38.12
N MET E 24 8.26 -2.61 -37.94
CA MET E 24 6.80 -2.69 -38.03
C MET E 24 6.32 -3.02 -39.45
N THR E 25 6.99 -2.48 -40.48
CA THR E 25 6.61 -2.80 -41.84
C THR E 25 6.82 -4.28 -42.14
N ILE E 26 7.95 -4.84 -41.70
CA ILE E 26 8.20 -6.26 -41.89
C ILE E 26 7.20 -7.09 -41.12
N ALA E 27 6.90 -6.70 -39.88
CA ALA E 27 5.95 -7.46 -39.07
C ALA E 27 4.56 -7.47 -39.70
N VAL E 28 4.13 -6.33 -40.23
CA VAL E 28 2.81 -6.25 -40.86
C VAL E 28 2.75 -7.13 -42.11
N GLY E 29 3.80 -7.09 -42.92
CA GLY E 29 3.81 -7.80 -44.19
C GLY E 29 4.22 -9.25 -44.18
N THR E 30 4.74 -9.76 -43.06
CA THR E 30 5.20 -11.13 -42.99
C THR E 30 4.16 -12.02 -42.33
N ASP E 31 4.33 -13.33 -42.51
CA ASP E 31 3.38 -14.34 -42.06
C ASP E 31 3.98 -15.25 -41.00
N TYR E 32 4.69 -14.68 -40.04
CA TYR E 32 5.31 -15.45 -38.96
C TYR E 32 4.95 -14.85 -37.61
N TRP E 33 3.68 -14.47 -37.43
CA TRP E 33 3.24 -13.92 -36.14
C TRP E 33 3.05 -15.02 -35.11
N LEU E 34 2.51 -16.17 -35.52
CA LEU E 34 2.14 -17.23 -34.59
C LEU E 34 2.42 -18.59 -35.22
N TYR E 35 2.72 -19.57 -34.37
CA TYR E 35 2.81 -20.97 -34.77
C TYR E 35 1.72 -21.75 -34.08
N SER E 36 0.92 -22.47 -34.85
CA SER E 36 -0.21 -23.21 -34.28
C SER E 36 -0.47 -24.44 -35.14
N ARG E 37 -1.63 -25.06 -34.92
CA ARG E 37 -2.06 -26.22 -35.68
C ARG E 37 -3.30 -25.86 -36.49
N GLY E 38 -3.25 -26.11 -37.79
CA GLY E 38 -4.38 -25.75 -38.63
C GLY E 38 -4.21 -26.31 -40.02
N VAL E 39 -5.11 -25.88 -40.91
CA VAL E 39 -5.13 -26.31 -42.30
C VAL E 39 -4.93 -25.10 -43.19
N CYS E 40 -4.05 -25.24 -44.19
CA CYS E 40 -3.81 -24.20 -45.17
C CYS E 40 -4.55 -24.43 -46.47
N LYS E 41 -5.45 -25.41 -46.52
CA LYS E 41 -6.24 -25.71 -47.71
C LYS E 41 -7.71 -25.51 -47.37
N THR E 42 -8.41 -24.76 -48.23
CA THR E 42 -9.83 -24.47 -48.06
C THR E 42 -10.14 -23.89 -46.68
N GLU E 56 -5.27 -30.68 -39.94
CA GLU E 56 -4.52 -30.17 -38.79
C GLU E 56 -3.04 -30.49 -38.94
N VAL E 57 -2.20 -29.45 -38.95
CA VAL E 57 -0.77 -29.62 -39.15
C VAL E 57 -0.07 -28.37 -38.63
N MET E 58 1.22 -28.49 -38.36
CA MET E 58 2.02 -27.35 -37.91
C MET E 58 2.03 -26.25 -38.95
N THR E 59 1.58 -25.06 -38.56
CA THR E 59 1.43 -23.95 -39.49
C THR E 59 1.90 -22.67 -38.83
N HIS E 60 2.28 -21.70 -39.67
CA HIS E 60 2.67 -20.37 -39.23
C HIS E 60 1.74 -19.35 -39.85
N SER E 61 1.28 -18.41 -39.04
CA SER E 61 0.31 -17.42 -39.46
C SER E 61 0.83 -16.02 -39.18
N GLY E 62 0.38 -15.07 -39.99
CA GLY E 62 0.67 -13.67 -39.75
C GLY E 62 -0.60 -12.89 -39.50
N LEU E 63 -0.69 -11.69 -40.05
CA LEU E 63 -1.90 -10.89 -39.94
C LEU E 63 -2.92 -11.18 -41.04
N TRP E 64 -2.50 -11.76 -42.15
CA TRP E 64 -3.41 -11.94 -43.28
C TRP E 64 -3.51 -13.38 -43.76
N ARG E 65 -2.42 -14.15 -43.77
CA ARG E 65 -2.42 -15.48 -44.35
C ARG E 65 -1.76 -16.49 -43.41
N THR E 66 -2.12 -17.75 -43.60
CA THR E 66 -1.57 -18.88 -42.86
C THR E 66 -0.95 -19.86 -43.84
N CYS E 67 0.25 -20.34 -43.52
CA CYS E 67 1.00 -21.25 -44.38
C CYS E 67 1.43 -22.48 -43.59
N CYS E 68 1.22 -23.65 -44.18
CA CYS E 68 1.64 -24.89 -43.54
C CYS E 68 3.16 -24.99 -43.51
N LEU E 69 3.70 -25.54 -42.41
CA LEU E 69 5.13 -25.70 -42.25
C LEU E 69 5.62 -27.11 -42.53
N GLU E 70 4.79 -28.12 -42.31
CA GLU E 70 5.18 -29.51 -42.51
C GLU E 70 4.06 -30.25 -43.21
N GLY E 71 4.29 -31.54 -43.46
CA GLY E 71 3.32 -32.35 -44.15
C GLY E 71 3.42 -32.22 -45.66
N ASN E 72 2.40 -32.77 -46.33
CA ASN E 72 2.38 -32.77 -47.79
C ASN E 72 2.04 -31.39 -48.35
N PHE E 73 1.25 -30.60 -47.63
CA PHE E 73 0.81 -29.28 -48.10
C PHE E 73 1.73 -28.16 -47.67
N LYS E 74 3.02 -28.45 -47.47
CA LYS E 74 3.95 -27.43 -47.02
C LYS E 74 4.11 -26.34 -48.06
N GLY E 75 4.16 -25.09 -47.59
CA GLY E 75 4.39 -23.95 -48.45
C GLY E 75 3.16 -23.33 -49.08
N LEU E 76 1.97 -23.86 -48.82
CA LEU E 76 0.73 -23.33 -49.39
C LEU E 76 0.11 -22.35 -48.41
N CYS E 77 -0.17 -21.14 -48.88
CA CYS E 77 -0.72 -20.08 -48.05
C CYS E 77 -2.19 -19.84 -48.37
N LYS E 78 -2.99 -19.68 -47.33
CA LYS E 78 -4.42 -19.43 -47.44
C LYS E 78 -4.77 -18.19 -46.63
N GLN E 79 -5.64 -17.34 -47.20
CA GLN E 79 -6.06 -16.13 -46.50
C GLN E 79 -6.80 -16.48 -45.23
N ILE E 80 -6.55 -15.69 -44.17
CA ILE E 80 -7.17 -15.96 -42.88
C ILE E 80 -8.66 -15.66 -42.95
N ASP E 81 -9.47 -16.59 -42.43
CA ASP E 81 -10.91 -16.39 -42.36
C ASP E 81 -11.20 -15.52 -41.15
N HIS E 82 -11.31 -14.20 -41.39
CA HIS E 82 -11.50 -13.26 -40.30
C HIS E 82 -12.93 -13.29 -39.76
N PHE E 83 -13.91 -13.67 -40.59
CA PHE E 83 -15.30 -13.79 -40.18
C PHE E 83 -15.80 -15.17 -40.57
N PRO E 84 -15.37 -16.22 -39.88
CA PRO E 84 -15.80 -17.57 -40.24
C PRO E 84 -17.30 -17.75 -40.05
N GLU E 85 -17.90 -18.52 -40.96
CA GLU E 85 -19.33 -18.82 -40.90
C GLU E 85 -19.59 -20.33 -40.85
N ASP E 86 -18.58 -21.11 -40.48
CA ASP E 86 -18.72 -22.56 -40.39
C ASP E 86 -18.71 -23.05 -38.95
N ALA E 87 -17.69 -22.70 -38.18
CA ALA E 87 -17.59 -23.09 -36.78
C ALA E 87 -18.02 -21.98 -35.82
N ASP E 88 -18.44 -20.83 -36.35
CA ASP E 88 -18.88 -19.72 -35.51
C ASP E 88 -20.29 -19.25 -35.81
N TYR E 89 -20.68 -19.22 -37.09
CA TYR E 89 -22.00 -18.78 -37.55
C TYR E 89 -22.45 -17.52 -36.80
N GLU E 90 -21.69 -16.45 -37.00
CA GLU E 90 -21.96 -15.13 -36.44
C GLU E 90 -21.81 -15.13 -34.91
N ALA E 91 -21.80 -13.94 -34.31
CA ALA E 91 -21.60 -13.80 -32.88
C ALA E 91 -22.15 -12.46 -32.43
N ASP E 92 -21.78 -12.05 -31.22
CA ASP E 92 -22.28 -10.81 -30.64
C ASP E 92 -21.67 -9.60 -31.35
N THR E 93 -22.26 -8.43 -31.08
CA THR E 93 -21.81 -7.19 -31.71
C THR E 93 -20.38 -6.84 -31.30
N ALA E 94 -20.07 -6.97 -30.00
CA ALA E 94 -18.72 -6.63 -29.54
C ALA E 94 -17.69 -7.59 -30.10
N GLU E 95 -18.03 -8.87 -30.18
CA GLU E 95 -17.13 -9.85 -30.78
C GLU E 95 -16.91 -9.55 -32.26
N TYR E 96 -17.97 -9.14 -32.96
CA TYR E 96 -17.82 -8.74 -34.36
C TYR E 96 -16.95 -7.51 -34.49
N PHE E 97 -17.09 -6.56 -33.58
CA PHE E 97 -16.24 -5.36 -33.60
C PHE E 97 -14.77 -5.73 -33.40
N LEU E 98 -14.50 -6.64 -32.46
CA LEU E 98 -13.14 -7.09 -32.25
C LEU E 98 -12.59 -7.80 -33.49
N ARG E 99 -13.41 -8.64 -34.12
CA ARG E 99 -12.98 -9.29 -35.35
C ARG E 99 -12.72 -8.29 -36.47
N ALA E 100 -13.55 -7.25 -36.58
CA ALA E 100 -13.33 -6.24 -37.61
C ALA E 100 -12.04 -5.48 -37.37
N VAL E 101 -11.78 -5.11 -36.12
CA VAL E 101 -10.53 -4.41 -35.80
C VAL E 101 -9.33 -5.31 -36.10
N ARG E 102 -9.43 -6.60 -35.75
CA ARG E 102 -8.34 -7.53 -36.06
C ARG E 102 -8.14 -7.71 -37.56
N ALA E 103 -9.24 -7.84 -38.31
CA ALA E 103 -9.15 -8.09 -39.74
C ALA E 103 -8.56 -6.89 -40.48
N SER E 104 -9.02 -5.68 -40.15
CA SER E 104 -8.47 -4.50 -40.77
C SER E 104 -7.00 -4.29 -40.43
N SER E 105 -6.54 -4.85 -39.31
CA SER E 105 -5.20 -4.60 -38.78
C SER E 105 -4.96 -3.09 -38.68
N ILE E 106 -5.99 -2.38 -38.22
CA ILE E 106 -5.99 -0.92 -38.28
C ILE E 106 -4.91 -0.35 -37.38
N PHE E 107 -4.64 -0.98 -36.25
CA PHE E 107 -3.69 -0.40 -35.30
C PHE E 107 -2.24 -0.68 -35.68
N PRO E 108 -1.86 -1.89 -36.14
CA PRO E 108 -0.50 -2.04 -36.70
C PRO E 108 -0.23 -1.14 -37.89
N ILE E 109 -1.22 -0.98 -38.78
CA ILE E 109 -1.04 -0.11 -39.94
C ILE E 109 -0.97 1.35 -39.50
N LEU E 110 -1.75 1.72 -38.49
CA LEU E 110 -1.66 3.07 -37.92
C LEU E 110 -0.29 3.31 -37.30
N SER E 111 0.26 2.30 -36.62
CA SER E 111 1.61 2.42 -36.08
C SER E 111 2.63 2.62 -37.19
N VAL E 112 2.49 1.88 -38.29
CA VAL E 112 3.39 2.07 -39.44
C VAL E 112 3.28 3.50 -39.97
N ILE E 113 2.05 3.99 -40.12
CA ILE E 113 1.84 5.32 -40.67
C ILE E 113 2.40 6.38 -39.74
N LEU E 114 2.21 6.21 -38.43
CA LEU E 114 2.71 7.19 -37.47
C LEU E 114 4.24 7.19 -37.44
N LEU E 115 4.87 6.01 -37.54
CA LEU E 115 6.32 5.96 -37.62
C LEU E 115 6.83 6.65 -38.87
N PHE E 116 6.17 6.41 -40.01
CA PHE E 116 6.54 7.07 -41.25
C PHE E 116 6.40 8.58 -41.14
N MET E 117 5.31 9.05 -40.54
CA MET E 117 5.08 10.48 -40.42
C MET E 117 6.06 11.12 -39.44
N GLY E 118 6.46 10.39 -38.39
CA GLY E 118 7.51 10.88 -37.52
C GLY E 118 8.85 10.99 -38.22
N GLY E 119 9.18 10.02 -39.07
CA GLY E 119 10.38 10.13 -39.87
C GLY E 119 10.35 11.31 -40.82
N LEU E 120 9.20 11.54 -41.46
CA LEU E 120 9.06 12.71 -42.32
C LEU E 120 9.18 14.01 -41.54
N CYS E 121 8.65 14.03 -40.30
CA CYS E 121 8.85 15.19 -39.44
C CYS E 121 10.32 15.40 -39.13
N ILE E 122 11.06 14.32 -38.87
CA ILE E 122 12.49 14.42 -38.61
C ILE E 122 13.19 15.04 -39.81
N ALA E 123 12.87 14.56 -41.01
CA ALA E 123 13.49 15.11 -42.22
C ALA E 123 13.11 16.59 -42.42
N ALA E 124 11.84 16.91 -42.20
CA ALA E 124 11.40 18.30 -42.38
C ALA E 124 12.13 19.23 -41.42
N SER E 125 12.28 18.81 -40.17
CA SER E 125 13.09 19.58 -39.23
C SER E 125 14.55 19.64 -39.67
N GLU E 126 15.03 18.60 -40.34
CA GLU E 126 16.39 18.63 -40.85
C GLU E 126 16.57 19.74 -41.88
N PHE E 127 15.57 19.96 -42.73
CA PHE E 127 15.64 21.11 -43.63
C PHE E 127 14.78 22.29 -43.17
N TYR E 128 14.34 22.29 -41.90
CA TYR E 128 13.72 23.47 -41.28
C TYR E 128 14.32 23.60 -39.88
N LYS E 129 15.44 24.33 -39.79
CA LYS E 129 16.16 24.42 -38.53
C LYS E 129 15.46 25.33 -37.52
N THR E 130 14.79 26.38 -38.01
CA THR E 130 14.17 27.34 -37.09
C THR E 130 12.89 26.82 -36.46
N ARG E 131 12.20 25.88 -37.12
CA ARG E 131 10.93 25.39 -36.63
C ARG E 131 11.17 24.29 -35.59
N HIS E 132 10.99 24.64 -34.31
CA HIS E 132 11.22 23.68 -33.24
C HIS E 132 10.05 22.73 -33.04
N ASN E 133 8.83 23.16 -33.35
CA ASN E 133 7.66 22.32 -33.13
C ASN E 133 7.65 21.07 -33.99
N ILE E 134 8.49 21.01 -35.02
CA ILE E 134 8.57 19.80 -35.85
C ILE E 134 9.21 18.66 -35.04
N ILE E 135 10.20 18.97 -34.20
CA ILE E 135 10.75 17.98 -33.29
C ILE E 135 9.67 17.44 -32.36
N LEU E 136 8.86 18.35 -31.81
CA LEU E 136 7.78 17.93 -30.93
C LEU E 136 6.78 17.05 -31.67
N SER E 137 6.46 17.41 -32.92
CA SER E 137 5.55 16.60 -33.71
C SER E 137 6.11 15.22 -33.96
N ALA E 138 7.41 15.12 -34.24
CA ALA E 138 8.04 13.82 -34.43
C ALA E 138 7.95 12.98 -33.16
N GLY E 139 8.24 13.59 -32.00
CA GLY E 139 8.13 12.86 -30.75
C GLY E 139 6.73 12.37 -30.46
N ILE E 140 5.73 13.23 -30.71
CA ILE E 140 4.34 12.84 -30.51
C ILE E 140 3.97 11.70 -31.44
N PHE E 141 4.40 11.79 -32.71
CA PHE E 141 4.09 10.73 -33.67
C PHE E 141 4.69 9.40 -33.24
N PHE E 142 5.94 9.41 -32.76
CA PHE E 142 6.57 8.16 -32.35
C PHE E 142 5.91 7.57 -31.11
N VAL E 143 5.56 8.42 -30.13
CA VAL E 143 4.89 7.93 -28.93
C VAL E 143 3.52 7.35 -29.29
N SER E 144 2.78 8.03 -30.16
CA SER E 144 1.48 7.52 -30.60
C SER E 144 1.64 6.22 -31.39
N ALA E 145 2.72 6.11 -32.17
CA ALA E 145 2.98 4.86 -32.89
C ALA E 145 3.21 3.72 -31.92
N GLY E 146 3.95 3.96 -30.84
CA GLY E 146 4.10 2.93 -29.82
C GLY E 146 2.79 2.56 -29.16
N LEU E 147 1.95 3.54 -28.85
CA LEU E 147 0.66 3.24 -28.25
C LEU E 147 -0.22 2.44 -29.21
N SER E 148 -0.20 2.78 -30.49
CA SER E 148 -0.93 2.02 -31.49
C SER E 148 -0.36 0.60 -31.61
N ASN E 149 0.95 0.45 -31.47
CA ASN E 149 1.56 -0.87 -31.42
C ASN E 149 1.00 -1.69 -30.27
N ILE E 150 0.89 -1.08 -29.10
CA ILE E 150 0.36 -1.77 -27.92
C ILE E 150 -1.08 -2.21 -28.18
N ILE E 151 -1.90 -1.30 -28.71
CA ILE E 151 -3.30 -1.63 -28.97
C ILE E 151 -3.42 -2.75 -30.00
N GLY E 152 -2.63 -2.68 -31.06
CA GLY E 152 -2.66 -3.73 -32.07
C GLY E 152 -2.24 -5.07 -31.54
N ILE E 153 -1.22 -5.09 -30.67
CA ILE E 153 -0.77 -6.34 -30.06
C ILE E 153 -1.88 -6.93 -29.21
N ILE E 154 -2.51 -6.11 -28.38
CA ILE E 154 -3.58 -6.61 -27.51
C ILE E 154 -4.74 -7.11 -28.33
N VAL E 155 -5.11 -6.38 -29.38
CA VAL E 155 -6.21 -6.79 -30.25
C VAL E 155 -5.91 -8.12 -30.92
N TYR E 156 -4.67 -8.28 -31.43
CA TYR E 156 -4.30 -9.51 -32.09
C TYR E 156 -4.34 -10.70 -31.14
N ILE E 157 -3.77 -10.53 -29.93
CA ILE E 157 -3.75 -11.62 -28.97
C ILE E 157 -5.17 -11.98 -28.52
N SER E 158 -6.00 -10.96 -28.26
CA SER E 158 -7.37 -11.22 -27.84
C SER E 158 -8.18 -11.90 -28.94
N ALA E 159 -7.98 -11.50 -30.20
CA ALA E 159 -8.68 -12.14 -31.30
C ALA E 159 -8.22 -13.58 -31.49
N ASN E 160 -6.94 -13.86 -31.23
CA ASN E 160 -6.46 -15.24 -31.30
C ASN E 160 -7.13 -16.12 -30.25
N ALA E 161 -7.60 -15.54 -29.14
CA ALA E 161 -8.27 -16.32 -28.11
C ALA E 161 -9.63 -16.84 -28.57
N GLY E 162 -10.21 -16.26 -29.62
CA GLY E 162 -11.49 -16.70 -30.12
C GLY E 162 -11.43 -18.07 -30.78
N ASN E 172 -3.13 -27.89 -28.03
CA ASN E 172 -3.40 -26.53 -27.58
C ASN E 172 -2.11 -25.76 -27.38
N SER E 173 -1.10 -26.06 -28.19
CA SER E 173 0.23 -25.46 -28.09
C SER E 173 0.40 -24.43 -29.20
N TYR E 174 0.73 -23.20 -28.82
CA TYR E 174 1.03 -22.15 -29.78
C TYR E 174 2.25 -21.38 -29.29
N SER E 175 2.95 -20.75 -30.24
CA SER E 175 4.07 -19.89 -29.93
C SER E 175 4.10 -18.75 -30.94
N TYR E 176 4.69 -17.64 -30.51
CA TYR E 176 4.78 -16.45 -31.36
C TYR E 176 6.08 -16.47 -32.15
N GLY E 177 5.97 -16.15 -33.43
CA GLY E 177 7.11 -16.11 -34.31
C GLY E 177 7.82 -14.76 -34.30
N TRP E 178 8.79 -14.61 -35.20
CA TRP E 178 9.66 -13.45 -35.18
C TRP E 178 8.99 -12.19 -35.71
N SER E 179 7.85 -12.29 -36.41
CA SER E 179 7.13 -11.08 -36.81
C SER E 179 6.49 -10.40 -35.61
N PHE E 180 5.91 -11.19 -34.70
CA PHE E 180 5.34 -10.64 -33.47
C PHE E 180 6.39 -9.92 -32.65
N TYR E 181 7.56 -10.53 -32.50
CA TYR E 181 8.62 -9.91 -31.72
C TYR E 181 9.27 -8.76 -32.48
N PHE E 182 9.23 -8.79 -33.82
CA PHE E 182 9.62 -7.62 -34.59
C PHE E 182 8.72 -6.44 -34.26
N GLY E 183 7.41 -6.67 -34.18
CA GLY E 183 6.50 -5.62 -33.78
C GLY E 183 6.76 -5.12 -32.37
N ALA E 184 7.03 -6.05 -31.44
CA ALA E 184 7.34 -5.65 -30.07
C ALA E 184 8.59 -4.78 -30.00
N LEU E 185 9.64 -5.19 -30.72
CA LEU E 185 10.87 -4.39 -30.76
C LEU E 185 10.61 -3.04 -31.42
N SER E 186 9.73 -3.01 -32.43
CA SER E 186 9.36 -1.74 -33.05
C SER E 186 8.70 -0.81 -32.04
N PHE E 187 7.82 -1.36 -31.19
CA PHE E 187 7.23 -0.54 -30.14
C PHE E 187 8.30 0.03 -29.20
N ILE E 188 9.23 -0.82 -28.77
CA ILE E 188 10.26 -0.38 -27.83
C ILE E 188 11.10 0.73 -28.46
N ILE E 189 11.53 0.53 -29.70
CA ILE E 189 12.38 1.50 -30.37
C ILE E 189 11.62 2.80 -30.64
N ALA E 190 10.33 2.69 -30.98
CA ALA E 190 9.53 3.88 -31.21
C ALA E 190 9.41 4.71 -29.93
N GLU E 191 9.20 4.05 -28.79
CA GLU E 191 9.13 4.78 -27.53
C GLU E 191 10.46 5.45 -27.22
N MET E 192 11.58 4.75 -27.44
CA MET E 192 12.88 5.34 -27.18
C MET E 192 13.14 6.54 -28.09
N VAL E 193 12.77 6.43 -29.37
CA VAL E 193 12.98 7.52 -30.31
C VAL E 193 12.08 8.71 -29.96
N GLY E 194 10.87 8.44 -29.48
CA GLY E 194 10.03 9.52 -29.01
C GLY E 194 10.64 10.25 -27.83
N VAL E 195 11.22 9.49 -26.88
CA VAL E 195 11.91 10.11 -25.76
C VAL E 195 13.06 10.98 -26.25
N LEU E 196 13.85 10.46 -27.19
CA LEU E 196 14.98 11.21 -27.72
C LEU E 196 14.52 12.48 -28.43
N ALA E 197 13.44 12.40 -29.19
CA ALA E 197 12.92 13.57 -29.89
C ALA E 197 12.41 14.62 -28.90
N VAL E 198 11.74 14.19 -27.84
CA VAL E 198 11.30 15.15 -26.83
C VAL E 198 12.49 15.79 -26.14
N HIS E 199 13.55 15.01 -25.89
CA HIS E 199 14.76 15.58 -25.32
C HIS E 199 15.39 16.61 -26.25
N MET E 200 15.41 16.32 -27.56
CA MET E 200 15.96 17.27 -28.53
C MET E 200 15.14 18.56 -28.56
N PHE E 201 13.81 18.43 -28.52
CA PHE E 201 12.94 19.61 -28.48
C PHE E 201 13.19 20.44 -27.22
N ILE E 202 13.32 19.77 -26.08
CA ILE E 202 13.60 20.46 -24.83
C ILE E 202 14.93 21.19 -24.90
N ASP E 203 15.95 20.54 -25.46
CA ASP E 203 17.26 21.18 -25.61
C ASP E 203 17.20 22.37 -26.55
N ARG E 204 16.44 22.25 -27.64
CA ARG E 204 16.31 23.38 -28.56
C ARG E 204 15.65 24.57 -27.88
N HIS E 205 14.60 24.34 -27.09
CA HIS E 205 13.98 25.46 -26.39
C HIS E 205 14.89 26.00 -25.28
N LYS E 206 15.70 25.12 -24.68
CA LYS E 206 16.71 25.59 -23.72
C LYS E 206 17.69 26.54 -24.39
N GLN E 207 18.18 26.18 -25.57
CA GLN E 207 19.09 27.04 -26.30
C GLN E 207 18.42 28.35 -26.68
N LEU E 208 17.15 28.28 -27.11
CA LEU E 208 16.42 29.49 -27.47
C LEU E 208 16.30 30.44 -26.28
N ARG E 209 15.94 29.90 -25.11
CA ARG E 209 15.78 30.76 -23.93
C ARG E 209 17.13 31.25 -23.43
N ALA E 210 18.19 30.47 -23.60
CA ALA E 210 19.53 30.95 -23.24
C ALA E 210 19.96 32.11 -24.14
N THR E 211 19.68 32.00 -25.44
CA THR E 211 19.97 33.11 -26.35
C THR E 211 19.13 34.33 -26.01
N ALA E 212 17.86 34.12 -25.64
CA ALA E 212 17.00 35.23 -25.26
C ALA E 212 17.54 35.94 -24.01
N ARG E 213 18.00 35.15 -23.02
CA ARG E 213 18.52 35.75 -21.79
C ARG E 213 19.79 36.57 -22.06
N ALA E 214 20.70 36.03 -22.85
CA ALA E 214 21.95 36.71 -23.14
C ALA E 214 21.75 37.88 -24.09
N ASP F 5 -2.21 26.10 31.13
CA ASP F 5 -2.11 26.34 32.56
C ASP F 5 -1.45 25.15 33.26
N ARG F 6 -0.31 25.42 33.91
CA ARG F 6 0.41 24.36 34.61
C ARG F 6 -0.42 23.79 35.76
N GLY F 7 -1.08 24.65 36.52
CA GLY F 7 -1.91 24.17 37.61
C GLY F 7 -3.09 23.35 37.14
N VAL F 8 -3.76 23.81 36.07
CA VAL F 8 -4.87 23.06 35.51
C VAL F 8 -4.40 21.71 34.98
N GLN F 9 -3.25 21.70 34.29
CA GLN F 9 -2.72 20.45 33.76
C GLN F 9 -2.37 19.48 34.89
N MET F 10 -1.77 19.98 35.96
CA MET F 10 -1.45 19.12 37.09
C MET F 10 -2.71 18.59 37.76
N LEU F 11 -3.73 19.43 37.91
CA LEU F 11 -4.99 18.98 38.49
C LEU F 11 -5.64 17.90 37.63
N LEU F 12 -5.64 18.09 36.31
CA LEU F 12 -6.21 17.08 35.41
C LEU F 12 -5.43 15.79 35.47
N THR F 13 -4.10 15.87 35.53
CA THR F 13 -3.28 14.67 35.65
C THR F 13 -3.58 13.92 36.93
N THR F 14 -3.69 14.65 38.05
CA THR F 14 -3.98 14.00 39.33
C THR F 14 -5.36 13.35 39.34
N VAL F 15 -6.36 14.08 38.82
CA VAL F 15 -7.72 13.55 38.81
C VAL F 15 -7.80 12.31 37.92
N GLY F 16 -7.16 12.36 36.75
CA GLY F 16 -7.17 11.20 35.87
C GLY F 16 -6.43 10.02 36.46
N ALA F 17 -5.31 10.28 37.14
CA ALA F 17 -4.57 9.20 37.79
C ALA F 17 -5.43 8.52 38.85
N PHE F 18 -6.09 9.31 39.69
CA PHE F 18 -6.95 8.74 40.72
C PHE F 18 -8.11 7.96 40.09
N ALA F 19 -8.72 8.52 39.04
CA ALA F 19 -9.85 7.84 38.40
C ALA F 19 -9.43 6.51 37.78
N ALA F 20 -8.30 6.49 37.07
CA ALA F 20 -7.83 5.26 36.45
C ALA F 20 -7.46 4.22 37.51
N PHE F 21 -6.79 4.65 38.58
CA PHE F 21 -6.46 3.72 39.65
C PHE F 21 -7.72 3.13 40.27
N SER F 22 -8.72 3.97 40.53
CA SER F 22 -9.97 3.50 41.11
C SER F 22 -10.70 2.54 40.17
N LEU F 23 -10.71 2.85 38.87
CA LEU F 23 -11.40 1.98 37.92
C LEU F 23 -10.73 0.61 37.84
N MET F 24 -9.40 0.57 37.76
CA MET F 24 -8.72 -0.72 37.73
C MET F 24 -8.86 -1.47 39.05
N THR F 25 -8.81 -0.77 40.18
CA THR F 25 -8.99 -1.43 41.47
C THR F 25 -10.38 -2.05 41.58
N ILE F 26 -11.41 -1.32 41.16
CA ILE F 26 -12.76 -1.86 41.18
C ILE F 26 -12.89 -3.03 40.22
N ALA F 27 -12.30 -2.92 39.03
CA ALA F 27 -12.38 -3.99 38.05
C ALA F 27 -11.72 -5.27 38.57
N VAL F 28 -10.57 -5.14 39.22
CA VAL F 28 -9.88 -6.31 39.73
C VAL F 28 -10.68 -6.98 40.85
N GLY F 29 -11.27 -6.17 41.75
CA GLY F 29 -11.96 -6.69 42.91
C GLY F 29 -13.42 -7.06 42.73
N THR F 30 -14.02 -6.72 41.60
CA THR F 30 -15.44 -7.01 41.39
C THR F 30 -15.61 -8.26 40.55
N ASP F 31 -16.85 -8.76 40.52
CA ASP F 31 -17.16 -10.03 39.86
C ASP F 31 -18.18 -9.86 38.75
N TYR F 32 -18.00 -8.85 37.91
CA TYR F 32 -18.89 -8.60 36.78
C TYR F 32 -18.08 -8.43 35.50
N TRP F 33 -17.07 -9.27 35.30
CA TRP F 33 -16.28 -9.20 34.08
C TRP F 33 -17.01 -9.80 32.89
N LEU F 34 -17.73 -10.89 33.10
CA LEU F 34 -18.37 -11.62 32.01
C LEU F 34 -19.73 -12.13 32.47
N TYR F 35 -20.65 -12.26 31.52
CA TYR F 35 -21.92 -12.92 31.75
C TYR F 35 -21.98 -14.17 30.87
N SER F 36 -22.23 -15.32 31.48
CA SER F 36 -22.24 -16.57 30.72
C SER F 36 -23.20 -17.55 31.39
N ARG F 37 -23.12 -18.81 30.99
CA ARG F 37 -23.92 -19.88 31.55
C ARG F 37 -23.01 -20.85 32.30
N GLY F 38 -23.32 -21.11 33.56
CA GLY F 38 -22.49 -21.99 34.35
C GLY F 38 -23.18 -22.38 35.65
N VAL F 39 -22.40 -22.99 36.53
CA VAL F 39 -22.87 -23.45 37.83
C VAL F 39 -22.01 -22.83 38.91
N CYS F 40 -22.65 -22.35 39.97
CA CYS F 40 -21.95 -21.76 41.10
C CYS F 40 -21.86 -22.70 42.29
N LYS F 41 -22.20 -23.98 42.11
CA LYS F 41 -22.12 -24.98 43.16
C LYS F 41 -21.15 -26.06 42.73
N THR F 42 -20.18 -26.38 43.59
CA THR F 42 -19.18 -27.40 43.34
C THR F 42 -18.47 -27.19 41.99
N GLU F 56 -26.63 -25.69 34.81
CA GLU F 56 -26.33 -24.52 33.98
C GLU F 56 -27.36 -23.42 34.20
N VAL F 57 -26.89 -22.19 34.41
CA VAL F 57 -27.76 -21.06 34.71
C VAL F 57 -27.00 -19.77 34.39
N MET F 58 -27.75 -18.71 34.11
CA MET F 58 -27.17 -17.41 33.85
C MET F 58 -26.37 -16.95 35.06
N THR F 59 -25.13 -16.51 34.81
CA THR F 59 -24.22 -16.18 35.90
C THR F 59 -23.27 -15.09 35.45
N HIS F 60 -22.69 -14.41 36.44
CA HIS F 60 -21.69 -13.36 36.20
C HIS F 60 -20.39 -13.74 36.88
N SER F 61 -19.29 -13.55 36.16
CA SER F 61 -17.97 -13.96 36.62
C SER F 61 -17.02 -12.77 36.60
N GLY F 62 -16.06 -12.80 37.51
CA GLY F 62 -14.99 -11.81 37.53
C GLY F 62 -13.64 -12.46 37.31
N LEU F 63 -12.60 -11.89 37.91
CA LEU F 63 -11.27 -12.49 37.78
C LEU F 63 -11.11 -13.70 38.70
N TRP F 64 -11.86 -13.75 39.81
CA TRP F 64 -11.65 -14.76 40.82
C TRP F 64 -12.87 -15.62 41.12
N ARG F 65 -14.08 -15.09 41.02
CA ARG F 65 -15.26 -15.83 41.46
C ARG F 65 -16.38 -15.72 40.42
N THR F 66 -17.25 -16.73 40.42
CA THR F 66 -18.44 -16.76 39.57
C THR F 66 -19.67 -16.88 40.47
N CYS F 67 -20.66 -16.01 40.25
CA CYS F 67 -21.87 -15.98 41.06
C CYS F 67 -23.08 -16.14 40.15
N CYS F 68 -24.00 -17.02 40.56
CA CYS F 68 -25.23 -17.22 39.80
C CYS F 68 -26.10 -15.98 39.83
N LEU F 69 -26.69 -15.64 38.69
CA LEU F 69 -27.51 -14.45 38.56
C LEU F 69 -28.99 -14.72 38.73
N GLU F 70 -29.43 -15.97 38.57
CA GLU F 70 -30.84 -16.31 38.64
C GLU F 70 -30.98 -17.76 39.09
N GLY F 71 -32.22 -18.20 39.18
CA GLY F 71 -32.49 -19.55 39.62
C GLY F 71 -32.52 -19.70 41.13
N ASN F 72 -32.54 -20.95 41.57
CA ASN F 72 -32.61 -21.24 43.00
C ASN F 72 -31.29 -20.91 43.70
N PHE F 73 -30.16 -21.10 43.01
CA PHE F 73 -28.85 -20.87 43.58
C PHE F 73 -28.37 -19.43 43.40
N LYS F 74 -29.30 -18.48 43.22
CA LYS F 74 -28.92 -17.10 43.00
C LYS F 74 -28.20 -16.52 44.21
N GLY F 75 -27.12 -15.79 43.94
CA GLY F 75 -26.37 -15.11 44.98
C GLY F 75 -25.23 -15.89 45.59
N LEU F 76 -25.00 -17.12 45.16
CA LEU F 76 -23.92 -17.95 45.69
C LEU F 76 -22.70 -17.84 44.78
N CYS F 77 -21.57 -17.45 45.35
CA CYS F 77 -20.33 -17.26 44.61
C CYS F 77 -19.39 -18.44 44.86
N LYS F 78 -18.78 -18.94 43.79
CA LYS F 78 -17.82 -20.03 43.86
C LYS F 78 -16.51 -19.57 43.21
N GLN F 79 -15.39 -19.94 43.83
CA GLN F 79 -14.09 -19.58 43.28
C GLN F 79 -13.89 -20.23 41.92
N ILE F 80 -13.30 -19.48 40.99
CA ILE F 80 -13.10 -19.97 39.63
C ILE F 80 -12.09 -21.11 39.65
N ASP F 81 -12.43 -22.21 38.98
CA ASP F 81 -11.51 -23.33 38.81
C ASP F 81 -10.50 -22.97 37.74
N HIS F 82 -9.36 -22.43 38.17
CA HIS F 82 -8.36 -21.95 37.22
C HIS F 82 -7.60 -23.10 36.57
N PHE F 83 -7.50 -24.23 37.23
CA PHE F 83 -6.84 -25.43 36.69
C PHE F 83 -7.79 -26.61 36.84
N PRO F 84 -8.84 -26.67 36.02
CA PRO F 84 -9.80 -27.78 36.14
C PRO F 84 -9.17 -29.12 35.83
N GLU F 85 -9.61 -30.15 36.54
CA GLU F 85 -9.10 -31.51 36.36
C GLU F 85 -10.23 -32.51 36.12
N ASP F 86 -11.40 -32.04 35.68
CA ASP F 86 -12.55 -32.89 35.44
C ASP F 86 -12.87 -33.06 33.97
N ALA F 87 -13.05 -31.96 33.24
CA ALA F 87 -13.38 -32.00 31.83
C ALA F 87 -12.23 -31.55 30.94
N ASP F 88 -11.03 -31.40 31.49
CA ASP F 88 -9.88 -30.95 30.71
C ASP F 88 -8.70 -31.92 30.85
N TYR F 89 -8.57 -32.53 32.02
CA TYR F 89 -7.50 -33.47 32.35
C TYR F 89 -6.15 -33.00 31.82
N GLU F 90 -5.71 -31.84 32.34
CA GLU F 90 -4.42 -31.24 32.03
C GLU F 90 -4.32 -30.80 30.58
N ALA F 91 -3.25 -30.08 30.24
CA ALA F 91 -3.08 -29.53 28.90
C ALA F 91 -1.59 -29.43 28.59
N ASP F 92 -1.25 -28.66 27.56
CA ASP F 92 0.13 -28.50 27.15
C ASP F 92 0.82 -27.46 28.02
N THR F 93 2.12 -27.30 27.80
CA THR F 93 2.91 -26.34 28.58
C THR F 93 2.46 -24.91 28.32
N ALA F 94 2.21 -24.56 27.05
CA ALA F 94 1.78 -23.20 26.72
C ALA F 94 0.40 -22.92 27.31
N GLU F 95 -0.51 -23.89 27.25
CA GLU F 95 -1.82 -23.71 27.85
C GLU F 95 -1.72 -23.56 29.36
N TYR F 96 -0.83 -24.33 29.99
CA TYR F 96 -0.63 -24.19 31.43
C TYR F 96 -0.07 -22.82 31.78
N PHE F 97 0.86 -22.32 30.96
CA PHE F 97 1.41 -20.98 31.20
C PHE F 97 0.33 -19.91 31.08
N LEU F 98 -0.51 -20.01 30.04
CA LEU F 98 -1.61 -19.06 29.89
C LEU F 98 -2.57 -19.15 31.06
N ARG F 99 -2.88 -20.36 31.51
CA ARG F 99 -3.78 -20.54 32.64
C ARG F 99 -3.19 -19.98 33.93
N ALA F 100 -1.88 -20.15 34.13
CA ALA F 100 -1.23 -19.59 35.31
C ALA F 100 -1.24 -18.06 35.29
N VAL F 101 -0.96 -17.49 34.12
CA VAL F 101 -0.99 -16.03 33.99
C VAL F 101 -2.40 -15.51 34.25
N ARG F 102 -3.41 -16.19 33.72
CA ARG F 102 -4.80 -15.79 33.98
C ARG F 102 -5.17 -15.93 35.45
N ALA F 103 -4.77 -17.04 36.08
CA ALA F 103 -5.13 -17.30 37.47
C ALA F 103 -4.50 -16.27 38.40
N SER F 104 -3.21 -16.00 38.21
CA SER F 104 -2.55 -15.00 39.05
C SER F 104 -3.11 -13.60 38.83
N SER F 105 -3.73 -13.35 37.68
CA SER F 105 -4.16 -12.00 37.30
C SER F 105 -3.00 -11.03 37.40
N ILE F 106 -1.83 -11.49 36.98
CA ILE F 106 -0.59 -10.76 37.23
C ILE F 106 -0.59 -9.42 36.50
N PHE F 107 -1.17 -9.37 35.32
CA PHE F 107 -1.11 -8.14 34.53
C PHE F 107 -2.13 -7.10 34.98
N PRO F 108 -3.38 -7.46 35.29
CA PRO F 108 -4.26 -6.46 35.93
C PRO F 108 -3.72 -5.94 37.26
N ILE F 109 -3.15 -6.80 38.08
CA ILE F 109 -2.59 -6.37 39.35
C ILE F 109 -1.36 -5.50 39.12
N LEU F 110 -0.55 -5.85 38.12
CA LEU F 110 0.60 -5.01 37.77
C LEU F 110 0.15 -3.66 37.27
N SER F 111 -0.94 -3.60 36.51
CA SER F 111 -1.50 -2.33 36.07
C SER F 111 -1.95 -1.49 37.27
N VAL F 112 -2.60 -2.13 38.24
CA VAL F 112 -2.99 -1.42 39.47
C VAL F 112 -1.76 -0.86 40.17
N ILE F 113 -0.72 -1.68 40.30
CA ILE F 113 0.49 -1.27 41.01
C ILE F 113 1.18 -0.12 40.28
N LEU F 114 1.24 -0.19 38.95
CA LEU F 114 1.88 0.85 38.17
C LEU F 114 1.07 2.15 38.24
N LEU F 115 -0.26 2.06 38.23
CA LEU F 115 -1.07 3.26 38.40
C LEU F 115 -0.85 3.89 39.76
N PHE F 116 -0.79 3.05 40.81
CA PHE F 116 -0.52 3.56 42.16
C PHE F 116 0.84 4.23 42.24
N MET F 117 1.86 3.62 41.64
CA MET F 117 3.21 4.16 41.72
C MET F 117 3.31 5.46 40.91
N GLY F 118 2.61 5.53 39.77
CA GLY F 118 2.57 6.79 39.03
C GLY F 118 1.85 7.88 39.80
N GLY F 119 0.78 7.53 40.51
CA GLY F 119 0.12 8.50 41.36
C GLY F 119 1.01 9.01 42.48
N LEU F 120 1.79 8.10 43.08
CA LEU F 120 2.75 8.53 44.10
C LEU F 120 3.83 9.42 43.51
N CYS F 121 4.30 9.10 42.30
CA CYS F 121 5.26 9.97 41.63
C CYS F 121 4.67 11.36 41.40
N ILE F 122 3.40 11.42 40.97
CA ILE F 122 2.73 12.70 40.79
C ILE F 122 2.68 13.46 42.12
N ALA F 123 2.32 12.76 43.20
CA ALA F 123 2.26 13.41 44.50
C ALA F 123 3.64 13.75 45.03
N ALA F 124 4.65 12.95 44.71
CA ALA F 124 5.99 13.20 45.24
C ALA F 124 6.58 14.50 44.72
N SER F 125 6.25 14.87 43.47
CA SER F 125 6.82 16.08 42.88
C SER F 125 6.23 17.35 43.49
N GLU F 126 5.13 17.25 44.24
CA GLU F 126 4.55 18.44 44.86
C GLU F 126 5.52 19.06 45.86
N PHE F 127 6.20 18.23 46.64
CA PHE F 127 7.24 18.69 47.56
C PHE F 127 8.64 18.49 46.99
N TYR F 128 8.75 18.17 45.71
CA TYR F 128 10.03 18.02 45.01
C TYR F 128 9.98 18.74 43.67
N LYS F 129 9.53 20.01 43.72
CA LYS F 129 9.30 20.77 42.49
C LYS F 129 10.57 20.96 41.67
N THR F 130 11.75 20.87 42.28
CA THR F 130 12.99 21.02 41.53
C THR F 130 13.31 19.79 40.70
N ARG F 131 12.83 18.62 41.12
CA ARG F 131 13.14 17.36 40.44
C ARG F 131 12.13 17.14 39.32
N HIS F 132 12.60 17.19 38.07
CA HIS F 132 11.73 17.03 36.91
C HIS F 132 11.57 15.58 36.49
N ASN F 133 12.56 14.73 36.77
CA ASN F 133 12.48 13.33 36.36
C ASN F 133 11.36 12.57 37.06
N ILE F 134 10.78 13.13 38.12
CA ILE F 134 9.65 12.48 38.78
C ILE F 134 8.41 12.52 37.90
N ILE F 135 8.19 13.64 37.19
CA ILE F 135 7.10 13.72 36.23
C ILE F 135 7.30 12.69 35.11
N LEU F 136 8.54 12.58 34.62
CA LEU F 136 8.83 11.59 33.59
C LEU F 136 8.57 10.18 34.10
N SER F 137 8.95 9.90 35.35
CA SER F 137 8.69 8.60 35.94
C SER F 137 7.19 8.33 36.04
N ALA F 138 6.41 9.35 36.43
CA ALA F 138 4.96 9.18 36.49
C ALA F 138 4.39 8.85 35.12
N GLY F 139 4.83 9.58 34.09
CA GLY F 139 4.36 9.29 32.74
C GLY F 139 4.71 7.89 32.28
N ILE F 140 5.94 7.46 32.55
CA ILE F 140 6.36 6.10 32.20
C ILE F 140 5.51 5.08 32.93
N PHE F 141 5.25 5.31 34.23
CA PHE F 141 4.44 4.39 35.02
C PHE F 141 3.04 4.27 34.45
N PHE F 142 2.43 5.40 34.07
CA PHE F 142 1.07 5.36 33.55
C PHE F 142 1.01 4.68 32.19
N VAL F 143 1.98 4.94 31.32
CA VAL F 143 2.01 4.27 30.01
C VAL F 143 2.20 2.77 30.18
N SER F 144 3.10 2.38 31.08
CA SER F 144 3.31 0.96 31.34
C SER F 144 2.07 0.32 31.97
N ALA F 145 1.34 1.07 32.80
CA ALA F 145 0.10 0.57 33.36
C ALA F 145 -0.92 0.31 32.27
N GLY F 146 -1.01 1.21 31.29
CA GLY F 146 -1.89 0.96 30.16
C GLY F 146 -1.48 -0.26 29.35
N LEU F 147 -0.18 -0.44 29.12
CA LEU F 147 0.28 -1.61 28.39
C LEU F 147 -0.03 -2.90 29.15
N SER F 148 0.16 -2.87 30.47
CA SER F 148 -0.21 -4.01 31.31
C SER F 148 -1.71 -4.27 31.27
N ASN F 149 -2.50 -3.20 31.21
CA ASN F 149 -3.94 -3.33 31.02
C ASN F 149 -4.24 -4.09 29.74
N ILE F 150 -3.58 -3.72 28.64
CA ILE F 150 -3.81 -4.37 27.36
C ILE F 150 -3.46 -5.85 27.45
N ILE F 151 -2.30 -6.16 28.04
CA ILE F 151 -1.87 -7.55 28.14
C ILE F 151 -2.83 -8.35 28.99
N GLY F 152 -3.27 -7.79 30.12
CA GLY F 152 -4.22 -8.48 30.97
C GLY F 152 -5.54 -8.73 30.30
N ILE F 153 -6.02 -7.76 29.51
CA ILE F 153 -7.27 -7.93 28.78
C ILE F 153 -7.13 -9.06 27.77
N ILE F 154 -6.05 -9.07 27.02
CA ILE F 154 -5.86 -10.11 26.01
C ILE F 154 -5.73 -11.47 26.67
N VAL F 155 -5.00 -11.56 27.77
CA VAL F 155 -4.84 -12.82 28.49
C VAL F 155 -6.18 -13.32 29.00
N TYR F 156 -6.99 -12.42 29.56
CA TYR F 156 -8.29 -12.82 30.09
C TYR F 156 -9.21 -13.33 28.98
N ILE F 157 -9.27 -12.60 27.86
CA ILE F 157 -10.14 -13.01 26.77
C ILE F 157 -9.66 -14.33 26.16
N SER F 158 -8.35 -14.48 25.99
CA SER F 158 -7.81 -15.72 25.43
C SER F 158 -8.07 -16.91 26.36
N ALA F 159 -7.91 -16.71 27.67
CA ALA F 159 -8.18 -17.78 28.62
C ALA F 159 -9.66 -18.14 28.64
N ASN F 160 -10.54 -17.16 28.45
CA ASN F 160 -11.97 -17.47 28.37
C ASN F 160 -12.30 -18.33 27.16
N ALA F 161 -11.48 -18.29 26.11
CA ALA F 161 -11.71 -19.12 24.94
C ALA F 161 -11.49 -20.60 25.22
N GLY F 162 -10.77 -20.94 26.28
CA GLY F 162 -10.52 -22.32 26.62
C GLY F 162 -11.75 -23.06 27.10
N ASN F 172 -23.93 -20.95 23.51
CA ASN F 172 -22.66 -20.33 23.13
C ASN F 172 -22.78 -18.81 23.12
N SER F 173 -23.32 -18.26 24.21
CA SER F 173 -23.56 -16.83 24.33
C SER F 173 -22.84 -16.29 25.55
N TYR F 174 -22.24 -15.11 25.41
CA TYR F 174 -21.60 -14.42 26.52
C TYR F 174 -21.57 -12.93 26.24
N SER F 175 -21.43 -12.15 27.30
CA SER F 175 -21.28 -10.71 27.19
C SER F 175 -20.41 -10.22 28.34
N TYR F 176 -19.74 -9.09 28.11
CA TYR F 176 -18.85 -8.51 29.11
C TYR F 176 -19.61 -7.52 29.98
N GLY F 177 -19.36 -7.58 31.29
CA GLY F 177 -20.00 -6.68 32.23
C GLY F 177 -19.20 -5.41 32.46
N TRP F 178 -19.69 -4.60 33.41
CA TRP F 178 -19.12 -3.29 33.64
C TRP F 178 -17.74 -3.35 34.29
N SER F 179 -17.37 -4.49 34.90
CA SER F 179 -16.02 -4.61 35.44
C SER F 179 -14.98 -4.68 34.33
N PHE F 180 -15.30 -5.38 33.24
CA PHE F 180 -14.41 -5.42 32.09
C PHE F 180 -14.23 -4.04 31.47
N TYR F 181 -15.35 -3.33 31.24
CA TYR F 181 -15.28 -2.01 30.65
C TYR F 181 -14.71 -0.99 31.63
N PHE F 182 -14.80 -1.24 32.94
CA PHE F 182 -14.07 -0.41 33.89
C PHE F 182 -12.56 -0.50 33.64
N GLY F 183 -12.06 -1.72 33.38
CA GLY F 183 -10.65 -1.86 33.04
C GLY F 183 -10.29 -1.22 31.72
N ALA F 184 -11.19 -1.31 30.73
CA ALA F 184 -10.94 -0.66 29.45
C ALA F 184 -10.84 0.85 29.61
N LEU F 185 -11.78 1.45 30.36
CA LEU F 185 -11.73 2.88 30.63
C LEU F 185 -10.49 3.25 31.43
N SER F 186 -10.08 2.37 32.35
CA SER F 186 -8.85 2.61 33.10
C SER F 186 -7.64 2.67 32.18
N PHE F 187 -7.58 1.77 31.19
CA PHE F 187 -6.50 1.82 30.21
C PHE F 187 -6.51 3.14 29.45
N ILE F 188 -7.69 3.56 28.98
CA ILE F 188 -7.78 4.80 28.20
C ILE F 188 -7.31 5.99 29.05
N ILE F 189 -7.80 6.07 30.28
CA ILE F 189 -7.47 7.20 31.14
C ILE F 189 -5.99 7.18 31.52
N ALA F 190 -5.44 5.98 31.75
CA ALA F 190 -4.02 5.87 32.07
C ALA F 190 -3.16 6.36 30.91
N GLU F 191 -3.53 6.00 29.67
CA GLU F 191 -2.78 6.49 28.52
C GLU F 191 -2.87 8.01 28.41
N MET F 192 -4.07 8.56 28.62
CA MET F 192 -4.22 10.01 28.55
C MET F 192 -3.40 10.72 29.63
N VAL F 193 -3.40 10.16 30.84
CA VAL F 193 -2.66 10.77 31.95
C VAL F 193 -1.16 10.66 31.70
N GLY F 194 -0.71 9.56 31.10
CA GLY F 194 0.68 9.46 30.70
C GLY F 194 1.08 10.52 29.68
N VAL F 195 0.21 10.74 28.69
CA VAL F 195 0.45 11.79 27.71
C VAL F 195 0.55 13.15 28.40
N LEU F 196 -0.37 13.43 29.33
CA LEU F 196 -0.36 14.70 30.04
C LEU F 196 0.91 14.86 30.88
N ALA F 197 1.34 13.79 31.55
CA ALA F 197 2.55 13.86 32.35
C ALA F 197 3.78 14.10 31.49
N VAL F 198 3.86 13.45 30.33
CA VAL F 198 4.98 13.69 29.42
C VAL F 198 4.96 15.13 28.92
N HIS F 199 3.75 15.66 28.64
CA HIS F 199 3.65 17.06 28.24
C HIS F 199 4.13 18.00 29.35
N MET F 200 3.77 17.69 30.60
CA MET F 200 4.22 18.51 31.71
C MET F 200 5.74 18.46 31.88
N PHE F 201 6.32 17.27 31.71
CA PHE F 201 7.78 17.13 31.78
C PHE F 201 8.45 17.93 30.67
N ILE F 202 7.90 17.86 29.45
CA ILE F 202 8.45 18.62 28.33
C ILE F 202 8.37 20.11 28.59
N ASP F 203 7.24 20.57 29.13
CA ASP F 203 7.09 21.99 29.44
C ASP F 203 8.06 22.43 30.54
N ARG F 204 8.28 21.57 31.55
CA ARG F 204 9.23 21.89 32.60
C ARG F 204 10.64 22.05 32.05
N HIS F 205 11.06 21.13 31.16
CA HIS F 205 12.38 21.28 30.57
C HIS F 205 12.44 22.46 29.62
N LYS F 206 11.33 22.80 28.96
CA LYS F 206 11.27 24.01 28.15
C LYS F 206 11.53 25.24 28.99
N GLN F 207 10.86 25.33 30.14
CA GLN F 207 11.07 26.46 31.04
C GLN F 207 12.50 26.49 31.57
N LEU F 208 13.05 25.31 31.88
CA LEU F 208 14.43 25.25 32.36
C LEU F 208 15.40 25.77 31.31
N ARG F 209 15.23 25.36 30.05
CA ARG F 209 16.11 25.84 28.99
C ARG F 209 15.88 27.32 28.69
N ALA F 210 14.65 27.81 28.87
CA ALA F 210 14.39 29.24 28.69
C ALA F 210 15.09 30.06 29.75
N THR F 211 15.05 29.60 31.01
CA THR F 211 15.77 30.28 32.07
C THR F 211 17.28 30.19 31.87
N ALA F 212 17.76 29.06 31.33
CA ALA F 212 19.18 28.93 31.02
C ALA F 212 19.59 29.92 29.94
N ARG F 213 18.74 30.13 28.94
CA ARG F 213 19.05 31.09 27.89
C ARG F 213 19.16 32.51 28.45
N ALA F 214 18.24 32.88 29.32
CA ALA F 214 18.24 34.22 29.91
C ALA F 214 18.84 34.19 31.32
N ASP G 5 -14.84 38.40 -13.09
CA ASP G 5 -15.15 36.99 -13.20
C ASP G 5 -16.00 36.70 -11.95
N ARG G 6 -15.82 37.53 -10.92
CA ARG G 6 -16.62 37.41 -9.71
C ARG G 6 -18.11 37.44 -10.01
N GLY G 7 -18.53 38.33 -10.89
CA GLY G 7 -19.92 38.33 -11.33
C GLY G 7 -20.29 37.05 -12.06
N VAL G 8 -19.38 36.54 -12.89
CA VAL G 8 -19.61 35.26 -13.56
C VAL G 8 -19.69 34.13 -12.55
N GLN G 9 -18.83 34.17 -11.53
CA GLN G 9 -18.87 33.14 -10.48
C GLN G 9 -20.19 33.20 -9.72
N MET G 10 -20.66 34.41 -9.40
CA MET G 10 -21.94 34.54 -8.71
C MET G 10 -23.10 34.05 -9.59
N LEU G 11 -23.06 34.38 -10.88
CA LEU G 11 -24.10 33.91 -11.79
C LEU G 11 -24.12 32.39 -11.88
N LEU G 12 -22.93 31.77 -11.98
CA LEU G 12 -22.85 30.33 -12.01
C LEU G 12 -23.36 29.73 -10.70
N THR G 13 -23.01 30.33 -9.56
CA THR G 13 -23.49 29.83 -8.28
C THR G 13 -25.01 29.89 -8.20
N THR G 14 -25.61 31.00 -8.62
CA THR G 14 -27.05 31.14 -8.56
C THR G 14 -27.75 30.17 -9.49
N VAL G 15 -27.24 30.05 -10.73
CA VAL G 15 -27.86 29.16 -11.71
C VAL G 15 -27.76 27.72 -11.24
N GLY G 16 -26.59 27.32 -10.73
CA GLY G 16 -26.43 25.97 -10.23
C GLY G 16 -27.28 25.68 -9.02
N ALA G 17 -27.39 26.64 -8.10
CA ALA G 17 -28.24 26.45 -6.93
C ALA G 17 -29.69 26.25 -7.34
N PHE G 18 -30.19 27.11 -8.25
CA PHE G 18 -31.57 26.96 -8.70
C PHE G 18 -31.78 25.64 -9.43
N ALA G 19 -30.82 25.26 -10.30
CA ALA G 19 -30.96 24.01 -11.04
C ALA G 19 -30.96 22.80 -10.11
N ALA G 20 -30.05 22.77 -9.13
CA ALA G 20 -30.00 21.66 -8.19
C ALA G 20 -31.27 21.59 -7.36
N PHE G 21 -31.76 22.74 -6.89
CA PHE G 21 -33.00 22.74 -6.12
C PHE G 21 -34.17 22.23 -6.95
N SER G 22 -34.27 22.69 -8.20
CA SER G 22 -35.37 22.26 -9.06
C SER G 22 -35.28 20.77 -9.36
N LEU G 23 -34.08 20.28 -9.66
CA LEU G 23 -33.92 18.86 -9.96
C LEU G 23 -34.26 17.99 -8.76
N MET G 24 -33.81 18.39 -7.56
CA MET G 24 -34.14 17.64 -6.36
C MET G 24 -35.63 17.66 -6.08
N THR G 25 -36.26 18.82 -6.24
CA THR G 25 -37.70 18.93 -5.98
C THR G 25 -38.51 18.08 -6.96
N ILE G 26 -38.12 18.10 -8.24
CA ILE G 26 -38.80 17.29 -9.24
C ILE G 26 -38.59 15.81 -8.95
N ALA G 27 -37.37 15.42 -8.59
CA ALA G 27 -37.09 14.02 -8.28
C ALA G 27 -37.91 13.54 -7.10
N VAL G 28 -38.02 14.36 -6.05
CA VAL G 28 -38.79 13.97 -4.88
C VAL G 28 -40.28 13.90 -5.20
N GLY G 29 -40.78 14.91 -5.93
CA GLY G 29 -42.20 14.93 -6.24
C GLY G 29 -42.62 13.86 -7.24
N THR G 30 -41.84 13.70 -8.31
CA THR G 30 -42.21 12.76 -9.36
C THR G 30 -41.97 11.32 -8.89
N ASP G 31 -42.49 10.38 -9.68
CA ASP G 31 -42.48 8.97 -9.29
C ASP G 31 -41.87 8.09 -10.37
N TYR G 32 -40.95 8.62 -11.15
CA TYR G 32 -40.16 7.81 -12.08
C TYR G 32 -38.79 7.51 -11.50
N TRP G 33 -38.78 6.83 -10.35
CA TRP G 33 -37.55 6.44 -9.69
C TRP G 33 -37.11 5.03 -10.08
N LEU G 34 -38.05 4.12 -10.25
CA LEU G 34 -37.73 2.71 -10.50
C LEU G 34 -38.78 2.10 -11.40
N TYR G 35 -38.35 1.53 -12.52
CA TYR G 35 -39.19 0.67 -13.33
C TYR G 35 -38.95 -0.77 -12.91
N SER G 36 -40.01 -1.45 -12.49
CA SER G 36 -39.89 -2.83 -12.01
C SER G 36 -41.23 -3.52 -12.14
N ARG G 37 -41.20 -4.85 -12.04
CA ARG G 37 -42.42 -5.65 -12.11
C ARG G 37 -43.14 -5.62 -10.77
N GLY G 38 -44.44 -5.38 -10.81
CA GLY G 38 -45.22 -5.32 -9.58
C GLY G 38 -46.67 -5.07 -9.90
N VAL G 39 -47.46 -4.85 -8.85
CA VAL G 39 -48.89 -4.64 -8.97
C VAL G 39 -49.23 -3.26 -8.41
N CYS G 40 -49.92 -2.45 -9.22
CA CYS G 40 -50.40 -1.14 -8.79
C CYS G 40 -51.82 -1.19 -8.26
N LYS G 41 -52.47 -2.35 -8.30
CA LYS G 41 -53.82 -2.47 -7.77
C LYS G 41 -53.80 -2.44 -6.25
N THR G 42 -54.80 -1.80 -5.67
CA THR G 42 -54.90 -1.70 -4.21
C THR G 42 -56.19 -2.36 -3.72
N GLU G 56 -48.99 -9.16 -12.02
CA GLU G 56 -47.69 -8.49 -12.04
C GLU G 56 -47.40 -7.93 -13.44
N VAL G 57 -47.28 -6.61 -13.52
CA VAL G 57 -47.00 -5.91 -14.75
C VAL G 57 -45.91 -4.88 -14.49
N MET G 58 -45.33 -4.36 -15.57
CA MET G 58 -44.30 -3.33 -15.44
C MET G 58 -44.92 -2.05 -14.87
N THR G 59 -44.28 -1.51 -13.83
CA THR G 59 -44.74 -0.32 -13.14
C THR G 59 -43.56 0.62 -12.91
N HIS G 60 -43.88 1.91 -12.77
CA HIS G 60 -42.90 2.92 -12.37
C HIS G 60 -43.29 3.44 -10.99
N SER G 61 -42.31 3.50 -10.11
CA SER G 61 -42.54 3.88 -8.72
C SER G 61 -41.53 4.96 -8.31
N GLY G 62 -41.97 5.82 -7.40
CA GLY G 62 -41.11 6.85 -6.85
C GLY G 62 -40.86 6.66 -5.38
N LEU G 63 -40.93 7.74 -4.61
CA LEU G 63 -40.79 7.66 -3.16
C LEU G 63 -42.12 7.43 -2.46
N TRP G 64 -43.24 7.68 -3.12
CA TRP G 64 -44.54 7.56 -2.48
C TRP G 64 -45.52 6.68 -3.26
N ARG G 65 -45.46 6.70 -4.58
CA ARG G 65 -46.51 6.09 -5.41
C ARG G 65 -45.92 5.15 -6.45
N THR G 66 -46.67 4.09 -6.75
CA THR G 66 -46.35 3.14 -7.81
C THR G 66 -47.51 3.12 -8.79
N CYS G 67 -47.22 3.28 -10.07
CA CYS G 67 -48.25 3.31 -11.10
C CYS G 67 -47.88 2.39 -12.25
N CYS G 68 -48.88 1.65 -12.74
CA CYS G 68 -48.68 0.75 -13.87
C CYS G 68 -48.52 1.53 -15.15
N LEU G 69 -47.60 1.06 -16.01
CA LEU G 69 -47.49 1.54 -17.38
C LEU G 69 -47.79 0.39 -18.33
N GLU G 70 -48.35 0.73 -19.48
CA GLU G 70 -48.81 -0.23 -20.47
C GLU G 70 -49.91 -1.13 -19.90
N GLY G 71 -50.30 -2.15 -20.64
CA GLY G 71 -51.40 -2.98 -20.19
C GLY G 71 -52.73 -2.25 -20.30
N ASN G 72 -53.68 -2.68 -19.46
CA ASN G 72 -55.01 -2.09 -19.45
C ASN G 72 -55.30 -1.26 -18.21
N PHE G 73 -54.52 -1.41 -17.14
CA PHE G 73 -54.66 -0.61 -15.94
C PHE G 73 -53.66 0.54 -15.89
N LYS G 74 -53.18 0.98 -17.05
CA LYS G 74 -52.21 2.06 -17.12
C LYS G 74 -52.77 3.36 -16.56
N GLY G 75 -51.95 4.07 -15.79
CA GLY G 75 -52.31 5.35 -15.22
C GLY G 75 -52.80 5.30 -13.79
N LEU G 76 -53.07 4.11 -13.25
CA LEU G 76 -53.54 3.99 -11.87
C LEU G 76 -52.35 3.96 -10.93
N CYS G 77 -52.39 4.84 -9.92
CA CYS G 77 -51.32 4.95 -8.94
C CYS G 77 -51.81 4.51 -7.57
N LYS G 78 -50.93 3.85 -6.82
CA LYS G 78 -51.22 3.39 -5.48
C LYS G 78 -50.05 3.72 -4.57
N GLN G 79 -50.35 4.15 -3.35
CA GLN G 79 -49.30 4.50 -2.39
C GLN G 79 -48.45 3.27 -2.09
N ILE G 80 -47.15 3.49 -1.96
CA ILE G 80 -46.21 2.40 -1.67
C ILE G 80 -46.41 1.92 -0.24
N ASP G 81 -46.50 0.60 -0.08
CA ASP G 81 -46.62 0.01 1.25
C ASP G 81 -45.21 -0.08 1.86
N HIS G 82 -44.89 0.87 2.73
CA HIS G 82 -43.56 0.95 3.31
C HIS G 82 -43.37 0.06 4.53
N PHE G 83 -44.44 -0.52 5.05
CA PHE G 83 -44.37 -1.45 6.19
C PHE G 83 -45.12 -2.72 5.82
N PRO G 84 -44.56 -3.54 4.94
CA PRO G 84 -45.27 -4.72 4.45
C PRO G 84 -45.15 -5.93 5.37
N GLU G 85 -45.64 -7.07 4.89
CA GLU G 85 -45.49 -8.38 5.53
C GLU G 85 -46.30 -8.50 6.81
N ASP G 86 -46.56 -9.73 7.24
CA ASP G 86 -47.40 -10.00 8.39
C ASP G 86 -46.55 -10.29 9.63
N ALA G 87 -47.22 -10.30 10.78
CA ALA G 87 -46.66 -10.63 12.08
C ALA G 87 -45.76 -9.53 12.62
N ASP G 88 -45.45 -8.55 11.77
CA ASP G 88 -44.73 -7.33 12.16
C ASP G 88 -43.52 -7.63 13.05
N TYR G 89 -42.54 -8.32 12.48
CA TYR G 89 -41.37 -8.73 13.25
C TYR G 89 -40.50 -7.51 13.51
N GLU G 90 -40.72 -6.88 14.66
CA GLU G 90 -39.99 -5.67 15.05
C GLU G 90 -39.00 -5.95 16.17
N ALA G 91 -38.54 -7.20 16.28
CA ALA G 91 -37.55 -7.54 17.31
C ALA G 91 -36.25 -6.78 17.09
N ASP G 92 -35.79 -6.71 15.85
CA ASP G 92 -34.60 -5.95 15.52
C ASP G 92 -34.94 -4.47 15.39
N THR G 93 -33.89 -3.65 15.31
CA THR G 93 -34.05 -2.20 15.19
C THR G 93 -33.58 -1.65 13.85
N ALA G 94 -32.57 -2.27 13.24
CA ALA G 94 -32.03 -1.75 11.98
C ALA G 94 -33.06 -1.80 10.87
N GLU G 95 -33.79 -2.91 10.76
CA GLU G 95 -34.78 -3.04 9.69
C GLU G 95 -35.90 -2.02 9.86
N TYR G 96 -36.42 -1.88 11.08
CA TYR G 96 -37.48 -0.91 11.32
C TYR G 96 -37.00 0.51 11.08
N PHE G 97 -35.78 0.82 11.51
CA PHE G 97 -35.23 2.16 11.28
C PHE G 97 -35.09 2.45 9.80
N LEU G 98 -34.57 1.48 9.03
CA LEU G 98 -34.44 1.67 7.59
C LEU G 98 -35.81 1.87 6.94
N ARG G 99 -36.79 1.06 7.33
CA ARG G 99 -38.13 1.20 6.75
C ARG G 99 -38.73 2.56 7.07
N ALA G 100 -38.57 3.04 8.32
CA ALA G 100 -39.11 4.33 8.70
C ALA G 100 -38.42 5.47 7.96
N VAL G 101 -37.09 5.41 7.85
CA VAL G 101 -36.35 6.45 7.14
C VAL G 101 -36.76 6.48 5.68
N ARG G 102 -36.90 5.30 5.06
CA ARG G 102 -37.34 5.23 3.66
C ARG G 102 -38.76 5.78 3.50
N ALA G 103 -39.66 5.41 4.41
CA ALA G 103 -41.05 5.85 4.32
C ALA G 103 -41.16 7.36 4.44
N SER G 104 -40.45 7.95 5.41
CA SER G 104 -40.51 9.40 5.57
C SER G 104 -39.80 10.13 4.44
N SER G 105 -38.84 9.47 3.79
CA SER G 105 -37.97 10.11 2.80
C SER G 105 -37.34 11.38 3.39
N ILE G 106 -36.90 11.26 4.65
CA ILE G 106 -36.44 12.43 5.39
C ILE G 106 -35.18 13.02 4.75
N PHE G 107 -34.34 12.18 4.17
CA PHE G 107 -33.07 12.67 3.64
C PHE G 107 -33.20 13.38 2.29
N PRO G 108 -33.97 12.85 1.33
CA PRO G 108 -34.23 13.67 0.11
C PRO G 108 -34.91 14.99 0.42
N ILE G 109 -35.88 15.00 1.33
CA ILE G 109 -36.57 16.24 1.68
C ILE G 109 -35.62 17.18 2.41
N LEU G 110 -34.75 16.63 3.27
CA LEU G 110 -33.75 17.44 3.94
C LEU G 110 -32.77 18.05 2.95
N SER G 111 -32.40 17.28 1.93
CA SER G 111 -31.54 17.83 0.87
C SER G 111 -32.24 18.96 0.13
N VAL G 112 -33.53 18.80 -0.15
CA VAL G 112 -34.30 19.88 -0.78
C VAL G 112 -34.30 21.12 0.10
N ILE G 113 -34.53 20.93 1.40
CA ILE G 113 -34.59 22.04 2.33
C ILE G 113 -33.23 22.75 2.41
N LEU G 114 -32.16 21.98 2.43
CA LEU G 114 -30.82 22.56 2.51
C LEU G 114 -30.47 23.31 1.23
N LEU G 115 -30.89 22.79 0.07
CA LEU G 115 -30.69 23.52 -1.17
C LEU G 115 -31.46 24.84 -1.17
N PHE G 116 -32.70 24.81 -0.67
CA PHE G 116 -33.47 26.05 -0.56
C PHE G 116 -32.80 27.04 0.40
N MET G 117 -32.28 26.54 1.51
CA MET G 117 -31.58 27.39 2.47
C MET G 117 -30.33 28.01 1.86
N GLY G 118 -29.58 27.22 1.08
CA GLY G 118 -28.41 27.76 0.40
C GLY G 118 -28.76 28.83 -0.62
N GLY G 119 -29.82 28.61 -1.38
CA GLY G 119 -30.29 29.65 -2.30
C GLY G 119 -30.72 30.91 -1.58
N LEU G 120 -31.41 30.75 -0.45
CA LEU G 120 -31.81 31.90 0.35
C LEU G 120 -30.59 32.64 0.87
N CYS G 121 -29.57 31.90 1.32
CA CYS G 121 -28.35 32.54 1.79
C CYS G 121 -27.65 33.31 0.67
N ILE G 122 -27.63 32.73 -0.53
CA ILE G 122 -27.02 33.42 -1.67
C ILE G 122 -27.76 34.72 -1.95
N ALA G 123 -29.10 34.66 -1.97
CA ALA G 123 -29.89 35.86 -2.22
C ALA G 123 -29.68 36.91 -1.13
N ALA G 124 -29.64 36.49 0.13
CA ALA G 124 -29.44 37.43 1.23
C ALA G 124 -28.07 38.08 1.14
N SER G 125 -27.04 37.30 0.82
CA SER G 125 -25.71 37.86 0.63
C SER G 125 -25.69 38.85 -0.52
N GLU G 126 -26.44 38.56 -1.59
CA GLU G 126 -26.57 39.52 -2.67
C GLU G 126 -27.19 40.82 -2.17
N PHE G 127 -28.21 40.72 -1.32
CA PHE G 127 -28.82 41.92 -0.76
C PHE G 127 -27.85 42.69 0.12
N TYR G 128 -27.05 41.97 0.93
CA TYR G 128 -26.17 42.64 1.89
C TYR G 128 -24.85 43.04 1.25
N LYS G 129 -24.13 42.09 0.68
CA LYS G 129 -22.83 42.30 0.04
C LYS G 129 -21.77 42.79 1.02
N THR G 130 -21.98 42.59 2.32
CA THR G 130 -20.99 42.98 3.33
C THR G 130 -20.72 41.92 4.38
N ARG G 131 -21.62 40.97 4.60
CA ARG G 131 -21.42 39.89 5.56
C ARG G 131 -20.98 38.65 4.79
N HIS G 132 -19.67 38.35 4.88
CA HIS G 132 -19.13 37.22 4.12
C HIS G 132 -19.58 35.88 4.68
N ASN G 133 -19.97 35.81 5.95
CA ASN G 133 -20.37 34.54 6.54
C ASN G 133 -21.62 33.97 5.89
N ILE G 134 -22.39 34.79 5.18
CA ILE G 134 -23.55 34.28 4.46
C ILE G 134 -23.12 33.41 3.28
N ILE G 135 -22.03 33.80 2.61
CA ILE G 135 -21.47 32.96 1.54
C ILE G 135 -21.02 31.62 2.09
N LEU G 136 -20.33 31.65 3.24
CA LEU G 136 -19.88 30.42 3.88
C LEU G 136 -21.06 29.54 4.28
N SER G 137 -22.12 30.16 4.81
CA SER G 137 -23.32 29.41 5.18
C SER G 137 -23.96 28.77 3.96
N ALA G 138 -24.00 29.50 2.84
CA ALA G 138 -24.54 28.93 1.60
C ALA G 138 -23.72 27.73 1.15
N GLY G 139 -22.39 27.84 1.19
CA GLY G 139 -21.55 26.72 0.81
C GLY G 139 -21.75 25.51 1.71
N ILE G 140 -21.83 25.75 3.02
CA ILE G 140 -22.08 24.65 3.96
C ILE G 140 -23.43 24.01 3.68
N PHE G 141 -24.44 24.82 3.39
CA PHE G 141 -25.77 24.29 3.09
C PHE G 141 -25.75 23.43 1.84
N PHE G 142 -25.05 23.86 0.79
CA PHE G 142 -24.99 23.07 -0.44
C PHE G 142 -24.25 21.76 -0.22
N VAL G 143 -23.13 21.80 0.51
CA VAL G 143 -22.38 20.57 0.78
C VAL G 143 -23.22 19.61 1.61
N SER G 144 -23.92 20.12 2.62
CA SER G 144 -24.77 19.27 3.46
C SER G 144 -25.93 18.72 2.64
N ALA G 145 -26.46 19.50 1.70
CA ALA G 145 -27.52 19.00 0.83
C ALA G 145 -27.02 17.85 -0.03
N GLY G 146 -25.79 17.96 -0.54
CA GLY G 146 -25.22 16.84 -1.28
C GLY G 146 -25.05 15.61 -0.41
N LEU G 147 -24.58 15.78 0.81
CA LEU G 147 -24.42 14.64 1.71
C LEU G 147 -25.77 13.99 2.03
N SER G 148 -26.81 14.82 2.25
CA SER G 148 -28.15 14.29 2.48
C SER G 148 -28.66 13.55 1.26
N ASN G 149 -28.36 14.05 0.07
CA ASN G 149 -28.72 13.36 -1.17
C ASN G 149 -28.06 11.99 -1.23
N ILE G 150 -26.78 11.91 -0.87
CA ILE G 150 -26.07 10.64 -0.86
C ILE G 150 -26.75 9.66 0.10
N ILE G 151 -27.03 10.12 1.32
CA ILE G 151 -27.65 9.24 2.32
C ILE G 151 -29.03 8.78 1.86
N GLY G 152 -29.80 9.69 1.26
CA GLY G 152 -31.12 9.31 0.76
C GLY G 152 -31.05 8.29 -0.35
N ILE G 153 -30.10 8.46 -1.27
CA ILE G 153 -29.94 7.48 -2.35
C ILE G 153 -29.59 6.12 -1.79
N ILE G 154 -28.65 6.08 -0.83
CA ILE G 154 -28.26 4.80 -0.23
C ILE G 154 -29.43 4.16 0.49
N VAL G 155 -30.19 4.95 1.25
CA VAL G 155 -31.33 4.43 1.98
C VAL G 155 -32.38 3.88 1.03
N TYR G 156 -32.64 4.61 -0.07
CA TYR G 156 -33.63 4.17 -1.04
C TYR G 156 -33.22 2.85 -1.69
N ILE G 157 -31.97 2.75 -2.13
CA ILE G 157 -31.52 1.51 -2.77
C ILE G 157 -31.54 0.35 -1.77
N SER G 158 -31.08 0.60 -0.54
CA SER G 158 -31.07 -0.47 0.46
C SER G 158 -32.48 -0.94 0.79
N ALA G 159 -33.43 -0.02 0.92
CA ALA G 159 -34.81 -0.41 1.18
C ALA G 159 -35.42 -1.14 0.00
N ASN G 160 -35.04 -0.77 -1.23
CA ASN G 160 -35.48 -1.53 -2.39
C ASN G 160 -34.95 -2.96 -2.34
N ALA G 161 -33.69 -3.13 -1.93
CA ALA G 161 -33.12 -4.47 -1.79
C ALA G 161 -33.85 -5.28 -0.73
N GLY G 162 -34.19 -4.65 0.39
CA GLY G 162 -34.89 -5.33 1.47
C GLY G 162 -36.39 -5.30 1.33
N ASN G 172 -37.46 -10.31 -11.98
CA ASN G 172 -37.07 -9.34 -10.96
C ASN G 172 -35.98 -8.40 -11.48
N SER G 173 -36.14 -7.96 -12.73
CA SER G 173 -35.21 -7.02 -13.34
C SER G 173 -35.76 -5.61 -13.21
N TYR G 174 -34.93 -4.70 -12.71
CA TYR G 174 -35.34 -3.33 -12.45
C TYR G 174 -34.40 -2.37 -13.15
N SER G 175 -34.92 -1.17 -13.40
CA SER G 175 -34.13 -0.08 -13.95
C SER G 175 -34.45 1.19 -13.18
N TYR G 176 -33.53 2.16 -13.24
CA TYR G 176 -33.71 3.43 -12.57
C TYR G 176 -34.22 4.46 -13.56
N GLY G 177 -35.24 5.22 -13.14
CA GLY G 177 -35.88 6.20 -13.99
C GLY G 177 -35.17 7.54 -13.97
N TRP G 178 -35.79 8.51 -14.65
CA TRP G 178 -35.18 9.82 -14.78
C TRP G 178 -35.26 10.65 -13.50
N SER G 179 -36.17 10.32 -12.58
CA SER G 179 -36.20 11.03 -11.30
C SER G 179 -34.97 10.68 -10.45
N PHE G 180 -34.58 9.41 -10.47
CA PHE G 180 -33.38 8.98 -9.75
C PHE G 180 -32.14 9.71 -10.27
N TYR G 181 -32.02 9.80 -11.59
CA TYR G 181 -30.87 10.48 -12.17
C TYR G 181 -30.98 11.99 -12.02
N PHE G 182 -32.20 12.53 -11.92
CA PHE G 182 -32.38 13.92 -11.54
C PHE G 182 -31.81 14.17 -10.15
N GLY G 183 -32.08 13.27 -9.21
CA GLY G 183 -31.50 13.41 -7.88
C GLY G 183 -29.99 13.30 -7.89
N ALA G 184 -29.45 12.37 -8.68
CA ALA G 184 -27.99 12.22 -8.78
C ALA G 184 -27.35 13.49 -9.35
N LEU G 185 -27.92 14.02 -10.43
CA LEU G 185 -27.41 15.26 -10.99
C LEU G 185 -27.58 16.42 -10.02
N SER G 186 -28.64 16.40 -9.22
CA SER G 186 -28.81 17.42 -8.19
C SER G 186 -27.68 17.36 -7.17
N PHE G 187 -27.29 16.16 -6.78
CA PHE G 187 -26.14 16.02 -5.87
C PHE G 187 -24.87 16.58 -6.51
N ILE G 188 -24.63 16.23 -7.77
CA ILE G 188 -23.41 16.70 -8.45
C ILE G 188 -23.39 18.23 -8.51
N ILE G 189 -24.51 18.83 -8.93
CA ILE G 189 -24.57 20.27 -9.08
C ILE G 189 -24.48 20.96 -7.73
N ALA G 190 -25.09 20.38 -6.70
CA ALA G 190 -25.01 20.97 -5.37
C ALA G 190 -23.58 20.97 -4.86
N GLU G 191 -22.83 19.89 -5.10
CA GLU G 191 -21.43 19.86 -4.70
C GLU G 191 -20.62 20.90 -5.46
N MET G 192 -20.85 21.04 -6.76
CA MET G 192 -20.13 22.04 -7.53
C MET G 192 -20.45 23.45 -7.04
N VAL G 193 -21.72 23.72 -6.73
CA VAL G 193 -22.11 25.04 -6.25
C VAL G 193 -21.53 25.31 -4.86
N GLY G 194 -21.45 24.28 -4.02
CA GLY G 194 -20.80 24.44 -2.73
C GLY G 194 -19.33 24.80 -2.87
N VAL G 195 -18.63 24.13 -3.79
CA VAL G 195 -17.23 24.47 -4.05
C VAL G 195 -17.12 25.91 -4.53
N LEU G 196 -18.00 26.32 -5.45
CA LEU G 196 -17.98 27.68 -5.96
C LEU G 196 -18.23 28.69 -4.84
N ALA G 197 -19.18 28.40 -3.95
CA ALA G 197 -19.49 29.32 -2.85
C ALA G 197 -18.31 29.43 -1.88
N VAL G 198 -17.66 28.31 -1.57
CA VAL G 198 -16.47 28.37 -0.73
C VAL G 198 -15.38 29.19 -1.40
N HIS G 199 -15.23 29.03 -2.72
CA HIS G 199 -14.26 29.84 -3.45
C HIS G 199 -14.58 31.33 -3.36
N MET G 200 -15.85 31.69 -3.48
CA MET G 200 -16.24 33.09 -3.36
C MET G 200 -15.98 33.62 -1.96
N PHE G 201 -16.25 32.81 -0.93
CA PHE G 201 -15.95 33.22 0.44
C PHE G 201 -14.46 33.45 0.63
N ILE G 202 -13.63 32.53 0.10
CA ILE G 202 -12.18 32.67 0.20
C ILE G 202 -11.72 33.93 -0.54
N ASP G 203 -12.28 34.18 -1.72
CA ASP G 203 -11.92 35.37 -2.49
C ASP G 203 -12.29 36.64 -1.75
N ARG G 204 -13.47 36.66 -1.12
CA ARG G 204 -13.88 37.83 -0.37
C ARG G 204 -12.94 38.09 0.80
N HIS G 205 -12.58 37.04 1.54
CA HIS G 205 -11.68 37.25 2.67
C HIS G 205 -10.27 37.63 2.22
N LYS G 206 -9.80 37.07 1.11
CA LYS G 206 -8.50 37.46 0.58
C LYS G 206 -8.50 38.91 0.13
N GLN G 207 -9.58 39.36 -0.51
CA GLN G 207 -9.69 40.75 -0.90
C GLN G 207 -9.74 41.66 0.33
N LEU G 208 -10.44 41.25 1.38
CA LEU G 208 -10.46 42.03 2.61
C LEU G 208 -9.06 42.15 3.21
N ARG G 209 -8.32 41.04 3.26
CA ARG G 209 -6.97 41.07 3.81
C ARG G 209 -6.06 41.94 2.95
N ALA G 210 -6.18 41.84 1.63
CA ALA G 210 -5.34 42.66 0.74
C ALA G 210 -5.66 44.14 0.90
N THR G 211 -6.94 44.49 1.02
CA THR G 211 -7.30 45.88 1.24
C THR G 211 -6.80 46.39 2.58
N ALA G 212 -6.86 45.54 3.62
CA ALA G 212 -6.32 45.93 4.92
C ALA G 212 -4.82 46.17 4.84
N ARG G 213 -4.09 45.31 4.11
CA ARG G 213 -2.66 45.50 3.95
C ARG G 213 -2.35 46.77 3.17
N ALA G 214 -3.13 47.04 2.11
CA ALA G 214 -2.88 48.23 1.29
C ALA G 214 -3.17 49.51 2.06
N THR G 215 -4.26 49.53 2.83
CA THR G 215 -4.65 50.73 3.57
C THR G 215 -3.79 50.97 4.79
N ASP G 216 -2.93 50.03 5.18
CA ASP G 216 -2.07 50.20 6.33
C ASP G 216 -0.60 50.03 5.96
N ASP H 5 38.89 5.46 16.87
CA ASP H 5 37.97 4.37 16.57
C ASP H 5 38.37 3.65 15.27
N ARG H 6 39.30 4.27 14.53
CA ARG H 6 39.76 3.67 13.28
C ARG H 6 40.49 2.35 13.55
N GLY H 7 41.36 2.32 14.56
CA GLY H 7 42.02 1.08 14.90
C GLY H 7 41.07 0.01 15.39
N VAL H 8 40.08 0.41 16.19
CA VAL H 8 39.06 -0.53 16.66
C VAL H 8 38.25 -1.05 15.47
N GLN H 9 37.92 -0.16 14.53
CA GLN H 9 37.18 -0.58 13.35
C GLN H 9 37.98 -1.58 12.52
N MET H 10 39.28 -1.32 12.34
CA MET H 10 40.12 -2.25 11.58
C MET H 10 40.25 -3.58 12.30
N LEU H 11 40.40 -3.56 13.62
CA LEU H 11 40.50 -4.81 14.38
C LEU H 11 39.21 -5.62 14.27
N LEU H 12 38.06 -4.94 14.36
CA LEU H 12 36.78 -5.63 14.21
C LEU H 12 36.64 -6.19 12.80
N THR H 13 37.06 -5.43 11.78
CA THR H 13 36.98 -5.92 10.41
C THR H 13 37.83 -7.17 10.22
N THR H 14 39.05 -7.16 10.74
CA THR H 14 39.93 -8.32 10.59
C THR H 14 39.39 -9.52 11.34
N VAL H 15 38.94 -9.32 12.58
CA VAL H 15 38.43 -10.44 13.38
C VAL H 15 37.18 -11.02 12.73
N GLY H 16 36.27 -10.16 12.26
CA GLY H 16 35.07 -10.65 11.60
C GLY H 16 35.36 -11.36 10.30
N ALA H 17 36.31 -10.85 9.52
CA ALA H 17 36.67 -11.50 8.27
C ALA H 17 37.23 -12.90 8.54
N PHE H 18 38.14 -13.01 9.51
CA PHE H 18 38.71 -14.31 9.83
C PHE H 18 37.63 -15.26 10.36
N ALA H 19 36.75 -14.76 11.23
CA ALA H 19 35.70 -15.61 11.79
C ALA H 19 34.75 -16.09 10.71
N ALA H 20 34.33 -15.20 9.81
CA ALA H 20 33.42 -15.61 8.74
C ALA H 20 34.08 -16.61 7.81
N PHE H 21 35.35 -16.39 7.45
CA PHE H 21 36.05 -17.34 6.60
C PHE H 21 36.17 -18.69 7.27
N SER H 22 36.52 -18.72 8.54
CA SER H 22 36.66 -19.99 9.26
C SER H 22 35.32 -20.71 9.37
N LEU H 23 34.26 -19.97 9.68
CA LEU H 23 32.94 -20.60 9.81
C LEU H 23 32.48 -21.16 8.47
N MET H 24 32.67 -20.43 7.37
CA MET H 24 32.28 -20.93 6.07
C MET H 24 33.10 -22.15 5.67
N THR H 25 34.41 -22.12 5.94
CA THR H 25 35.27 -23.25 5.60
C THR H 25 34.88 -24.50 6.39
N ILE H 26 34.60 -24.33 7.69
CA ILE H 26 34.18 -25.46 8.51
C ILE H 26 32.84 -26.00 8.04
N ALA H 27 31.90 -25.09 7.72
CA ALA H 27 30.59 -25.52 7.25
C ALA H 27 30.70 -26.32 5.95
N VAL H 28 31.53 -25.85 5.02
CA VAL H 28 31.70 -26.56 3.75
C VAL H 28 32.39 -27.90 3.96
N GLY H 29 33.44 -27.92 4.78
CA GLY H 29 34.18 -29.16 4.97
C GLY H 29 33.41 -30.19 5.78
N THR H 30 32.79 -29.77 6.88
CA THR H 30 32.10 -30.70 7.75
C THR H 30 30.78 -31.15 7.14
N ASP H 31 30.22 -32.22 7.71
CA ASP H 31 29.04 -32.87 7.16
C ASP H 31 27.88 -32.92 8.14
N TYR H 32 27.81 -31.97 9.08
CA TYR H 32 26.65 -31.84 9.95
C TYR H 32 25.72 -30.74 9.44
N TRP H 33 25.28 -30.90 8.19
CA TRP H 33 24.35 -29.96 7.58
C TRP H 33 22.89 -30.35 7.79
N LEU H 34 22.58 -31.64 7.80
CA LEU H 34 21.20 -32.11 7.88
C LEU H 34 21.16 -33.45 8.59
N TYR H 35 20.33 -33.55 9.62
CA TYR H 35 19.97 -34.81 10.24
C TYR H 35 18.65 -35.27 9.66
N SER H 36 18.64 -36.48 9.09
CA SER H 36 17.43 -37.01 8.47
C SER H 36 17.53 -38.52 8.40
N ARG H 37 16.38 -39.17 8.18
CA ARG H 37 16.35 -40.61 8.05
C ARG H 37 16.83 -41.01 6.65
N GLY H 38 17.73 -41.99 6.60
CA GLY H 38 18.28 -42.43 5.33
C GLY H 38 19.20 -43.61 5.55
N VAL H 39 19.89 -43.99 4.48
CA VAL H 39 20.80 -45.13 4.49
C VAL H 39 22.19 -44.65 4.11
N CYS H 40 23.16 -44.96 4.96
CA CYS H 40 24.56 -44.66 4.67
C CYS H 40 25.32 -45.84 4.08
N LYS H 41 24.65 -46.96 3.85
CA LYS H 41 25.29 -48.12 3.25
C LYS H 41 25.42 -47.92 1.75
N THR H 42 26.57 -48.32 1.20
CA THR H 42 26.82 -48.20 -0.22
C THR H 42 26.97 -49.56 -0.88
N GLU H 56 16.79 -48.00 6.96
CA GLU H 56 16.70 -46.56 7.16
C GLU H 56 16.92 -46.19 8.62
N VAL H 57 17.99 -45.44 8.88
CA VAL H 57 18.33 -45.00 10.22
C VAL H 57 18.66 -43.51 10.17
N MET H 58 18.71 -42.90 11.35
CA MET H 58 19.06 -41.48 11.43
C MET H 58 20.50 -41.27 10.98
N THR H 59 20.70 -40.30 10.09
CA THR H 59 22.01 -40.01 9.53
C THR H 59 22.21 -38.50 9.50
N HIS H 60 23.49 -38.10 9.48
CA HIS H 60 23.87 -36.71 9.29
C HIS H 60 24.64 -36.59 7.99
N SER H 61 24.27 -35.60 7.18
CA SER H 61 24.87 -35.40 5.87
C SER H 61 25.24 -33.93 5.69
N GLY H 62 26.29 -33.70 4.91
CA GLY H 62 26.69 -32.35 4.57
C GLY H 62 26.52 -32.05 3.10
N LEU H 63 27.54 -31.49 2.47
CA LEU H 63 27.50 -31.22 1.04
C LEU H 63 28.05 -32.36 0.20
N TRP H 64 28.79 -33.28 0.80
CA TRP H 64 29.44 -34.35 0.05
C TRP H 64 29.13 -35.74 0.57
N ARG H 65 29.00 -35.91 1.89
CA ARG H 65 28.96 -37.23 2.49
C ARG H 65 27.78 -37.36 3.45
N THR H 66 27.31 -38.59 3.62
CA THR H 66 26.27 -38.93 4.57
C THR H 66 26.77 -40.05 5.46
N CYS H 67 26.63 -39.90 6.77
CA CYS H 67 27.12 -40.88 7.74
C CYS H 67 26.04 -41.19 8.76
N CYS H 68 25.90 -42.48 9.07
CA CYS H 68 24.95 -42.93 10.07
C CYS H 68 25.41 -42.54 11.47
N LEU H 69 24.47 -42.13 12.30
CA LEU H 69 24.71 -41.96 13.73
C LEU H 69 23.81 -42.92 14.50
N GLU H 70 24.31 -43.37 15.65
CA GLU H 70 23.65 -44.38 16.47
C GLU H 70 23.50 -45.69 15.71
N GLY H 71 22.78 -46.65 16.30
CA GLY H 71 22.68 -47.95 15.67
C GLY H 71 24.00 -48.72 15.78
N ASN H 72 24.18 -49.65 14.84
CA ASN H 72 25.39 -50.47 14.80
C ASN H 72 26.33 -50.13 13.66
N PHE H 73 25.86 -49.39 12.66
CA PHE H 73 26.70 -48.94 11.55
C PHE H 73 27.17 -47.49 11.74
N LYS H 74 27.20 -47.02 12.99
CA LYS H 74 27.59 -45.65 13.26
C LYS H 74 29.05 -45.41 12.85
N GLY H 75 29.28 -44.26 12.22
CA GLY H 75 30.61 -43.86 11.80
C GLY H 75 30.93 -44.09 10.34
N LEU H 76 30.11 -44.87 9.63
CA LEU H 76 30.35 -45.13 8.22
C LEU H 76 29.78 -43.99 7.38
N CYS H 77 30.62 -43.42 6.51
CA CYS H 77 30.24 -42.30 5.67
C CYS H 77 30.15 -42.73 4.22
N LYS H 78 29.15 -42.21 3.51
CA LYS H 78 28.94 -42.52 2.11
C LYS H 78 28.74 -41.22 1.33
N GLN H 79 29.38 -41.13 0.16
CA GLN H 79 29.23 -39.95 -0.68
C GLN H 79 27.80 -39.79 -1.13
N ILE H 80 27.31 -38.55 -1.13
CA ILE H 80 25.93 -38.28 -1.50
C ILE H 80 25.75 -38.51 -3.00
N ASP H 81 24.69 -39.23 -3.35
CA ASP H 81 24.35 -39.46 -4.76
C ASP H 81 23.59 -38.24 -5.27
N HIS H 82 24.28 -37.37 -6.00
CA HIS H 82 23.71 -36.12 -6.45
C HIS H 82 22.92 -36.25 -7.76
N PHE H 83 22.99 -37.41 -8.42
CA PHE H 83 22.24 -37.67 -9.65
C PHE H 83 21.51 -38.99 -9.49
N PRO H 84 20.44 -39.01 -8.69
CA PRO H 84 19.74 -40.27 -8.40
C PRO H 84 18.71 -40.62 -9.46
N GLU H 85 17.92 -41.66 -9.18
CA GLU H 85 16.77 -42.08 -9.98
C GLU H 85 17.20 -42.69 -11.31
N ASP H 86 16.33 -43.51 -11.90
CA ASP H 86 16.65 -44.26 -13.10
C ASP H 86 16.10 -43.57 -14.35
N ALA H 87 16.46 -44.14 -15.50
CA ALA H 87 16.01 -43.73 -16.83
C ALA H 87 16.64 -42.41 -17.27
N ASP H 88 17.35 -41.74 -16.35
CA ASP H 88 18.11 -40.53 -16.64
C ASP H 88 17.31 -39.54 -17.49
N TYR H 89 16.23 -39.03 -16.90
CA TYR H 89 15.29 -38.17 -17.63
C TYR H 89 15.94 -36.80 -17.83
N GLU H 90 16.83 -36.73 -18.81
CA GLU H 90 17.47 -35.47 -19.21
C GLU H 90 16.62 -34.76 -20.27
N ALA H 91 15.39 -34.42 -19.87
CA ALA H 91 14.46 -33.73 -20.74
C ALA H 91 14.43 -32.23 -20.45
N ASP H 92 14.16 -31.84 -19.21
CA ASP H 92 14.16 -30.45 -18.82
C ASP H 92 15.58 -29.97 -18.53
N THR H 93 15.70 -28.69 -18.19
CA THR H 93 16.99 -28.10 -17.88
C THR H 93 17.11 -27.59 -16.45
N ALA H 94 16.00 -27.14 -15.84
CA ALA H 94 16.07 -26.57 -14.50
C ALA H 94 16.50 -27.62 -13.48
N GLU H 95 15.94 -28.82 -13.57
CA GLU H 95 16.27 -29.88 -12.61
C GLU H 95 17.73 -30.28 -12.74
N TYR H 96 18.21 -30.47 -13.97
CA TYR H 96 19.61 -30.84 -14.16
C TYR H 96 20.55 -29.74 -13.68
N PHE H 97 20.20 -28.48 -13.98
CA PHE H 97 21.03 -27.37 -13.55
C PHE H 97 21.09 -27.28 -12.02
N LEU H 98 19.95 -27.45 -11.36
CA LEU H 98 19.93 -27.42 -9.91
C LEU H 98 20.76 -28.57 -9.32
N ARG H 99 20.63 -29.76 -9.91
CA ARG H 99 21.40 -30.90 -9.42
C ARG H 99 22.90 -30.68 -9.61
N ALA H 100 23.30 -30.13 -10.75
CA ALA H 100 24.72 -29.88 -11.00
C ALA H 100 25.27 -28.81 -10.06
N VAL H 101 24.52 -27.73 -9.86
CA VAL H 101 24.95 -26.67 -8.95
C VAL H 101 25.07 -27.20 -7.53
N ARG H 102 24.11 -28.01 -7.10
CA ARG H 102 24.18 -28.61 -5.76
C ARG H 102 25.35 -29.57 -5.63
N ALA H 103 25.59 -30.39 -6.66
CA ALA H 103 26.68 -31.37 -6.60
C ALA H 103 28.03 -30.68 -6.52
N SER H 104 28.23 -29.64 -7.35
CA SER H 104 29.49 -28.93 -7.33
C SER H 104 29.67 -28.12 -6.05
N SER H 105 28.56 -27.71 -5.42
CA SER H 105 28.59 -26.78 -4.30
C SER H 105 29.37 -25.53 -4.66
N ILE H 106 29.14 -25.05 -5.89
CA ILE H 106 29.94 -23.95 -6.44
C ILE H 106 29.74 -22.68 -5.64
N PHE H 107 28.55 -22.46 -5.09
CA PHE H 107 28.27 -21.20 -4.41
C PHE H 107 28.82 -21.14 -2.99
N PRO H 108 28.71 -22.19 -2.17
CA PRO H 108 29.45 -22.17 -0.89
C PRO H 108 30.95 -22.03 -1.06
N ILE H 109 31.52 -22.73 -2.03
CA ILE H 109 32.97 -22.64 -2.26
C ILE H 109 33.33 -21.25 -2.78
N LEU H 110 32.48 -20.67 -3.63
CA LEU H 110 32.71 -19.32 -4.11
C LEU H 110 32.63 -18.32 -2.98
N SER H 111 31.70 -18.52 -2.04
CA SER H 111 31.64 -17.66 -0.86
C SER H 111 32.91 -17.77 -0.03
N VAL H 112 33.42 -19.00 0.13
CA VAL H 112 34.69 -19.18 0.85
C VAL H 112 35.82 -18.44 0.14
N ILE H 113 35.88 -18.56 -1.19
CA ILE H 113 36.93 -17.91 -1.97
C ILE H 113 36.82 -16.40 -1.85
N LEU H 114 35.60 -15.86 -1.89
CA LEU H 114 35.41 -14.42 -1.78
C LEU H 114 35.77 -13.91 -0.39
N LEU H 115 35.46 -14.69 0.65
CA LEU H 115 35.88 -14.31 2.00
C LEU H 115 37.41 -14.29 2.10
N PHE H 116 38.06 -15.29 1.52
CA PHE H 116 39.53 -15.31 1.51
C PHE H 116 40.09 -14.12 0.75
N MET H 117 39.46 -13.77 -0.39
CA MET H 117 39.91 -12.62 -1.16
C MET H 117 39.74 -11.32 -0.38
N GLY H 118 38.63 -11.18 0.35
CA GLY H 118 38.43 -9.99 1.15
C GLY H 118 39.43 -9.89 2.29
N GLY H 119 39.74 -11.02 2.94
CA GLY H 119 40.78 -11.01 3.95
C GLY H 119 42.13 -10.65 3.38
N LEU H 120 42.45 -11.17 2.19
CA LEU H 120 43.70 -10.82 1.53
C LEU H 120 43.75 -9.34 1.19
N CYS H 121 42.62 -8.78 0.73
CA CYS H 121 42.57 -7.36 0.44
C CYS H 121 42.80 -6.53 1.68
N ILE H 122 42.18 -6.93 2.80
CA ILE H 122 42.39 -6.20 4.06
C ILE H 122 43.86 -6.25 4.47
N ALA H 123 44.47 -7.43 4.39
CA ALA H 123 45.87 -7.57 4.75
C ALA H 123 46.77 -6.73 3.85
N ALA H 124 46.50 -6.74 2.54
CA ALA H 124 47.29 -5.94 1.62
C ALA H 124 47.14 -4.45 1.89
N SER H 125 45.92 -4.01 2.17
CA SER H 125 45.69 -2.61 2.51
C SER H 125 46.41 -2.22 3.80
N GLU H 126 46.59 -3.18 4.71
CA GLU H 126 47.36 -2.89 5.91
C GLU H 126 48.80 -2.51 5.57
N PHE H 127 49.41 -3.23 4.62
CA PHE H 127 50.79 -2.92 4.23
C PHE H 127 50.89 -1.57 3.53
N TYR H 128 49.93 -1.27 2.64
CA TYR H 128 50.02 -0.07 1.83
C TYR H 128 49.57 1.18 2.59
N LYS H 129 48.34 1.16 3.10
CA LYS H 129 47.75 2.26 3.86
C LYS H 129 47.61 3.54 3.03
N THR H 130 47.73 3.43 1.70
CA THR H 130 47.60 4.59 0.83
C THR H 130 46.68 4.36 -0.36
N ARG H 131 46.39 3.12 -0.73
CA ARG H 131 45.46 2.82 -1.82
C ARG H 131 44.13 2.46 -1.19
N HIS H 132 43.20 3.41 -1.19
CA HIS H 132 41.90 3.19 -0.54
C HIS H 132 41.03 2.20 -1.30
N ASN H 133 41.27 2.01 -2.60
CA ASN H 133 40.44 1.09 -3.38
C ASN H 133 40.57 -0.35 -2.91
N ILE H 134 41.62 -0.67 -2.16
CA ILE H 134 41.75 -2.02 -1.60
C ILE H 134 40.70 -2.26 -0.52
N ILE H 135 40.41 -1.23 0.29
CA ILE H 135 39.35 -1.34 1.29
C ILE H 135 38.00 -1.54 0.60
N LEU H 136 37.75 -0.77 -0.47
CA LEU H 136 36.52 -0.93 -1.23
C LEU H 136 36.43 -2.32 -1.84
N SER H 137 37.55 -2.83 -2.36
CA SER H 137 37.56 -4.18 -2.91
C SER H 137 37.25 -5.22 -1.85
N ALA H 138 37.80 -5.04 -0.64
CA ALA H 138 37.50 -5.96 0.45
C ALA H 138 36.01 -5.93 0.80
N GLY H 139 35.43 -4.74 0.87
CA GLY H 139 34.00 -4.64 1.16
C GLY H 139 33.15 -5.29 0.09
N ILE H 140 33.50 -5.08 -1.18
CA ILE H 140 32.77 -5.71 -2.27
C ILE H 140 32.90 -7.23 -2.18
N PHE H 141 34.10 -7.72 -1.87
CA PHE H 141 34.31 -9.16 -1.74
C PHE H 141 33.46 -9.75 -0.63
N PHE H 142 33.40 -9.07 0.53
CA PHE H 142 32.60 -9.59 1.64
C PHE H 142 31.12 -9.59 1.30
N VAL H 143 30.62 -8.52 0.67
CA VAL H 143 29.21 -8.47 0.30
C VAL H 143 28.89 -9.57 -0.72
N SER H 144 29.76 -9.75 -1.71
CA SER H 144 29.55 -10.80 -2.70
C SER H 144 29.62 -12.19 -2.07
N ALA H 145 30.49 -12.36 -1.07
CA ALA H 145 30.54 -13.63 -0.35
C ALA H 145 29.23 -13.91 0.37
N GLY H 146 28.65 -12.88 0.99
CA GLY H 146 27.34 -13.05 1.60
C GLY H 146 26.27 -13.43 0.60
N LEU H 147 26.28 -12.77 -0.56
CA LEU H 147 25.29 -13.10 -1.60
C LEU H 147 25.47 -14.54 -2.08
N SER H 148 26.72 -14.97 -2.27
CA SER H 148 26.98 -16.34 -2.68
C SER H 148 26.53 -17.33 -1.61
N ASN H 149 26.72 -16.97 -0.33
CA ASN H 149 26.22 -17.80 0.76
C ASN H 149 24.71 -17.94 0.69
N ILE H 150 24.01 -16.84 0.42
CA ILE H 150 22.54 -16.88 0.29
C ILE H 150 22.14 -17.83 -0.84
N ILE H 151 22.79 -17.68 -2.01
CA ILE H 151 22.43 -18.51 -3.16
C ILE H 151 22.71 -19.98 -2.85
N GLY H 152 23.85 -20.26 -2.21
CA GLY H 152 24.17 -21.63 -1.88
C GLY H 152 23.19 -22.25 -0.90
N ILE H 153 22.76 -21.48 0.10
CA ILE H 153 21.77 -21.98 1.06
C ILE H 153 20.47 -22.31 0.34
N ILE H 154 20.03 -21.40 -0.54
CA ILE H 154 18.78 -21.63 -1.26
C ILE H 154 18.89 -22.86 -2.16
N VAL H 155 20.02 -23.00 -2.86
CA VAL H 155 20.22 -24.14 -3.75
C VAL H 155 20.22 -25.44 -2.95
N TYR H 156 20.91 -25.44 -1.81
CA TYR H 156 20.98 -26.63 -0.97
C TYR H 156 19.60 -27.05 -0.47
N ILE H 157 18.81 -26.09 0.03
CA ILE H 157 17.49 -26.42 0.54
C ILE H 157 16.59 -26.89 -0.60
N SER H 158 16.64 -26.22 -1.75
CA SER H 158 15.81 -26.61 -2.89
C SER H 158 16.15 -28.01 -3.37
N ALA H 159 17.45 -28.33 -3.46
CA ALA H 159 17.86 -29.67 -3.87
C ALA H 159 17.46 -30.72 -2.84
N ASN H 160 17.48 -30.36 -1.56
CA ASN H 160 16.98 -31.28 -0.54
C ASN H 160 15.49 -31.55 -0.74
N ALA H 161 14.73 -30.50 -1.09
CA ALA H 161 13.30 -30.69 -1.35
C ALA H 161 13.07 -31.59 -2.56
N GLY H 162 13.86 -31.41 -3.61
CA GLY H 162 13.71 -32.21 -4.82
C GLY H 162 14.48 -33.52 -4.76
N ASN H 172 9.81 -38.72 7.61
CA ASN H 172 10.51 -37.76 6.76
C ASN H 172 10.71 -36.42 7.48
N SER H 173 11.08 -36.49 8.75
CA SER H 173 11.35 -35.31 9.56
C SER H 173 12.84 -35.05 9.57
N TYR H 174 13.23 -33.81 9.26
CA TYR H 174 14.63 -33.44 9.15
C TYR H 174 14.91 -32.24 10.05
N SER H 175 16.18 -32.11 10.41
CA SER H 175 16.66 -30.97 11.16
C SER H 175 17.96 -30.48 10.54
N TYR H 176 18.29 -29.22 10.80
CA TYR H 176 19.52 -28.62 10.30
C TYR H 176 20.59 -28.67 11.38
N GLY H 177 21.78 -29.11 11.01
CA GLY H 177 22.88 -29.25 11.94
C GLY H 177 23.67 -27.97 12.14
N TRP H 178 24.76 -28.09 12.89
CA TRP H 178 25.55 -26.92 13.24
C TRP H 178 26.40 -26.41 12.08
N SER H 179 26.66 -27.23 11.06
CA SER H 179 27.36 -26.72 9.88
C SER H 179 26.49 -25.75 9.11
N PHE H 180 25.20 -26.04 8.99
CA PHE H 180 24.27 -25.15 8.31
C PHE H 180 24.21 -23.79 9.01
N TYR H 181 24.12 -23.81 10.34
CA TYR H 181 24.06 -22.56 11.09
C TYR H 181 25.42 -21.87 11.13
N PHE H 182 26.51 -22.63 11.02
CA PHE H 182 27.81 -22.03 10.81
C PHE H 182 27.84 -21.22 9.51
N GLY H 183 27.29 -21.78 8.44
CA GLY H 183 27.20 -21.04 7.19
C GLY H 183 26.31 -19.81 7.29
N ALA H 184 25.19 -19.94 8.00
CA ALA H 184 24.30 -18.78 8.19
C ALA H 184 24.99 -17.67 8.97
N LEU H 185 25.66 -18.03 10.06
CA LEU H 185 26.41 -17.05 10.83
C LEU H 185 27.56 -16.47 10.02
N SER H 186 28.16 -17.27 9.14
CA SER H 186 29.19 -16.76 8.24
C SER H 186 28.63 -15.69 7.32
N PHE H 187 27.43 -15.91 6.78
CA PHE H 187 26.79 -14.89 5.97
C PHE H 187 26.56 -13.61 6.77
N ILE H 188 26.04 -13.75 7.99
CA ILE H 188 25.75 -12.57 8.81
C ILE H 188 27.03 -11.78 9.07
N ILE H 189 28.09 -12.48 9.50
CA ILE H 189 29.34 -11.81 9.84
C ILE H 189 29.98 -11.22 8.59
N ALA H 190 29.88 -11.90 7.45
CA ALA H 190 30.44 -11.35 6.22
C ALA H 190 29.74 -10.06 5.83
N GLU H 191 28.42 -10.00 5.98
CA GLU H 191 27.70 -8.77 5.67
C GLU H 191 28.10 -7.65 6.63
N MET H 192 28.24 -7.96 7.92
CA MET H 192 28.66 -6.95 8.88
C MET H 192 30.06 -6.43 8.56
N VAL H 193 30.97 -7.32 8.19
CA VAL H 193 32.33 -6.92 7.86
C VAL H 193 32.37 -6.11 6.57
N GLY H 194 31.51 -6.45 5.61
CA GLY H 194 31.40 -5.64 4.40
C GLY H 194 30.94 -4.23 4.70
N VAL H 195 29.94 -4.10 5.58
CA VAL H 195 29.48 -2.77 5.98
C VAL H 195 30.61 -2.01 6.66
N LEU H 196 31.34 -2.68 7.56
CA LEU H 196 32.45 -2.03 8.24
C LEU H 196 33.54 -1.57 7.26
N ALA H 197 33.85 -2.41 6.27
CA ALA H 197 34.86 -2.06 5.28
C ALA H 197 34.43 -0.88 4.43
N VAL H 198 33.15 -0.85 4.02
CA VAL H 198 32.66 0.31 3.28
C VAL H 198 32.73 1.56 4.14
N HIS H 199 32.44 1.43 5.43
CA HIS H 199 32.54 2.57 6.34
C HIS H 199 33.98 3.07 6.43
N MET H 200 34.95 2.14 6.50
CA MET H 200 36.36 2.55 6.53
C MET H 200 36.77 3.23 5.24
N PHE H 201 36.30 2.73 4.10
CA PHE H 201 36.59 3.38 2.82
C PHE H 201 36.02 4.79 2.78
N ILE H 202 34.78 4.95 3.24
CA ILE H 202 34.15 6.27 3.28
C ILE H 202 34.92 7.20 4.21
N ASP H 203 35.34 6.69 5.37
CA ASP H 203 36.10 7.50 6.31
C ASP H 203 37.44 7.93 5.73
N ARG H 204 38.11 7.02 5.02
CA ARG H 204 39.38 7.36 4.39
C ARG H 204 39.20 8.46 3.35
N HIS H 205 38.17 8.34 2.51
CA HIS H 205 37.96 9.36 1.48
C HIS H 205 37.53 10.69 2.10
N LYS H 206 36.72 10.65 3.15
CA LYS H 206 36.33 11.89 3.83
C LYS H 206 37.53 12.56 4.47
N GLN H 207 38.43 11.78 5.08
CA GLN H 207 39.65 12.34 5.64
C GLN H 207 40.53 12.93 4.55
N LEU H 208 40.63 12.26 3.41
CA LEU H 208 41.40 12.80 2.29
C LEU H 208 40.82 14.14 1.83
N ARG H 209 39.50 14.22 1.69
CA ARG H 209 38.86 15.46 1.25
C ARG H 209 39.06 16.56 2.29
N ALA H 210 38.94 16.23 3.57
CA ALA H 210 39.13 17.23 4.62
C ALA H 210 40.57 17.74 4.64
N THR H 211 41.54 16.84 4.47
CA THR H 211 42.94 17.26 4.42
C THR H 211 43.20 18.13 3.20
N ALA H 212 42.59 17.79 2.06
CA ALA H 212 42.74 18.63 0.87
C ALA H 212 42.17 20.02 1.10
N ARG H 213 41.00 20.09 1.74
CA ARG H 213 40.41 21.40 2.05
C ARG H 213 41.28 22.19 3.01
N ALA H 214 41.82 21.53 4.04
CA ALA H 214 42.63 22.23 5.03
C ALA H 214 43.94 22.73 4.43
N THR H 215 44.58 21.92 3.59
CA THR H 215 45.87 22.29 3.01
C THR H 215 45.74 23.28 1.86
N ASP H 216 44.52 23.58 1.42
CA ASP H 216 44.32 24.54 0.34
C ASP H 216 43.40 25.67 0.77
CL CL I . -43.73 8.85 -5.58
CL CL J . 29.86 -33.48 3.39
#